data_3L4L
# 
_entry.id   3L4L 
# 
_audit_conform.dict_name       mmcif_pdbx.dic 
_audit_conform.dict_version    5.399 
_audit_conform.dict_location   http://mmcif.pdb.org/dictionaries/ascii/mmcif_pdbx.dic 
# 
loop_
_database_2.database_id 
_database_2.database_code 
_database_2.pdbx_database_accession 
_database_2.pdbx_DOI 
PDB   3L4L         pdb_00003l4l 10.2210/pdb3l4l/pdb 
RCSB  RCSB056825   ?            ?                   
WWPDB D_1000056825 ?            ?                   
# 
loop_
_pdbx_audit_revision_history.ordinal 
_pdbx_audit_revision_history.data_content_type 
_pdbx_audit_revision_history.major_revision 
_pdbx_audit_revision_history.minor_revision 
_pdbx_audit_revision_history.revision_date 
1 'Structure model' 1 0 2011-01-12 
2 'Structure model' 1 1 2011-07-13 
3 'Structure model' 1 2 2017-11-01 
4 'Structure model' 1 3 2018-03-07 
5 'Structure model' 2 0 2023-09-06 
6 'Structure model' 2 1 2024-11-27 
# 
_pdbx_audit_revision_details.ordinal             1 
_pdbx_audit_revision_details.revision_ordinal    1 
_pdbx_audit_revision_details.data_content_type   'Structure model' 
_pdbx_audit_revision_details.provider            repository 
_pdbx_audit_revision_details.type                'Initial release' 
_pdbx_audit_revision_details.description         ? 
_pdbx_audit_revision_details.details             ? 
# 
loop_
_pdbx_audit_revision_group.ordinal 
_pdbx_audit_revision_group.revision_ordinal 
_pdbx_audit_revision_group.data_content_type 
_pdbx_audit_revision_group.group 
1 2 'Structure model' 'Version format compliance' 
2 3 'Structure model' 'Refinement description'    
3 4 'Structure model' 'Data collection'           
4 5 'Structure model' 'Atomic model'              
5 5 'Structure model' 'Data collection'           
6 5 'Structure model' 'Database references'       
7 5 'Structure model' 'Derived calculations'      
8 5 'Structure model' 'Refinement description'    
9 6 'Structure model' 'Structure summary'         
# 
loop_
_pdbx_audit_revision_category.ordinal 
_pdbx_audit_revision_category.revision_ordinal 
_pdbx_audit_revision_category.data_content_type 
_pdbx_audit_revision_category.category 
1  3 'Structure model' software                      
2  4 'Structure model' diffrn_source                 
3  5 'Structure model' atom_site                     
4  5 'Structure model' chem_comp_atom                
5  5 'Structure model' chem_comp_bond                
6  5 'Structure model' database_2                    
7  5 'Structure model' pdbx_initial_refinement_model 
8  5 'Structure model' struct_ref_seq_dif            
9  5 'Structure model' struct_site                   
10 6 'Structure model' pdbx_entry_details            
11 6 'Structure model' pdbx_modification_feature     
# 
loop_
_pdbx_audit_revision_item.ordinal 
_pdbx_audit_revision_item.revision_ordinal 
_pdbx_audit_revision_item.data_content_type 
_pdbx_audit_revision_item.item 
1 4 'Structure model' '_diffrn_source.source'               
2 5 'Structure model' '_atom_site.occupancy'                
3 5 'Structure model' '_database_2.pdbx_DOI'                
4 5 'Structure model' '_database_2.pdbx_database_accession' 
5 5 'Structure model' '_struct_ref_seq_dif.details'         
6 5 'Structure model' '_struct_site.pdbx_auth_asym_id'      
7 5 'Structure model' '_struct_site.pdbx_auth_comp_id'      
8 5 'Structure model' '_struct_site.pdbx_auth_seq_id'       
# 
_pdbx_database_status.entry_id                        3L4L 
_pdbx_database_status.status_code                     REL 
_pdbx_database_status.deposit_site                    RCSB 
_pdbx_database_status.process_site                    RCSB 
_pdbx_database_status.recvd_initial_deposition_date   2009-12-20 
_pdbx_database_status.status_code_sf                  REL 
_pdbx_database_status.status_code_mr                  ? 
_pdbx_database_status.SG_entry                        ? 
_pdbx_database_status.status_code_cs                  ? 
_pdbx_database_status.pdb_format_compatible           Y 
_pdbx_database_status.methods_development_category    ? 
_pdbx_database_status.status_code_nmr_data            ? 
# 
loop_
_pdbx_database_related.db_name 
_pdbx_database_related.db_id 
_pdbx_database_related.details 
_pdbx_database_related.content_type 
PDB 3L47 'AgamOBP22a with gold'                                             unspecified 
PDB 3L4A 'AgamOBP22a native structure with strep-tag'                       unspecified 
PDB 3L5G AgamOBP22a_Cyclohexanone                                           unspecified 
PDB 3PJI 'AgamOBP22a at 1.7 angstrom in the open status for ligand binding' unspecified 
# 
loop_
_audit_author.name 
_audit_author.pdbx_ordinal 
'Ren, H.'   1 
'Zhang, S.' 2 
# 
_citation.id                        primary 
_citation.title                     
'Crystal Structures of an Anopheles gambiae Odorant-binding Protein Agam22a and Complexes with Bound Odorants' 
_citation.journal_abbrev            'To be Published' 
_citation.journal_volume            ? 
_citation.page_first                ? 
_citation.page_last                 ? 
_citation.year                      ? 
_citation.journal_id_ASTM           ? 
_citation.country                   ? 
_citation.journal_id_ISSN           ? 
_citation.journal_id_CSD            0353 
_citation.book_publisher            ? 
_citation.pdbx_database_id_PubMed   ? 
_citation.pdbx_database_id_DOI      ? 
# 
loop_
_citation_author.citation_id 
_citation_author.name 
_citation_author.ordinal 
_citation_author.identifier_ORCID 
primary 'Ren, H.'     1 ? 
primary 'Yang, G.'    2 ? 
primary 'Winberg, G.' 3 ? 
primary 'Turin, L.'   4 ? 
primary 'Mershin, A.' 5 ? 
primary 'Zhang, S.'   6 ? 
# 
loop_
_entity.id 
_entity.type 
_entity.src_method 
_entity.pdbx_description 
_entity.formula_weight 
_entity.pdbx_number_of_molecules 
_entity.pdbx_ec 
_entity.pdbx_mutation 
_entity.pdbx_fragment 
_entity.details 
1 polymer     man 'Odorant binding protein (AGAP010409-PA)' 16043.329 1  ? ? 'AgamOBP22a, UNP residues 22-144' ? 
2 non-polymer syn benzaldehyde                              106.122   1  ? ? ?                                 ? 
3 non-polymer syn 'AMMONIUM ION'                            18.038    9  ? ? ?                                 ? 
4 water       nat water                                     18.015    92 ? ? ?                                 ? 
# 
_entity_name_com.entity_id   1 
_entity_name_com.name        'Odorant-binding protein OBPjj83b' 
# 
_entity_poly.entity_id                      1 
_entity_poly.type                           'polypeptide(L)' 
_entity_poly.nstd_linkage                   no 
_entity_poly.nstd_monomer                   no 
_entity_poly.pdbx_seq_one_letter_code       
;ADNNESVIESCSNAVQGAANDELKVHYRANEFPDDPVTHCFVRCIGLELNLYDDKYGVDLQANWENLGNSDDADEEFVAK
HRACLEAKNLETIEDLCERAYSAFQCLREDYEMYQNNNNATSELVPRGSSGELWSHPQFEK
;
_entity_poly.pdbx_seq_one_letter_code_can   
;ADNNESVIESCSNAVQGAANDELKVHYRANEFPDDPVTHCFVRCIGLELNLYDDKYGVDLQANWENLGNSDDADEEFVAK
HRACLEAKNLETIEDLCERAYSAFQCLREDYEMYQNNNNATSELVPRGSSGELWSHPQFEK
;
_entity_poly.pdbx_strand_id                 A 
_entity_poly.pdbx_target_identifier         ? 
# 
loop_
_pdbx_entity_nonpoly.entity_id 
_pdbx_entity_nonpoly.name 
_pdbx_entity_nonpoly.comp_id 
2 benzaldehyde   HBX 
3 'AMMONIUM ION' NH4 
4 water          HOH 
# 
loop_
_entity_poly_seq.entity_id 
_entity_poly_seq.num 
_entity_poly_seq.mon_id 
_entity_poly_seq.hetero 
1 1   ALA n 
1 2   ASP n 
1 3   ASN n 
1 4   ASN n 
1 5   GLU n 
1 6   SER n 
1 7   VAL n 
1 8   ILE n 
1 9   GLU n 
1 10  SER n 
1 11  CYS n 
1 12  SER n 
1 13  ASN n 
1 14  ALA n 
1 15  VAL n 
1 16  GLN n 
1 17  GLY n 
1 18  ALA n 
1 19  ALA n 
1 20  ASN n 
1 21  ASP n 
1 22  GLU n 
1 23  LEU n 
1 24  LYS n 
1 25  VAL n 
1 26  HIS n 
1 27  TYR n 
1 28  ARG n 
1 29  ALA n 
1 30  ASN n 
1 31  GLU n 
1 32  PHE n 
1 33  PRO n 
1 34  ASP n 
1 35  ASP n 
1 36  PRO n 
1 37  VAL n 
1 38  THR n 
1 39  HIS n 
1 40  CYS n 
1 41  PHE n 
1 42  VAL n 
1 43  ARG n 
1 44  CYS n 
1 45  ILE n 
1 46  GLY n 
1 47  LEU n 
1 48  GLU n 
1 49  LEU n 
1 50  ASN n 
1 51  LEU n 
1 52  TYR n 
1 53  ASP n 
1 54  ASP n 
1 55  LYS n 
1 56  TYR n 
1 57  GLY n 
1 58  VAL n 
1 59  ASP n 
1 60  LEU n 
1 61  GLN n 
1 62  ALA n 
1 63  ASN n 
1 64  TRP n 
1 65  GLU n 
1 66  ASN n 
1 67  LEU n 
1 68  GLY n 
1 69  ASN n 
1 70  SER n 
1 71  ASP n 
1 72  ASP n 
1 73  ALA n 
1 74  ASP n 
1 75  GLU n 
1 76  GLU n 
1 77  PHE n 
1 78  VAL n 
1 79  ALA n 
1 80  LYS n 
1 81  HIS n 
1 82  ARG n 
1 83  ALA n 
1 84  CYS n 
1 85  LEU n 
1 86  GLU n 
1 87  ALA n 
1 88  LYS n 
1 89  ASN n 
1 90  LEU n 
1 91  GLU n 
1 92  THR n 
1 93  ILE n 
1 94  GLU n 
1 95  ASP n 
1 96  LEU n 
1 97  CYS n 
1 98  GLU n 
1 99  ARG n 
1 100 ALA n 
1 101 TYR n 
1 102 SER n 
1 103 ALA n 
1 104 PHE n 
1 105 GLN n 
1 106 CYS n 
1 107 LEU n 
1 108 ARG n 
1 109 GLU n 
1 110 ASP n 
1 111 TYR n 
1 112 GLU n 
1 113 MET n 
1 114 TYR n 
1 115 GLN n 
1 116 ASN n 
1 117 ASN n 
1 118 ASN n 
1 119 ASN n 
1 120 ALA n 
1 121 THR n 
1 122 SER n 
1 123 GLU n 
1 124 LEU n 
1 125 VAL n 
1 126 PRO n 
1 127 ARG n 
1 128 GLY n 
1 129 SER n 
1 130 SER n 
1 131 GLY n 
1 132 GLU n 
1 133 LEU n 
1 134 TRP n 
1 135 SER n 
1 136 HIS n 
1 137 PRO n 
1 138 GLN n 
1 139 PHE n 
1 140 GLU n 
1 141 LYS n 
# 
_entity_src_gen.entity_id                          1 
_entity_src_gen.pdbx_src_id                        1 
_entity_src_gen.pdbx_alt_source_flag               sample 
_entity_src_gen.pdbx_seq_type                      ? 
_entity_src_gen.pdbx_beg_seq_num                   ? 
_entity_src_gen.pdbx_end_seq_num                   ? 
_entity_src_gen.gene_src_common_name               'African malaria mosquito' 
_entity_src_gen.gene_src_genus                     ? 
_entity_src_gen.pdbx_gene_src_gene                 'AgamOBP22a, AGAP010409, OBP22, OBPjj83b' 
_entity_src_gen.gene_src_species                   ? 
_entity_src_gen.gene_src_strain                    PEST 
_entity_src_gen.gene_src_tissue                    ? 
_entity_src_gen.gene_src_tissue_fraction           ? 
_entity_src_gen.gene_src_details                   ? 
_entity_src_gen.pdbx_gene_src_fragment             ? 
_entity_src_gen.pdbx_gene_src_scientific_name      'Anopheles gambiae' 
_entity_src_gen.pdbx_gene_src_ncbi_taxonomy_id     180454 
_entity_src_gen.pdbx_gene_src_variant              ? 
_entity_src_gen.pdbx_gene_src_cell_line            ? 
_entity_src_gen.pdbx_gene_src_atcc                 ? 
_entity_src_gen.pdbx_gene_src_organ                ? 
_entity_src_gen.pdbx_gene_src_organelle            ? 
_entity_src_gen.pdbx_gene_src_cell                 ? 
_entity_src_gen.pdbx_gene_src_cellular_location    ? 
_entity_src_gen.host_org_common_name               ? 
_entity_src_gen.pdbx_host_org_scientific_name      'Escherichia coli' 
_entity_src_gen.pdbx_host_org_ncbi_taxonomy_id     469008 
_entity_src_gen.host_org_genus                     ? 
_entity_src_gen.pdbx_host_org_gene                 ? 
_entity_src_gen.pdbx_host_org_organ                ? 
_entity_src_gen.host_org_species                   ? 
_entity_src_gen.pdbx_host_org_tissue               ? 
_entity_src_gen.pdbx_host_org_tissue_fraction      ? 
_entity_src_gen.pdbx_host_org_strain               'BL21(DE3)-STAR-pLysS' 
_entity_src_gen.pdbx_host_org_variant              ? 
_entity_src_gen.pdbx_host_org_cell_line            ? 
_entity_src_gen.pdbx_host_org_atcc                 ? 
_entity_src_gen.pdbx_host_org_culture_collection   ? 
_entity_src_gen.pdbx_host_org_cell                 ? 
_entity_src_gen.pdbx_host_org_organelle            ? 
_entity_src_gen.pdbx_host_org_cellular_location    ? 
_entity_src_gen.pdbx_host_org_vector_type          plasmid 
_entity_src_gen.pdbx_host_org_vector               ? 
_entity_src_gen.host_org_details                   ? 
_entity_src_gen.expression_system_id               ? 
_entity_src_gen.plasmid_name                       pET28a 
_entity_src_gen.plasmid_details                    ? 
_entity_src_gen.pdbx_description                   ? 
# 
loop_
_chem_comp.id 
_chem_comp.type 
_chem_comp.mon_nstd_flag 
_chem_comp.name 
_chem_comp.pdbx_synonyms 
_chem_comp.formula 
_chem_comp.formula_weight 
ALA 'L-peptide linking' y ALANINE         ? 'C3 H7 N O2'     89.093  
ARG 'L-peptide linking' y ARGININE        ? 'C6 H15 N4 O2 1' 175.209 
ASN 'L-peptide linking' y ASPARAGINE      ? 'C4 H8 N2 O3'    132.118 
ASP 'L-peptide linking' y 'ASPARTIC ACID' ? 'C4 H7 N O4'     133.103 
CYS 'L-peptide linking' y CYSTEINE        ? 'C3 H7 N O2 S'   121.158 
GLN 'L-peptide linking' y GLUTAMINE       ? 'C5 H10 N2 O3'   146.144 
GLU 'L-peptide linking' y 'GLUTAMIC ACID' ? 'C5 H9 N O4'     147.129 
GLY 'peptide linking'   y GLYCINE         ? 'C2 H5 N O2'     75.067  
HBX non-polymer         . benzaldehyde    ? 'C7 H6 O'        106.122 
HIS 'L-peptide linking' y HISTIDINE       ? 'C6 H10 N3 O2 1' 156.162 
HOH non-polymer         . WATER           ? 'H2 O'           18.015  
ILE 'L-peptide linking' y ISOLEUCINE      ? 'C6 H13 N O2'    131.173 
LEU 'L-peptide linking' y LEUCINE         ? 'C6 H13 N O2'    131.173 
LYS 'L-peptide linking' y LYSINE          ? 'C6 H15 N2 O2 1' 147.195 
MET 'L-peptide linking' y METHIONINE      ? 'C5 H11 N O2 S'  149.211 
NH4 non-polymer         . 'AMMONIUM ION'  ? 'H4 N 1'         18.038  
PHE 'L-peptide linking' y PHENYLALANINE   ? 'C9 H11 N O2'    165.189 
PRO 'L-peptide linking' y PROLINE         ? 'C5 H9 N O2'     115.130 
SER 'L-peptide linking' y SERINE          ? 'C3 H7 N O3'     105.093 
THR 'L-peptide linking' y THREONINE       ? 'C4 H9 N O3'     119.119 
TRP 'L-peptide linking' y TRYPTOPHAN      ? 'C11 H12 N2 O2'  204.225 
TYR 'L-peptide linking' y TYROSINE        ? 'C9 H11 N O3'    181.189 
VAL 'L-peptide linking' y VALINE          ? 'C5 H11 N O2'    117.146 
# 
loop_
_pdbx_poly_seq_scheme.asym_id 
_pdbx_poly_seq_scheme.entity_id 
_pdbx_poly_seq_scheme.seq_id 
_pdbx_poly_seq_scheme.mon_id 
_pdbx_poly_seq_scheme.ndb_seq_num 
_pdbx_poly_seq_scheme.pdb_seq_num 
_pdbx_poly_seq_scheme.auth_seq_num 
_pdbx_poly_seq_scheme.pdb_mon_id 
_pdbx_poly_seq_scheme.auth_mon_id 
_pdbx_poly_seq_scheme.pdb_strand_id 
_pdbx_poly_seq_scheme.pdb_ins_code 
_pdbx_poly_seq_scheme.hetero 
A 1 1   ALA 1   22  ?   ?   ?   A . n 
A 1 2   ASP 2   23  ?   ?   ?   A . n 
A 1 3   ASN 3   24  ?   ?   ?   A . n 
A 1 4   ASN 4   25  25  ASN ASN A . n 
A 1 5   GLU 5   26  26  GLU GLU A . n 
A 1 6   SER 6   27  27  SER SER A . n 
A 1 7   VAL 7   28  28  VAL VAL A . n 
A 1 8   ILE 8   29  29  ILE ILE A . n 
A 1 9   GLU 9   30  30  GLU GLU A . n 
A 1 10  SER 10  31  31  SER SER A . n 
A 1 11  CYS 11  32  32  CYS CYS A . n 
A 1 12  SER 12  33  33  SER SER A . n 
A 1 13  ASN 13  34  34  ASN ASN A . n 
A 1 14  ALA 14  35  35  ALA ALA A . n 
A 1 15  VAL 15  36  36  VAL VAL A . n 
A 1 16  GLN 16  37  37  GLN GLN A . n 
A 1 17  GLY 17  38  38  GLY GLY A . n 
A 1 18  ALA 18  39  39  ALA ALA A . n 
A 1 19  ALA 19  40  40  ALA ALA A . n 
A 1 20  ASN 20  41  41  ASN ASN A . n 
A 1 21  ASP 21  42  42  ASP ASP A . n 
A 1 22  GLU 22  43  43  GLU GLU A . n 
A 1 23  LEU 23  44  44  LEU LEU A . n 
A 1 24  LYS 24  45  45  LYS LYS A . n 
A 1 25  VAL 25  46  46  VAL VAL A . n 
A 1 26  HIS 26  47  47  HIS HIS A . n 
A 1 27  TYR 27  48  48  TYR TYR A . n 
A 1 28  ARG 28  49  49  ARG ARG A . n 
A 1 29  ALA 29  50  50  ALA ALA A . n 
A 1 30  ASN 30  51  51  ASN ASN A . n 
A 1 31  GLU 31  52  52  GLU GLU A . n 
A 1 32  PHE 32  53  53  PHE PHE A . n 
A 1 33  PRO 33  54  54  PRO PRO A . n 
A 1 34  ASP 34  55  55  ASP ASP A . n 
A 1 35  ASP 35  56  56  ASP ASP A . n 
A 1 36  PRO 36  57  57  PRO PRO A . n 
A 1 37  VAL 37  58  58  VAL VAL A . n 
A 1 38  THR 38  59  59  THR THR A . n 
A 1 39  HIS 39  60  60  HIS HIS A . n 
A 1 40  CYS 40  61  61  CYS CYS A . n 
A 1 41  PHE 41  62  62  PHE PHE A . n 
A 1 42  VAL 42  63  63  VAL VAL A . n 
A 1 43  ARG 43  64  64  ARG ARG A . n 
A 1 44  CYS 44  65  65  CYS CYS A . n 
A 1 45  ILE 45  66  66  ILE ILE A . n 
A 1 46  GLY 46  67  67  GLY GLY A . n 
A 1 47  LEU 47  68  68  LEU LEU A . n 
A 1 48  GLU 48  69  69  GLU GLU A . n 
A 1 49  LEU 49  70  70  LEU LEU A . n 
A 1 50  ASN 50  71  71  ASN ASN A . n 
A 1 51  LEU 51  72  72  LEU LEU A . n 
A 1 52  TYR 52  73  73  TYR TYR A . n 
A 1 53  ASP 53  74  74  ASP ASP A . n 
A 1 54  ASP 54  75  75  ASP ASP A . n 
A 1 55  LYS 55  76  76  LYS LYS A . n 
A 1 56  TYR 56  77  77  TYR TYR A . n 
A 1 57  GLY 57  78  78  GLY GLY A . n 
A 1 58  VAL 58  79  79  VAL VAL A . n 
A 1 59  ASP 59  80  80  ASP ASP A . n 
A 1 60  LEU 60  81  81  LEU LEU A . n 
A 1 61  GLN 61  82  82  GLN GLN A . n 
A 1 62  ALA 62  83  83  ALA ALA A . n 
A 1 63  ASN 63  84  84  ASN ASN A . n 
A 1 64  TRP 64  85  85  TRP TRP A . n 
A 1 65  GLU 65  86  86  GLU GLU A . n 
A 1 66  ASN 66  87  87  ASN ASN A . n 
A 1 67  LEU 67  88  88  LEU LEU A . n 
A 1 68  GLY 68  89  89  GLY GLY A . n 
A 1 69  ASN 69  90  90  ASN ASN A . n 
A 1 70  SER 70  91  91  SER SER A . n 
A 1 71  ASP 71  92  92  ASP ASP A . n 
A 1 72  ASP 72  93  93  ASP ASP A . n 
A 1 73  ALA 73  94  94  ALA ALA A . n 
A 1 74  ASP 74  95  95  ASP ASP A . n 
A 1 75  GLU 75  96  96  GLU GLU A . n 
A 1 76  GLU 76  97  97  GLU GLU A . n 
A 1 77  PHE 77  98  98  PHE PHE A . n 
A 1 78  VAL 78  99  99  VAL VAL A . n 
A 1 79  ALA 79  100 100 ALA ALA A . n 
A 1 80  LYS 80  101 101 LYS LYS A . n 
A 1 81  HIS 81  102 102 HIS HIS A . n 
A 1 82  ARG 82  103 103 ARG ARG A . n 
A 1 83  ALA 83  104 104 ALA ALA A . n 
A 1 84  CYS 84  105 105 CYS CYS A . n 
A 1 85  LEU 85  106 106 LEU LEU A . n 
A 1 86  GLU 86  107 107 GLU GLU A . n 
A 1 87  ALA 87  108 108 ALA ALA A . n 
A 1 88  LYS 88  109 109 LYS LYS A . n 
A 1 89  ASN 89  110 110 ASN ASN A . n 
A 1 90  LEU 90  111 111 LEU LEU A . n 
A 1 91  GLU 91  112 112 GLU GLU A . n 
A 1 92  THR 92  113 113 THR THR A . n 
A 1 93  ILE 93  114 114 ILE ILE A . n 
A 1 94  GLU 94  115 115 GLU GLU A . n 
A 1 95  ASP 95  116 116 ASP ASP A . n 
A 1 96  LEU 96  117 117 LEU LEU A . n 
A 1 97  CYS 97  118 118 CYS CYS A . n 
A 1 98  GLU 98  119 119 GLU GLU A . n 
A 1 99  ARG 99  120 120 ARG ARG A . n 
A 1 100 ALA 100 121 121 ALA ALA A . n 
A 1 101 TYR 101 122 122 TYR TYR A . n 
A 1 102 SER 102 123 123 SER SER A . n 
A 1 103 ALA 103 124 124 ALA ALA A . n 
A 1 104 PHE 104 125 125 PHE PHE A . n 
A 1 105 GLN 105 126 126 GLN GLN A . n 
A 1 106 CYS 106 127 127 CYS CYS A . n 
A 1 107 LEU 107 128 128 LEU LEU A . n 
A 1 108 ARG 108 129 129 ARG ARG A . n 
A 1 109 GLU 109 130 130 GLU GLU A . n 
A 1 110 ASP 110 131 131 ASP ASP A . n 
A 1 111 TYR 111 132 132 TYR TYR A . n 
A 1 112 GLU 112 133 133 GLU GLU A . n 
A 1 113 MET 113 134 134 MET MET A . n 
A 1 114 TYR 114 135 135 TYR TYR A . n 
A 1 115 GLN 115 136 136 GLN GLN A . n 
A 1 116 ASN 116 137 137 ASN ASN A . n 
A 1 117 ASN 117 138 ?   ?   ?   A . n 
A 1 118 ASN 118 139 ?   ?   ?   A . n 
A 1 119 ASN 119 140 ?   ?   ?   A . n 
A 1 120 ALA 120 141 ?   ?   ?   A . n 
A 1 121 THR 121 142 ?   ?   ?   A . n 
A 1 122 SER 122 143 ?   ?   ?   A . n 
A 1 123 GLU 123 144 ?   ?   ?   A . n 
A 1 124 LEU 124 145 ?   ?   ?   A . n 
A 1 125 VAL 125 146 ?   ?   ?   A . n 
A 1 126 PRO 126 147 ?   ?   ?   A . n 
A 1 127 ARG 127 148 ?   ?   ?   A . n 
A 1 128 GLY 128 149 ?   ?   ?   A . n 
A 1 129 SER 129 150 ?   ?   ?   A . n 
A 1 130 SER 130 151 ?   ?   ?   A . n 
A 1 131 GLY 131 152 ?   ?   ?   A . n 
A 1 132 GLU 132 153 153 GLU GLU A . n 
A 1 133 LEU 133 154 154 LEU LEU A . n 
A 1 134 TRP 134 155 155 TRP TRP A . n 
A 1 135 SER 135 156 156 SER SER A . n 
A 1 136 HIS 136 157 157 HIS HIS A . n 
A 1 137 PRO 137 158 158 PRO PRO A . n 
A 1 138 GLN 138 159 ?   ?   ?   A . n 
A 1 139 PHE 139 160 ?   ?   ?   A . n 
A 1 140 GLU 140 161 ?   ?   ?   A . n 
A 1 141 LYS 141 162 ?   ?   ?   A . n 
# 
loop_
_pdbx_nonpoly_scheme.asym_id 
_pdbx_nonpoly_scheme.entity_id 
_pdbx_nonpoly_scheme.mon_id 
_pdbx_nonpoly_scheme.ndb_seq_num 
_pdbx_nonpoly_scheme.pdb_seq_num 
_pdbx_nonpoly_scheme.auth_seq_num 
_pdbx_nonpoly_scheme.pdb_mon_id 
_pdbx_nonpoly_scheme.auth_mon_id 
_pdbx_nonpoly_scheme.pdb_strand_id 
_pdbx_nonpoly_scheme.pdb_ins_code 
B 2 HBX 1  200 200 HBX HBX A . 
C 3 NH4 1  201 201 NH4 NH4 A . 
D 3 NH4 1  202 202 NH4 NH4 A . 
E 3 NH4 1  203 203 NH4 NH4 A . 
F 3 NH4 1  204 204 NH4 NH4 A . 
G 3 NH4 1  205 205 NH4 NH4 A . 
H 3 NH4 1  206 206 NH4 NH4 A . 
I 3 NH4 1  207 207 NH4 NH4 A . 
J 3 NH4 1  208 208 NH4 NH4 A . 
K 3 NH4 1  209 209 NH4 NH4 A . 
L 4 HOH 1  210 210 HOH HOH A . 
L 4 HOH 2  211 211 HOH HOH A . 
L 4 HOH 3  212 212 HOH HOH A . 
L 4 HOH 4  213 213 HOH HOH A . 
L 4 HOH 5  214 214 HOH HOH A . 
L 4 HOH 6  215 215 HOH HOH A . 
L 4 HOH 7  216 216 HOH HOH A . 
L 4 HOH 8  217 217 HOH HOH A . 
L 4 HOH 9  218 218 HOH HOH A . 
L 4 HOH 10 219 219 HOH HOH A . 
L 4 HOH 11 220 220 HOH HOH A . 
L 4 HOH 12 221 221 HOH HOH A . 
L 4 HOH 13 222 222 HOH HOH A . 
L 4 HOH 14 223 223 HOH HOH A . 
L 4 HOH 15 224 224 HOH HOH A . 
L 4 HOH 16 225 225 HOH HOH A . 
L 4 HOH 17 226 226 HOH HOH A . 
L 4 HOH 18 227 227 HOH HOH A . 
L 4 HOH 19 228 228 HOH HOH A . 
L 4 HOH 20 229 229 HOH HOH A . 
L 4 HOH 21 230 230 HOH HOH A . 
L 4 HOH 22 231 231 HOH HOH A . 
L 4 HOH 23 232 232 HOH HOH A . 
L 4 HOH 24 233 233 HOH HOH A . 
L 4 HOH 25 234 234 HOH HOH A . 
L 4 HOH 26 235 235 HOH HOH A . 
L 4 HOH 27 236 236 HOH HOH A . 
L 4 HOH 28 237 237 HOH HOH A . 
L 4 HOH 29 238 238 HOH HOH A . 
L 4 HOH 30 239 239 HOH HOH A . 
L 4 HOH 31 240 240 HOH HOH A . 
L 4 HOH 32 241 241 HOH HOH A . 
L 4 HOH 33 242 242 HOH HOH A . 
L 4 HOH 34 243 243 HOH HOH A . 
L 4 HOH 35 244 244 HOH HOH A . 
L 4 HOH 36 245 245 HOH HOH A . 
L 4 HOH 37 246 246 HOH HOH A . 
L 4 HOH 38 247 247 HOH HOH A . 
L 4 HOH 39 248 248 HOH HOH A . 
L 4 HOH 40 249 249 HOH HOH A . 
L 4 HOH 41 250 250 HOH HOH A . 
L 4 HOH 42 251 251 HOH HOH A . 
L 4 HOH 43 252 252 HOH HOH A . 
L 4 HOH 44 253 253 HOH HOH A . 
L 4 HOH 45 254 254 HOH HOH A . 
L 4 HOH 46 255 255 HOH HOH A . 
L 4 HOH 47 256 256 HOH HOH A . 
L 4 HOH 48 257 257 HOH HOH A . 
L 4 HOH 49 258 258 HOH HOH A . 
L 4 HOH 50 259 259 HOH HOH A . 
L 4 HOH 51 260 260 HOH HOH A . 
L 4 HOH 52 261 261 HOH HOH A . 
L 4 HOH 53 262 262 HOH HOH A . 
L 4 HOH 54 263 263 HOH HOH A . 
L 4 HOH 55 264 264 HOH HOH A . 
L 4 HOH 56 265 265 HOH HOH A . 
L 4 HOH 57 266 266 HOH HOH A . 
L 4 HOH 58 267 267 HOH HOH A . 
L 4 HOH 59 268 268 HOH HOH A . 
L 4 HOH 60 269 269 HOH HOH A . 
L 4 HOH 61 270 270 HOH HOH A . 
L 4 HOH 62 271 271 HOH HOH A . 
L 4 HOH 63 272 272 HOH HOH A . 
L 4 HOH 64 273 273 HOH HOH A . 
L 4 HOH 65 274 274 HOH HOH A . 
L 4 HOH 66 275 275 HOH HOH A . 
L 4 HOH 67 276 276 HOH HOH A . 
L 4 HOH 68 277 277 HOH HOH A . 
L 4 HOH 69 278 278 HOH HOH A . 
L 4 HOH 70 279 279 HOH HOH A . 
L 4 HOH 71 280 280 HOH HOH A . 
L 4 HOH 72 281 281 HOH HOH A . 
L 4 HOH 73 282 282 HOH HOH A . 
L 4 HOH 74 283 283 HOH HOH A . 
L 4 HOH 75 284 284 HOH HOH A . 
L 4 HOH 76 285 285 HOH HOH A . 
L 4 HOH 77 286 286 HOH HOH A . 
L 4 HOH 78 287 287 HOH HOH A . 
L 4 HOH 79 288 288 HOH HOH A . 
L 4 HOH 80 289 289 HOH HOH A . 
L 4 HOH 81 290 290 HOH HOH A . 
L 4 HOH 82 291 291 HOH HOH A . 
L 4 HOH 83 292 292 HOH HOH A . 
L 4 HOH 84 293 293 HOH HOH A . 
L 4 HOH 85 294 294 HOH HOH A . 
L 4 HOH 86 295 295 HOH HOH A . 
L 4 HOH 87 296 296 HOH HOH A . 
L 4 HOH 88 297 297 HOH HOH A . 
L 4 HOH 89 298 298 HOH HOH A . 
L 4 HOH 90 299 299 HOH HOH A . 
L 4 HOH 91 300 300 HOH HOH A . 
L 4 HOH 92 301 301 HOH HOH A . 
# 
_pdbx_unobs_or_zero_occ_atoms.id               1 
_pdbx_unobs_or_zero_occ_atoms.PDB_model_num    1 
_pdbx_unobs_or_zero_occ_atoms.polymer_flag     Y 
_pdbx_unobs_or_zero_occ_atoms.occupancy_flag   1 
_pdbx_unobs_or_zero_occ_atoms.auth_asym_id     A 
_pdbx_unobs_or_zero_occ_atoms.auth_comp_id     PRO 
_pdbx_unobs_or_zero_occ_atoms.auth_seq_id      158 
_pdbx_unobs_or_zero_occ_atoms.PDB_ins_code     ? 
_pdbx_unobs_or_zero_occ_atoms.auth_atom_id     O 
_pdbx_unobs_or_zero_occ_atoms.label_alt_id     ? 
_pdbx_unobs_or_zero_occ_atoms.label_asym_id    A 
_pdbx_unobs_or_zero_occ_atoms.label_comp_id    PRO 
_pdbx_unobs_or_zero_occ_atoms.label_seq_id     137 
_pdbx_unobs_or_zero_occ_atoms.label_atom_id    O 
# 
loop_
_software.pdbx_ordinal 
_software.name 
_software.version 
_software.date 
_software.type 
_software.contact_author 
_software.contact_author_email 
_software.classification 
_software.location 
_software.language 
_software.citation_id 
1 DENZO        .     ?               package 'Zbyszek Otwinowski' hkl@hkl-xray.com      'data reduction'  http://www.hkl-xray.com/ 
?   ? 
2 SCALEPACK    .     ?               package 'Zbyszek Otwinowski' hkl@hkl-xray.com      'data scaling'    http://www.hkl-xray.com/ 
?   ? 
3 PHENIX       .     ?               package 'Paul D. Adams'      PDAdams@lbl.gov       refinement        
http://www.phenix-online.org/             C++ ? 
4 PDB_EXTRACT  3.005 'June 11, 2008' package PDB                  help@deposit.rcsb.org 'data extraction' 
http://sw-tools.pdb.org/apps/PDB_EXTRACT/ C++ ? 
5 CrystalClear .     ?               ?       ?                    ?                     'data collection' ? ?   ? 
6 HKL-2000     .     ?               ?       ?                    ?                     'data reduction'  ? ?   ? 
7 HKL-2000     .     ?               ?       ?                    ?                     'data scaling'    ? ?   ? 
8 PHENIX       .     ?               ?       ?                    ?                     phasing           ? ?   ? 
# 
_cell.entry_id           3L4L 
_cell.length_a           72.349 
_cell.length_b           37.852 
_cell.length_c           43.586 
_cell.angle_alpha        90.00 
_cell.angle_beta         98.96 
_cell.angle_gamma        90.00 
_cell.Z_PDB              4 
_cell.pdbx_unique_axis   ? 
_cell.length_a_esd       ? 
_cell.length_b_esd       ? 
_cell.length_c_esd       ? 
_cell.angle_alpha_esd    ? 
_cell.angle_beta_esd     ? 
_cell.angle_gamma_esd    ? 
# 
_symmetry.entry_id                         3L4L 
_symmetry.space_group_name_H-M             'C 1 2 1' 
_symmetry.pdbx_full_space_group_name_H-M   ? 
_symmetry.cell_setting                     ? 
_symmetry.Int_Tables_number                5 
_symmetry.space_group_name_Hall            ? 
# 
_exptl.crystals_number   1 
_exptl.entry_id          3L4L 
_exptl.method            'X-RAY DIFFRACTION' 
# 
_exptl_crystal.id                    1 
_exptl_crystal.density_Matthews      1.84 
_exptl_crystal.density_meas          ? 
_exptl_crystal.density_percent_sol   33.05 
_exptl_crystal.description           ? 
_exptl_crystal.F_000                 ? 
_exptl_crystal.preparation           ? 
# 
_exptl_crystal_grow.crystal_id      1 
_exptl_crystal_grow.method          'VAPOR DIFFUSION, HANGING DROP' 
_exptl_crystal_grow.pH              7.0 
_exptl_crystal_grow.temp            298 
_exptl_crystal_grow.pdbx_details    
'Ammonium citrate tribasic, MPD, 1% benzaldehyde, pH 7.0, VAPOR DIFFUSION, HANGING DROP, temperature 298K' 
_exptl_crystal_grow.temp_details    ? 
_exptl_crystal_grow.pdbx_pH_range   ? 
# 
_diffrn.id                     1 
_diffrn.ambient_temp           100 
_diffrn.ambient_temp_details   ? 
_diffrn.crystal_id             1 
# 
_diffrn_detector.diffrn_id              1 
_diffrn_detector.detector               CCD 
_diffrn_detector.type                   'RIGAKU SATURN 944' 
_diffrn_detector.pdbx_collection_date   2009-07-08 
_diffrn_detector.details                ? 
# 
_diffrn_radiation.diffrn_id                        1 
_diffrn_radiation.pdbx_diffrn_protocol             'SINGLE WAVELENGTH' 
_diffrn_radiation.monochromator                    ? 
_diffrn_radiation.wavelength_id                    1 
_diffrn_radiation.pdbx_monochromatic_or_laue_m_l   M 
_diffrn_radiation.pdbx_scattering_type             x-ray 
# 
_diffrn_radiation_wavelength.id           1 
_diffrn_radiation_wavelength.wavelength   1.5418 
_diffrn_radiation_wavelength.wt           1.0 
# 
_diffrn_source.diffrn_id                   1 
_diffrn_source.source                      'ROTATING ANODE' 
_diffrn_source.type                        RIGAKU 
_diffrn_source.pdbx_wavelength_list        1.5418 
_diffrn_source.pdbx_wavelength             ? 
_diffrn_source.pdbx_synchrotron_site       ? 
_diffrn_source.pdbx_synchrotron_beamline   ? 
# 
_reflns.entry_id                     3L4L 
_reflns.d_resolution_high            1.900 
_reflns.d_resolution_low             30.000 
_reflns.number_obs                   9293 
_reflns.pdbx_Rmerge_I_obs            0.090 
_reflns.pdbx_netI_over_sigmaI        9.800 
_reflns.pdbx_chi_squared             1.627 
_reflns.pdbx_redundancy              6.900 
_reflns.percent_possible_obs         99.400 
_reflns.observed_criterion_sigma_F   ? 
_reflns.observed_criterion_sigma_I   ? 
_reflns.number_all                   ? 
_reflns.pdbx_Rsym_value              ? 
_reflns.B_iso_Wilson_estimate        ? 
_reflns.R_free_details               ? 
_reflns.limit_h_max                  ? 
_reflns.limit_h_min                  ? 
_reflns.limit_k_max                  ? 
_reflns.limit_k_min                  ? 
_reflns.limit_l_max                  ? 
_reflns.limit_l_min                  ? 
_reflns.observed_criterion_F_max     ? 
_reflns.observed_criterion_F_min     ? 
_reflns.pdbx_scaling_rejects         ? 
_reflns.pdbx_diffrn_id               1 
_reflns.pdbx_ordinal                 1 
# 
loop_
_reflns_shell.d_res_high 
_reflns_shell.d_res_low 
_reflns_shell.number_measured_obs 
_reflns_shell.number_measured_all 
_reflns_shell.number_unique_obs 
_reflns_shell.Rmerge_I_obs 
_reflns_shell.meanI_over_sigI_obs 
_reflns_shell.pdbx_Rsym_value 
_reflns_shell.pdbx_chi_squared 
_reflns_shell.pdbx_redundancy 
_reflns_shell.percent_possible_obs 
_reflns_shell.number_unique_all 
_reflns_shell.percent_possible_all 
_reflns_shell.pdbx_diffrn_id 
_reflns_shell.pdbx_ordinal 
1.90 1.93  ? ? ? 0.455 ? ? 1.544 4.90 ? 405 88.60  ? 1  
1.93 1.97  ? ? ? 0.416 ? ? 1.551 6.00 ? 448 99.80  ? 2  
1.97 2.01  ? ? ? 0.470 ? ? 1.783 6.60 ? 464 100.00 ? 3  
2.01 2.05  ? ? ? 0.310 ? ? 1.649 6.80 ? 474 100.00 ? 4  
2.05 2.09  ? ? ? 0.297 ? ? 1.733 6.80 ? 450 100.00 ? 5  
2.09 2.14  ? ? ? 0.260 ? ? 1.646 7.00 ? 478 100.00 ? 6  
2.14 2.19  ? ? ? 0.231 ? ? 1.642 7.00 ? 454 100.00 ? 7  
2.19 2.25  ? ? ? 0.206 ? ? 1.574 7.10 ? 476 100.00 ? 8  
2.25 2.32  ? ? ? 0.199 ? ? 1.918 7.10 ? 453 100.00 ? 9  
2.32 2.39  ? ? ? 0.174 ? ? 1.640 7.10 ? 477 100.00 ? 10 
2.39 2.48  ? ? ? 0.160 ? ? 1.670 7.10 ? 449 100.00 ? 11 
2.48 2.58  ? ? ? 0.136 ? ? 1.673 7.20 ? 471 100.00 ? 12 
2.58 2.70  ? ? ? 0.123 ? ? 1.641 7.20 ? 473 100.00 ? 13 
2.70 2.84  ? ? ? 0.106 ? ? 1.631 7.20 ? 450 100.00 ? 14 
2.84 3.02  ? ? ? 0.086 ? ? 1.590 7.20 ? 478 100.00 ? 15 
3.02 3.25  ? ? ? 0.068 ? ? 1.512 7.30 ? 465 100.00 ? 16 
3.25 3.57  ? ? ? 0.053 ? ? 1.536 7.30 ? 469 100.00 ? 17 
3.57 4.09  ? ? ? 0.045 ? ? 1.559 7.30 ? 483 100.00 ? 18 
4.09 5.15  ? ? ? 0.041 ? ? 1.452 7.30 ? 481 100.00 ? 19 
5.15 30.00 ? ? ? 0.041 ? ? 1.599 7.00 ? 495 99.80  ? 20 
# 
_refine.entry_id                                 3L4L 
_refine.ls_d_res_high                            1.900 
_refine.ls_d_res_low                             27.400 
_refine.pdbx_ls_sigma_F                          0.08 
_refine.pdbx_data_cutoff_high_absF               ? 
_refine.pdbx_data_cutoff_low_absF                ? 
_refine.ls_percent_reflns_obs                    95.980 
_refine.ls_number_reflns_obs                     9001 
_refine.ls_number_reflns_all                     ? 
_refine.pdbx_ls_cross_valid_method               ? 
_refine.pdbx_R_Free_selection_details            ? 
_refine.details                                  ? 
_refine.ls_R_factor_all                          ? 
_refine.ls_R_factor_obs                          0.172 
_refine.ls_R_factor_R_work                       0.167 
_refine.ls_wR_factor_R_work                      ? 
_refine.ls_R_factor_R_free                       0.216 
_refine.ls_wR_factor_R_free                      ? 
_refine.ls_percent_reflns_R_free                 10.000 
_refine.ls_number_reflns_R_free                  900 
_refine.ls_R_factor_R_free_error                 ? 
_refine.B_iso_mean                               22.810 
_refine.solvent_model_param_bsol                 42.917 
_refine.solvent_model_param_ksol                 0.359 
_refine.pdbx_isotropic_thermal_model             ? 
_refine.aniso_B[1][1]                            0.298 
_refine.aniso_B[2][2]                            1.488 
_refine.aniso_B[3][3]                            -1.786 
_refine.aniso_B[1][2]                            0.000 
_refine.aniso_B[1][3]                            1.124 
_refine.aniso_B[2][3]                            -0.000 
_refine.correlation_coeff_Fo_to_Fc               ? 
_refine.correlation_coeff_Fo_to_Fc_free          ? 
_refine.overall_SU_R_Cruickshank_DPI             ? 
_refine.overall_SU_R_free                        ? 
_refine.pdbx_overall_ESU_R_Free                  ? 
_refine.overall_SU_ML                            1.620 
_refine.overall_SU_B                             ? 
_refine.solvent_model_details                    'FLAT BULK SOLVENT MODEL' 
_refine.pdbx_solvent_vdw_probe_radii             1.110 
_refine.pdbx_solvent_ion_probe_radii             ? 
_refine.pdbx_solvent_shrinkage_radii             0.900 
_refine.ls_number_parameters                     ? 
_refine.ls_number_restraints                     ? 
_refine.pdbx_starting_model                      3L4A 
_refine.pdbx_method_to_determine_struct          'MOLECULAR REPLACEMENT' 
_refine.pdbx_stereochemistry_target_values       ML 
_refine.pdbx_stereochem_target_val_spec_case     ? 
_refine.overall_FOM_work_R_set                   0.859 
_refine.B_iso_max                                71.14 
_refine.B_iso_min                                7.84 
_refine.occupancy_max                            1.00 
_refine.occupancy_min                            0.35 
_refine.pdbx_ls_sigma_I                          ? 
_refine.ls_redundancy_reflns_obs                 ? 
_refine.ls_R_factor_R_free_error_details         ? 
_refine.pdbx_data_cutoff_high_rms_absF           ? 
_refine.overall_FOM_free_R_set                   ? 
_refine.pdbx_overall_phase_error                 ? 
_refine.pdbx_refine_id                           'X-RAY DIFFRACTION' 
_refine.pdbx_overall_ESU_R                       ? 
_refine.pdbx_diffrn_id                           1 
_refine.pdbx_TLS_residual_ADP_flag               ? 
_refine.pdbx_overall_SU_R_free_Cruickshank_DPI   ? 
_refine.pdbx_overall_SU_R_Blow_DPI               ? 
_refine.pdbx_overall_SU_R_free_Blow_DPI          ? 
# 
_refine_hist.pdbx_refine_id                   'X-RAY DIFFRACTION' 
_refine_hist.cycle_id                         LAST 
_refine_hist.pdbx_number_atoms_protein        960 
_refine_hist.pdbx_number_atoms_nucleic_acid   0 
_refine_hist.pdbx_number_atoms_ligand         17 
_refine_hist.number_atoms_solvent             92 
_refine_hist.number_atoms_total               1069 
_refine_hist.d_res_high                       1.900 
_refine_hist.d_res_low                        27.400 
# 
loop_
_refine_ls_restr.type 
_refine_ls_restr.number 
_refine_ls_restr.dev_ideal 
_refine_ls_restr.dev_ideal_target 
_refine_ls_restr.weight 
_refine_ls_restr.pdbx_refine_id 
_refine_ls_restr.pdbx_restraint_function 
f_bond_d           1015 0.005  ? ? 'X-RAY DIFFRACTION' ? 
f_angle_d          1373 0.847  ? ? 'X-RAY DIFFRACTION' ? 
f_chiral_restr     142  0.064  ? ? 'X-RAY DIFFRACTION' ? 
f_plane_restr      188  0.003  ? ? 'X-RAY DIFFRACTION' ? 
f_dihedral_angle_d 368  19.882 ? ? 'X-RAY DIFFRACTION' ? 
# 
loop_
_refine_ls_shell.d_res_high 
_refine_ls_shell.d_res_low 
_refine_ls_shell.pdbx_total_number_of_bins_used 
_refine_ls_shell.percent_reflns_obs 
_refine_ls_shell.number_reflns_R_work 
_refine_ls_shell.R_factor_all 
_refine_ls_shell.R_factor_R_work 
_refine_ls_shell.R_factor_R_free 
_refine_ls_shell.percent_reflns_R_free 
_refine_ls_shell.number_reflns_R_free 
_refine_ls_shell.R_factor_R_free_error 
_refine_ls_shell.number_reflns_all 
_refine_ls_shell.number_reflns_obs 
_refine_ls_shell.redundancy_reflns_obs 
_refine_ls_shell.pdbx_refine_id 
1.900 2.016  6 86.000 1193 . 0.193 0.269 . 131 . 1324 . . 'X-RAY DIFFRACTION' 
2.016 2.172  6 95.000 1336 . 0.163 0.234 . 145 . 1481 . . 'X-RAY DIFFRACTION' 
2.172 2.390  6 97.000 1383 . 0.161 0.237 . 136 . 1519 . . 'X-RAY DIFFRACTION' 
2.390 2.736  6 98.000 1362 . 0.172 0.262 . 171 . 1533 . . 'X-RAY DIFFRACTION' 
2.736 3.446  6 99.000 1388 . 0.169 0.191 . 156 . 1544 . . 'X-RAY DIFFRACTION' 
3.446 27.403 6 99.000 1439 . 0.158 0.178 . 161 . 1600 . . 'X-RAY DIFFRACTION' 
# 
_struct.entry_id                  3L4L 
_struct.title                     
'Crystal Structure of an Anopheles gambiae Odorant-binding Protein AgamOBP22a with Bound Odorant Benzaldehyde' 
_struct.pdbx_model_details        ? 
_struct.pdbx_CASP_flag            ? 
_struct.pdbx_model_type_details   ? 
# 
_struct_keywords.entry_id        3L4L 
_struct_keywords.text            'all alpha helix, TRANSPORT PROTEIN' 
_struct_keywords.pdbx_keywords   'TRANSPORT PROTEIN' 
# 
loop_
_struct_asym.id 
_struct_asym.pdbx_blank_PDB_chainid_flag 
_struct_asym.pdbx_modified 
_struct_asym.entity_id 
_struct_asym.details 
A N N 1 ? 
B N N 2 ? 
C N N 3 ? 
D N N 3 ? 
E N N 3 ? 
F N N 3 ? 
G N N 3 ? 
H N N 3 ? 
I N N 3 ? 
J N N 3 ? 
K N N 3 ? 
L N N 4 ? 
# 
_struct_ref.id                         1 
_struct_ref.db_name                    UNP 
_struct_ref.db_code                    Q7PGA3_ANOGA 
_struct_ref.pdbx_db_accession          Q7PGA3 
_struct_ref.entity_id                  1 
_struct_ref.pdbx_seq_one_letter_code   
;ADNNESVIESCSNAVQGAANDELKVHYRANEFPDDPVTHCFVRCIGLELNLYDDKYGVDLQANWENLGNSDDADEEFVAK
HRACLEAKNLETIEDLCERAYSAFQCLREDYEMYQNNNNATSE
;
_struct_ref.pdbx_align_begin           22 
_struct_ref.pdbx_db_isoform            ? 
# 
_struct_ref_seq.align_id                      1 
_struct_ref_seq.ref_id                        1 
_struct_ref_seq.pdbx_PDB_id_code              3L4L 
_struct_ref_seq.pdbx_strand_id                A 
_struct_ref_seq.seq_align_beg                 1 
_struct_ref_seq.pdbx_seq_align_beg_ins_code   ? 
_struct_ref_seq.seq_align_end                 123 
_struct_ref_seq.pdbx_seq_align_end_ins_code   ? 
_struct_ref_seq.pdbx_db_accession             Q7PGA3 
_struct_ref_seq.db_align_beg                  22 
_struct_ref_seq.pdbx_db_align_beg_ins_code    ? 
_struct_ref_seq.db_align_end                  144 
_struct_ref_seq.pdbx_db_align_end_ins_code    ? 
_struct_ref_seq.pdbx_auth_seq_align_beg       22 
_struct_ref_seq.pdbx_auth_seq_align_end       144 
# 
loop_
_struct_ref_seq_dif.align_id 
_struct_ref_seq_dif.pdbx_pdb_id_code 
_struct_ref_seq_dif.mon_id 
_struct_ref_seq_dif.pdbx_pdb_strand_id 
_struct_ref_seq_dif.seq_num 
_struct_ref_seq_dif.pdbx_pdb_ins_code 
_struct_ref_seq_dif.pdbx_seq_db_name 
_struct_ref_seq_dif.pdbx_seq_db_accession_code 
_struct_ref_seq_dif.db_mon_id 
_struct_ref_seq_dif.pdbx_seq_db_seq_num 
_struct_ref_seq_dif.details 
_struct_ref_seq_dif.pdbx_auth_seq_num 
_struct_ref_seq_dif.pdbx_ordinal 
1 3L4L LEU A 124 ? UNP Q7PGA3 ? ? 'expression tag' 145 1  
1 3L4L VAL A 125 ? UNP Q7PGA3 ? ? 'expression tag' 146 2  
1 3L4L PRO A 126 ? UNP Q7PGA3 ? ? 'expression tag' 147 3  
1 3L4L ARG A 127 ? UNP Q7PGA3 ? ? 'expression tag' 148 4  
1 3L4L GLY A 128 ? UNP Q7PGA3 ? ? 'expression tag' 149 5  
1 3L4L SER A 129 ? UNP Q7PGA3 ? ? 'expression tag' 150 6  
1 3L4L SER A 130 ? UNP Q7PGA3 ? ? 'expression tag' 151 7  
1 3L4L GLY A 131 ? UNP Q7PGA3 ? ? 'expression tag' 152 8  
1 3L4L GLU A 132 ? UNP Q7PGA3 ? ? 'expression tag' 153 9  
1 3L4L LEU A 133 ? UNP Q7PGA3 ? ? 'expression tag' 154 10 
1 3L4L TRP A 134 ? UNP Q7PGA3 ? ? 'expression tag' 155 11 
1 3L4L SER A 135 ? UNP Q7PGA3 ? ? 'expression tag' 156 12 
1 3L4L HIS A 136 ? UNP Q7PGA3 ? ? 'expression tag' 157 13 
1 3L4L PRO A 137 ? UNP Q7PGA3 ? ? 'expression tag' 158 14 
1 3L4L GLN A 138 ? UNP Q7PGA3 ? ? 'expression tag' 159 15 
1 3L4L PHE A 139 ? UNP Q7PGA3 ? ? 'expression tag' 160 16 
1 3L4L GLU A 140 ? UNP Q7PGA3 ? ? 'expression tag' 161 17 
1 3L4L LYS A 141 ? UNP Q7PGA3 ? ? 'expression tag' 162 18 
# 
_pdbx_struct_assembly.id                   1 
_pdbx_struct_assembly.details              author_defined_assembly 
_pdbx_struct_assembly.method_details       ? 
_pdbx_struct_assembly.oligomeric_details   monomeric 
_pdbx_struct_assembly.oligomeric_count     1 
# 
_pdbx_struct_assembly_gen.assembly_id       1 
_pdbx_struct_assembly_gen.oper_expression   1 
_pdbx_struct_assembly_gen.asym_id_list      A,B,C,D,E,F,G,H,I,J,K,L 
# 
_pdbx_struct_oper_list.id                   1 
_pdbx_struct_oper_list.type                 'identity operation' 
_pdbx_struct_oper_list.name                 1_555 
_pdbx_struct_oper_list.symmetry_operation   x,y,z 
_pdbx_struct_oper_list.matrix[1][1]         1.0000000000 
_pdbx_struct_oper_list.matrix[1][2]         0.0000000000 
_pdbx_struct_oper_list.matrix[1][3]         0.0000000000 
_pdbx_struct_oper_list.vector[1]            0.0000000000 
_pdbx_struct_oper_list.matrix[2][1]         0.0000000000 
_pdbx_struct_oper_list.matrix[2][2]         1.0000000000 
_pdbx_struct_oper_list.matrix[2][3]         0.0000000000 
_pdbx_struct_oper_list.vector[2]            0.0000000000 
_pdbx_struct_oper_list.matrix[3][1]         0.0000000000 
_pdbx_struct_oper_list.matrix[3][2]         0.0000000000 
_pdbx_struct_oper_list.matrix[3][3]         1.0000000000 
_pdbx_struct_oper_list.vector[3]            0.0000000000 
# 
_struct_biol.id        1 
_struct_biol.details   ? 
# 
loop_
_struct_conf.conf_type_id 
_struct_conf.id 
_struct_conf.pdbx_PDB_helix_id 
_struct_conf.beg_label_comp_id 
_struct_conf.beg_label_asym_id 
_struct_conf.beg_label_seq_id 
_struct_conf.pdbx_beg_PDB_ins_code 
_struct_conf.end_label_comp_id 
_struct_conf.end_label_asym_id 
_struct_conf.end_label_seq_id 
_struct_conf.pdbx_end_PDB_ins_code 
_struct_conf.beg_auth_comp_id 
_struct_conf.beg_auth_asym_id 
_struct_conf.beg_auth_seq_id 
_struct_conf.end_auth_comp_id 
_struct_conf.end_auth_asym_id 
_struct_conf.end_auth_seq_id 
_struct_conf.pdbx_PDB_helix_class 
_struct_conf.details 
_struct_conf.pdbx_PDB_helix_length 
HELX_P HELX_P1 1 ASN A 4   ? VAL A 15  ? ASN A 25  VAL A 36  1 ? 12 
HELX_P HELX_P2 2 ASN A 20  ? ALA A 29  ? ASN A 41  ALA A 50  1 ? 10 
HELX_P HELX_P3 3 ASP A 35  ? LEU A 49  ? ASP A 56  LEU A 70  1 ? 15 
HELX_P HELX_P4 4 ASP A 59  ? LEU A 67  ? ASP A 80  LEU A 88  1 ? 9  
HELX_P HELX_P5 5 ASP A 74  ? ALA A 87  ? ASP A 95  ALA A 108 1 ? 14 
HELX_P HELX_P6 6 LYS A 88  ? ILE A 93  ? LYS A 109 ILE A 114 5 ? 6  
HELX_P HELX_P7 7 ASP A 95  ? CYS A 106 ? ASP A 116 CYS A 127 1 ? 12 
HELX_P HELX_P8 8 LEU A 107 ? ASN A 116 ? LEU A 128 ASN A 137 1 ? 10 
# 
_struct_conf_type.id          HELX_P 
_struct_conf_type.criteria    ? 
_struct_conf_type.reference   ? 
# 
loop_
_struct_conn.id 
_struct_conn.conn_type_id 
_struct_conn.pdbx_leaving_atom_flag 
_struct_conn.pdbx_PDB_id 
_struct_conn.ptnr1_label_asym_id 
_struct_conn.ptnr1_label_comp_id 
_struct_conn.ptnr1_label_seq_id 
_struct_conn.ptnr1_label_atom_id 
_struct_conn.pdbx_ptnr1_label_alt_id 
_struct_conn.pdbx_ptnr1_PDB_ins_code 
_struct_conn.pdbx_ptnr1_standard_comp_id 
_struct_conn.ptnr1_symmetry 
_struct_conn.ptnr2_label_asym_id 
_struct_conn.ptnr2_label_comp_id 
_struct_conn.ptnr2_label_seq_id 
_struct_conn.ptnr2_label_atom_id 
_struct_conn.pdbx_ptnr2_label_alt_id 
_struct_conn.pdbx_ptnr2_PDB_ins_code 
_struct_conn.ptnr1_auth_asym_id 
_struct_conn.ptnr1_auth_comp_id 
_struct_conn.ptnr1_auth_seq_id 
_struct_conn.ptnr2_auth_asym_id 
_struct_conn.ptnr2_auth_comp_id 
_struct_conn.ptnr2_auth_seq_id 
_struct_conn.ptnr2_symmetry 
_struct_conn.pdbx_ptnr3_label_atom_id 
_struct_conn.pdbx_ptnr3_label_seq_id 
_struct_conn.pdbx_ptnr3_label_comp_id 
_struct_conn.pdbx_ptnr3_label_asym_id 
_struct_conn.pdbx_ptnr3_label_alt_id 
_struct_conn.pdbx_ptnr3_PDB_ins_code 
_struct_conn.details 
_struct_conn.pdbx_dist_value 
_struct_conn.pdbx_value_order 
_struct_conn.pdbx_role 
disulf1 disulf ? ? A CYS 11 SG ? ? ? 1_555 A CYS 44  SG ? ? A CYS 32  A CYS 65  1_555 ? ? ? ? ? ? ? 2.030 ? ? 
disulf2 disulf ? ? A CYS 40 SG ? ? ? 1_555 A CYS 97  SG ? ? A CYS 61  A CYS 118 1_555 ? ? ? ? ? ? ? 2.035 ? ? 
disulf3 disulf ? ? A CYS 84 SG ? ? ? 1_555 A CYS 106 SG ? ? A CYS 105 A CYS 127 1_555 ? ? ? ? ? ? ? 2.034 ? ? 
# 
_struct_conn_type.id          disulf 
_struct_conn_type.criteria    ? 
_struct_conn_type.reference   ? 
# 
loop_
_pdbx_modification_feature.ordinal 
_pdbx_modification_feature.label_comp_id 
_pdbx_modification_feature.label_asym_id 
_pdbx_modification_feature.label_seq_id 
_pdbx_modification_feature.label_alt_id 
_pdbx_modification_feature.modified_residue_label_comp_id 
_pdbx_modification_feature.modified_residue_label_asym_id 
_pdbx_modification_feature.modified_residue_label_seq_id 
_pdbx_modification_feature.modified_residue_label_alt_id 
_pdbx_modification_feature.auth_comp_id 
_pdbx_modification_feature.auth_asym_id 
_pdbx_modification_feature.auth_seq_id 
_pdbx_modification_feature.PDB_ins_code 
_pdbx_modification_feature.symmetry 
_pdbx_modification_feature.modified_residue_auth_comp_id 
_pdbx_modification_feature.modified_residue_auth_asym_id 
_pdbx_modification_feature.modified_residue_auth_seq_id 
_pdbx_modification_feature.modified_residue_PDB_ins_code 
_pdbx_modification_feature.modified_residue_symmetry 
_pdbx_modification_feature.comp_id_linking_atom 
_pdbx_modification_feature.modified_residue_id_linking_atom 
_pdbx_modification_feature.modified_residue_id 
_pdbx_modification_feature.ref_pcm_id 
_pdbx_modification_feature.ref_comp_id 
_pdbx_modification_feature.type 
_pdbx_modification_feature.category 
1 CYS A 11 ? CYS A 44  ? CYS A 32  ? 1_555 CYS A 65  ? 1_555 SG SG . . . None 'Disulfide bridge' 
2 CYS A 40 ? CYS A 97  ? CYS A 61  ? 1_555 CYS A 118 ? 1_555 SG SG . . . None 'Disulfide bridge' 
3 CYS A 84 ? CYS A 106 ? CYS A 105 ? 1_555 CYS A 127 ? 1_555 SG SG . . . None 'Disulfide bridge' 
# 
_struct_sheet.id               A 
_struct_sheet.type             ? 
_struct_sheet.number_strands   2 
_struct_sheet.details          ? 
# 
_struct_sheet_order.sheet_id     A 
_struct_sheet_order.range_id_1   1 
_struct_sheet_order.range_id_2   2 
_struct_sheet_order.offset       ? 
_struct_sheet_order.sense        anti-parallel 
# 
loop_
_struct_sheet_range.sheet_id 
_struct_sheet_range.id 
_struct_sheet_range.beg_label_comp_id 
_struct_sheet_range.beg_label_asym_id 
_struct_sheet_range.beg_label_seq_id 
_struct_sheet_range.pdbx_beg_PDB_ins_code 
_struct_sheet_range.end_label_comp_id 
_struct_sheet_range.end_label_asym_id 
_struct_sheet_range.end_label_seq_id 
_struct_sheet_range.pdbx_end_PDB_ins_code 
_struct_sheet_range.beg_auth_comp_id 
_struct_sheet_range.beg_auth_asym_id 
_struct_sheet_range.beg_auth_seq_id 
_struct_sheet_range.end_auth_comp_id 
_struct_sheet_range.end_auth_asym_id 
_struct_sheet_range.end_auth_seq_id 
A 1 TYR A 52 ? ASP A 53 ? TYR A 73 ASP A 74 
A 2 GLY A 57 ? VAL A 58 ? GLY A 78 VAL A 79 
# 
_pdbx_struct_sheet_hbond.sheet_id                A 
_pdbx_struct_sheet_hbond.range_id_1              1 
_pdbx_struct_sheet_hbond.range_id_2              2 
_pdbx_struct_sheet_hbond.range_1_label_atom_id   N 
_pdbx_struct_sheet_hbond.range_1_label_comp_id   ASP 
_pdbx_struct_sheet_hbond.range_1_label_asym_id   A 
_pdbx_struct_sheet_hbond.range_1_label_seq_id    53 
_pdbx_struct_sheet_hbond.range_1_PDB_ins_code    ? 
_pdbx_struct_sheet_hbond.range_1_auth_atom_id    N 
_pdbx_struct_sheet_hbond.range_1_auth_comp_id    ASP 
_pdbx_struct_sheet_hbond.range_1_auth_asym_id    A 
_pdbx_struct_sheet_hbond.range_1_auth_seq_id     74 
_pdbx_struct_sheet_hbond.range_2_label_atom_id   O 
_pdbx_struct_sheet_hbond.range_2_label_comp_id   GLY 
_pdbx_struct_sheet_hbond.range_2_label_asym_id   A 
_pdbx_struct_sheet_hbond.range_2_label_seq_id    57 
_pdbx_struct_sheet_hbond.range_2_PDB_ins_code    ? 
_pdbx_struct_sheet_hbond.range_2_auth_atom_id    O 
_pdbx_struct_sheet_hbond.range_2_auth_comp_id    GLY 
_pdbx_struct_sheet_hbond.range_2_auth_asym_id    A 
_pdbx_struct_sheet_hbond.range_2_auth_seq_id     78 
# 
loop_
_struct_site.id 
_struct_site.pdbx_evidence_code 
_struct_site.pdbx_auth_asym_id 
_struct_site.pdbx_auth_comp_id 
_struct_site.pdbx_auth_seq_id 
_struct_site.pdbx_auth_ins_code 
_struct_site.pdbx_num_residues 
_struct_site.details 
AC1 Software A HBX 200 ? 7 'BINDING SITE FOR RESIDUE HBX A 200' 
AC2 Software A NH4 201 ? 5 'BINDING SITE FOR RESIDUE NH4 A 201' 
AC3 Software A NH4 202 ? 7 'BINDING SITE FOR RESIDUE NH4 A 202' 
AC4 Software A NH4 203 ? 5 'BINDING SITE FOR RESIDUE NH4 A 203' 
AC5 Software A NH4 204 ? 5 'BINDING SITE FOR RESIDUE NH4 A 204' 
AC6 Software A NH4 205 ? 5 'BINDING SITE FOR RESIDUE NH4 A 205' 
AC7 Software A NH4 206 ? 4 'BINDING SITE FOR RESIDUE NH4 A 206' 
AC8 Software A NH4 207 ? 4 'BINDING SITE FOR RESIDUE NH4 A 207' 
AC9 Software A NH4 208 ? 4 'BINDING SITE FOR RESIDUE NH4 A 208' 
BC1 Software A NH4 209 ? 6 'BINDING SITE FOR RESIDUE NH4 A 209' 
# 
loop_
_struct_site_gen.id 
_struct_site_gen.site_id 
_struct_site_gen.pdbx_num_res 
_struct_site_gen.label_comp_id 
_struct_site_gen.label_asym_id 
_struct_site_gen.label_seq_id 
_struct_site_gen.pdbx_auth_ins_code 
_struct_site_gen.auth_comp_id 
_struct_site_gen.auth_asym_id 
_struct_site_gen.auth_seq_id 
_struct_site_gen.label_atom_id 
_struct_site_gen.label_alt_id 
_struct_site_gen.symmetry 
_struct_site_gen.details 
1  AC1 7 VAL A 42  ? VAL A 63  . ? 1_555 ? 
2  AC1 7 ARG A 43  ? ARG A 64  . ? 1_555 ? 
3  AC1 7 GLY A 46  ? GLY A 67  . ? 1_555 ? 
4  AC1 7 TYR A 52  ? TYR A 73  . ? 1_555 ? 
5  AC1 7 ASN A 63  ? ASN A 84  . ? 1_555 ? 
6  AC1 7 ALA A 100 ? ALA A 121 . ? 1_555 ? 
7  AC1 7 PHE A 104 ? PHE A 125 . ? 1_555 ? 
8  AC2 5 LEU A 23  ? LEU A 44  . ? 3_545 ? 
9  AC2 5 ASP A 74  ? ASP A 95  . ? 1_555 ? 
10 AC2 5 GLU A 75  ? GLU A 96  . ? 1_555 ? 
11 AC2 5 HOH L .   ? HOH A 212 . ? 1_555 ? 
12 AC2 5 HOH L .   ? HOH A 234 . ? 3_545 ? 
13 AC3 7 LEU A 85  ? LEU A 106 . ? 1_555 ? 
14 AC3 7 GLU A 86  ? GLU A 107 . ? 1_555 ? 
15 AC3 7 ASN A 89  ? ASN A 110 . ? 1_555 ? 
16 AC3 7 LEU A 90  ? LEU A 111 . ? 1_555 ? 
17 AC3 7 GLU A 91  ? GLU A 112 . ? 1_555 ? 
18 AC3 7 HIS A 136 ? HIS A 157 . ? 1_555 ? 
19 AC3 7 HOH L .   ? HOH A 229 . ? 1_555 ? 
20 AC4 5 SER A 12  ? SER A 33  . ? 3_545 ? 
21 AC4 5 VAL A 15  ? VAL A 36  . ? 3_545 ? 
22 AC4 5 ALA A 19  ? ALA A 40  . ? 3_545 ? 
23 AC4 5 ASP A 72  ? ASP A 93  . ? 1_555 ? 
24 AC4 5 HOH L .   ? HOH A 226 . ? 3_545 ? 
25 AC5 5 CYS A 40  ? CYS A 61  . ? 1_555 ? 
26 AC5 5 ARG A 43  ? ARG A 64  . ? 1_555 ? 
27 AC5 5 CYS A 44  ? CYS A 65  . ? 1_555 ? 
28 AC5 5 HOH L .   ? HOH A 220 . ? 1_555 ? 
29 AC5 5 HOH L .   ? HOH A 267 . ? 1_555 ? 
30 AC6 5 SER A 12  ? SER A 33  . ? 1_555 ? 
31 AC6 5 LYS A 24  ? LYS A 45  . ? 1_555 ? 
32 AC6 5 ASN A 50  ? ASN A 71  . ? 4_556 ? 
33 AC6 5 NH4 K .   ? NH4 A 209 . ? 4_556 ? 
34 AC6 5 HOH L .   ? HOH A 230 . ? 4_556 ? 
35 AC7 4 ASN A 50  ? ASN A 71  . ? 1_555 ? 
36 AC7 4 ASP A 59  ? ASP A 80  . ? 1_555 ? 
37 AC7 4 HOH L .   ? HOH A 221 . ? 1_555 ? 
38 AC7 4 HOH L .   ? HOH A 246 . ? 4_546 ? 
39 AC8 4 ASN A 50  ? ASN A 71  . ? 2_656 ? 
40 AC8 4 SER A 70  ? SER A 91  . ? 1_555 ? 
41 AC8 4 HOH L .   ? HOH A 221 . ? 2_656 ? 
42 AC8 4 HOH L .   ? HOH A 259 . ? 1_555 ? 
43 AC9 4 ASP A 72  ? ASP A 93  . ? 1_555 ? 
44 AC9 4 HOH L .   ? HOH A 246 . ? 3_545 ? 
45 AC9 4 HOH L .   ? HOH A 259 . ? 1_555 ? 
46 AC9 4 HOH L .   ? HOH A 270 . ? 1_555 ? 
47 BC1 6 GLU A 9   ? GLU A 30  . ? 4_546 ? 
48 BC1 6 LEU A 47  ? LEU A 68  . ? 1_555 ? 
49 BC1 6 ASN A 50  ? ASN A 71  . ? 1_555 ? 
50 BC1 6 NH4 G .   ? NH4 A 205 . ? 4_546 ? 
51 BC1 6 HOH L .   ? HOH A 230 . ? 1_555 ? 
52 BC1 6 HOH L .   ? HOH A 252 . ? 1_555 ? 
# 
_pdbx_entry_details.entry_id                   3L4L 
_pdbx_entry_details.compound_details           ? 
_pdbx_entry_details.source_details             ? 
_pdbx_entry_details.nonpolymer_details         ? 
_pdbx_entry_details.sequence_details           ? 
_pdbx_entry_details.has_ligand_of_interest     ? 
_pdbx_entry_details.has_protein_modification   Y 
# 
_pdbx_struct_special_symmetry.id              1 
_pdbx_struct_special_symmetry.PDB_model_num   1 
_pdbx_struct_special_symmetry.auth_asym_id    A 
_pdbx_struct_special_symmetry.auth_comp_id    HOH 
_pdbx_struct_special_symmetry.auth_seq_id     275 
_pdbx_struct_special_symmetry.PDB_ins_code    ? 
_pdbx_struct_special_symmetry.label_asym_id   L 
_pdbx_struct_special_symmetry.label_comp_id   HOH 
_pdbx_struct_special_symmetry.label_seq_id    . 
# 
loop_
_pdbx_unobs_or_zero_occ_residues.id 
_pdbx_unobs_or_zero_occ_residues.PDB_model_num 
_pdbx_unobs_or_zero_occ_residues.polymer_flag 
_pdbx_unobs_or_zero_occ_residues.occupancy_flag 
_pdbx_unobs_or_zero_occ_residues.auth_asym_id 
_pdbx_unobs_or_zero_occ_residues.auth_comp_id 
_pdbx_unobs_or_zero_occ_residues.auth_seq_id 
_pdbx_unobs_or_zero_occ_residues.PDB_ins_code 
_pdbx_unobs_or_zero_occ_residues.label_asym_id 
_pdbx_unobs_or_zero_occ_residues.label_comp_id 
_pdbx_unobs_or_zero_occ_residues.label_seq_id 
1  1 Y 1 A ALA 22  ? A ALA 1   
2  1 Y 1 A ASP 23  ? A ASP 2   
3  1 Y 1 A ASN 24  ? A ASN 3   
4  1 Y 1 A ASN 138 ? A ASN 117 
5  1 Y 1 A ASN 139 ? A ASN 118 
6  1 Y 1 A ASN 140 ? A ASN 119 
7  1 Y 1 A ALA 141 ? A ALA 120 
8  1 Y 1 A THR 142 ? A THR 121 
9  1 Y 1 A SER 143 ? A SER 122 
10 1 Y 1 A GLU 144 ? A GLU 123 
11 1 Y 1 A LEU 145 ? A LEU 124 
12 1 Y 1 A VAL 146 ? A VAL 125 
13 1 Y 1 A PRO 147 ? A PRO 126 
14 1 Y 1 A ARG 148 ? A ARG 127 
15 1 Y 1 A GLY 149 ? A GLY 128 
16 1 Y 1 A SER 150 ? A SER 129 
17 1 Y 1 A SER 151 ? A SER 130 
18 1 Y 1 A GLY 152 ? A GLY 131 
19 1 Y 1 A GLN 159 ? A GLN 138 
20 1 Y 1 A PHE 160 ? A PHE 139 
21 1 Y 1 A GLU 161 ? A GLU 140 
22 1 Y 1 A LYS 162 ? A LYS 141 
# 
loop_
_chem_comp_atom.comp_id 
_chem_comp_atom.atom_id 
_chem_comp_atom.type_symbol 
_chem_comp_atom.pdbx_aromatic_flag 
_chem_comp_atom.pdbx_stereo_config 
_chem_comp_atom.pdbx_ordinal 
ALA N     N N N 1   
ALA CA    C N S 2   
ALA C     C N N 3   
ALA O     O N N 4   
ALA CB    C N N 5   
ALA OXT   O N N 6   
ALA H     H N N 7   
ALA H2    H N N 8   
ALA HA    H N N 9   
ALA HB1   H N N 10  
ALA HB2   H N N 11  
ALA HB3   H N N 12  
ALA HXT   H N N 13  
ARG N     N N N 14  
ARG CA    C N S 15  
ARG C     C N N 16  
ARG O     O N N 17  
ARG CB    C N N 18  
ARG CG    C N N 19  
ARG CD    C N N 20  
ARG NE    N N N 21  
ARG CZ    C N N 22  
ARG NH1   N N N 23  
ARG NH2   N N N 24  
ARG OXT   O N N 25  
ARG H     H N N 26  
ARG H2    H N N 27  
ARG HA    H N N 28  
ARG HB2   H N N 29  
ARG HB3   H N N 30  
ARG HG2   H N N 31  
ARG HG3   H N N 32  
ARG HD2   H N N 33  
ARG HD3   H N N 34  
ARG HE    H N N 35  
ARG HH11  H N N 36  
ARG HH12  H N N 37  
ARG HH21  H N N 38  
ARG HH22  H N N 39  
ARG HXT   H N N 40  
ASN N     N N N 41  
ASN CA    C N S 42  
ASN C     C N N 43  
ASN O     O N N 44  
ASN CB    C N N 45  
ASN CG    C N N 46  
ASN OD1   O N N 47  
ASN ND2   N N N 48  
ASN OXT   O N N 49  
ASN H     H N N 50  
ASN H2    H N N 51  
ASN HA    H N N 52  
ASN HB2   H N N 53  
ASN HB3   H N N 54  
ASN HD21  H N N 55  
ASN HD22  H N N 56  
ASN HXT   H N N 57  
ASP N     N N N 58  
ASP CA    C N S 59  
ASP C     C N N 60  
ASP O     O N N 61  
ASP CB    C N N 62  
ASP CG    C N N 63  
ASP OD1   O N N 64  
ASP OD2   O N N 65  
ASP OXT   O N N 66  
ASP H     H N N 67  
ASP H2    H N N 68  
ASP HA    H N N 69  
ASP HB2   H N N 70  
ASP HB3   H N N 71  
ASP HD2   H N N 72  
ASP HXT   H N N 73  
CYS N     N N N 74  
CYS CA    C N R 75  
CYS C     C N N 76  
CYS O     O N N 77  
CYS CB    C N N 78  
CYS SG    S N N 79  
CYS OXT   O N N 80  
CYS H     H N N 81  
CYS H2    H N N 82  
CYS HA    H N N 83  
CYS HB2   H N N 84  
CYS HB3   H N N 85  
CYS HG    H N N 86  
CYS HXT   H N N 87  
GLN N     N N N 88  
GLN CA    C N S 89  
GLN C     C N N 90  
GLN O     O N N 91  
GLN CB    C N N 92  
GLN CG    C N N 93  
GLN CD    C N N 94  
GLN OE1   O N N 95  
GLN NE2   N N N 96  
GLN OXT   O N N 97  
GLN H     H N N 98  
GLN H2    H N N 99  
GLN HA    H N N 100 
GLN HB2   H N N 101 
GLN HB3   H N N 102 
GLN HG2   H N N 103 
GLN HG3   H N N 104 
GLN HE21  H N N 105 
GLN HE22  H N N 106 
GLN HXT   H N N 107 
GLU N     N N N 108 
GLU CA    C N S 109 
GLU C     C N N 110 
GLU O     O N N 111 
GLU CB    C N N 112 
GLU CG    C N N 113 
GLU CD    C N N 114 
GLU OE1   O N N 115 
GLU OE2   O N N 116 
GLU OXT   O N N 117 
GLU H     H N N 118 
GLU H2    H N N 119 
GLU HA    H N N 120 
GLU HB2   H N N 121 
GLU HB3   H N N 122 
GLU HG2   H N N 123 
GLU HG3   H N N 124 
GLU HE2   H N N 125 
GLU HXT   H N N 126 
GLY N     N N N 127 
GLY CA    C N N 128 
GLY C     C N N 129 
GLY O     O N N 130 
GLY OXT   O N N 131 
GLY H     H N N 132 
GLY H2    H N N 133 
GLY HA2   H N N 134 
GLY HA3   H N N 135 
GLY HXT   H N N 136 
HBX "C1'" C N N 137 
HBX "O1'" O N N 138 
HBX C1    C Y N 139 
HBX C2    C Y N 140 
HBX C3    C Y N 141 
HBX C4    C Y N 142 
HBX C5    C Y N 143 
HBX C6    C Y N 144 
HBX "H1'" H N N 145 
HBX H2    H N N 146 
HBX H3    H N N 147 
HBX H4    H N N 148 
HBX H5    H N N 149 
HBX H6    H N N 150 
HIS N     N N N 151 
HIS CA    C N S 152 
HIS C     C N N 153 
HIS O     O N N 154 
HIS CB    C N N 155 
HIS CG    C Y N 156 
HIS ND1   N Y N 157 
HIS CD2   C Y N 158 
HIS CE1   C Y N 159 
HIS NE2   N Y N 160 
HIS OXT   O N N 161 
HIS H     H N N 162 
HIS H2    H N N 163 
HIS HA    H N N 164 
HIS HB2   H N N 165 
HIS HB3   H N N 166 
HIS HD1   H N N 167 
HIS HD2   H N N 168 
HIS HE1   H N N 169 
HIS HE2   H N N 170 
HIS HXT   H N N 171 
HOH O     O N N 172 
HOH H1    H N N 173 
HOH H2    H N N 174 
ILE N     N N N 175 
ILE CA    C N S 176 
ILE C     C N N 177 
ILE O     O N N 178 
ILE CB    C N S 179 
ILE CG1   C N N 180 
ILE CG2   C N N 181 
ILE CD1   C N N 182 
ILE OXT   O N N 183 
ILE H     H N N 184 
ILE H2    H N N 185 
ILE HA    H N N 186 
ILE HB    H N N 187 
ILE HG12  H N N 188 
ILE HG13  H N N 189 
ILE HG21  H N N 190 
ILE HG22  H N N 191 
ILE HG23  H N N 192 
ILE HD11  H N N 193 
ILE HD12  H N N 194 
ILE HD13  H N N 195 
ILE HXT   H N N 196 
LEU N     N N N 197 
LEU CA    C N S 198 
LEU C     C N N 199 
LEU O     O N N 200 
LEU CB    C N N 201 
LEU CG    C N N 202 
LEU CD1   C N N 203 
LEU CD2   C N N 204 
LEU OXT   O N N 205 
LEU H     H N N 206 
LEU H2    H N N 207 
LEU HA    H N N 208 
LEU HB2   H N N 209 
LEU HB3   H N N 210 
LEU HG    H N N 211 
LEU HD11  H N N 212 
LEU HD12  H N N 213 
LEU HD13  H N N 214 
LEU HD21  H N N 215 
LEU HD22  H N N 216 
LEU HD23  H N N 217 
LEU HXT   H N N 218 
LYS N     N N N 219 
LYS CA    C N S 220 
LYS C     C N N 221 
LYS O     O N N 222 
LYS CB    C N N 223 
LYS CG    C N N 224 
LYS CD    C N N 225 
LYS CE    C N N 226 
LYS NZ    N N N 227 
LYS OXT   O N N 228 
LYS H     H N N 229 
LYS H2    H N N 230 
LYS HA    H N N 231 
LYS HB2   H N N 232 
LYS HB3   H N N 233 
LYS HG2   H N N 234 
LYS HG3   H N N 235 
LYS HD2   H N N 236 
LYS HD3   H N N 237 
LYS HE2   H N N 238 
LYS HE3   H N N 239 
LYS HZ1   H N N 240 
LYS HZ2   H N N 241 
LYS HZ3   H N N 242 
LYS HXT   H N N 243 
MET N     N N N 244 
MET CA    C N S 245 
MET C     C N N 246 
MET O     O N N 247 
MET CB    C N N 248 
MET CG    C N N 249 
MET SD    S N N 250 
MET CE    C N N 251 
MET OXT   O N N 252 
MET H     H N N 253 
MET H2    H N N 254 
MET HA    H N N 255 
MET HB2   H N N 256 
MET HB3   H N N 257 
MET HG2   H N N 258 
MET HG3   H N N 259 
MET HE1   H N N 260 
MET HE2   H N N 261 
MET HE3   H N N 262 
MET HXT   H N N 263 
NH4 N     N N N 264 
NH4 HN1   H N N 265 
NH4 HN2   H N N 266 
NH4 HN3   H N N 267 
NH4 HN4   H N N 268 
PHE N     N N N 269 
PHE CA    C N S 270 
PHE C     C N N 271 
PHE O     O N N 272 
PHE CB    C N N 273 
PHE CG    C Y N 274 
PHE CD1   C Y N 275 
PHE CD2   C Y N 276 
PHE CE1   C Y N 277 
PHE CE2   C Y N 278 
PHE CZ    C Y N 279 
PHE OXT   O N N 280 
PHE H     H N N 281 
PHE H2    H N N 282 
PHE HA    H N N 283 
PHE HB2   H N N 284 
PHE HB3   H N N 285 
PHE HD1   H N N 286 
PHE HD2   H N N 287 
PHE HE1   H N N 288 
PHE HE2   H N N 289 
PHE HZ    H N N 290 
PHE HXT   H N N 291 
PRO N     N N N 292 
PRO CA    C N S 293 
PRO C     C N N 294 
PRO O     O N N 295 
PRO CB    C N N 296 
PRO CG    C N N 297 
PRO CD    C N N 298 
PRO OXT   O N N 299 
PRO H     H N N 300 
PRO HA    H N N 301 
PRO HB2   H N N 302 
PRO HB3   H N N 303 
PRO HG2   H N N 304 
PRO HG3   H N N 305 
PRO HD2   H N N 306 
PRO HD3   H N N 307 
PRO HXT   H N N 308 
SER N     N N N 309 
SER CA    C N S 310 
SER C     C N N 311 
SER O     O N N 312 
SER CB    C N N 313 
SER OG    O N N 314 
SER OXT   O N N 315 
SER H     H N N 316 
SER H2    H N N 317 
SER HA    H N N 318 
SER HB2   H N N 319 
SER HB3   H N N 320 
SER HG    H N N 321 
SER HXT   H N N 322 
THR N     N N N 323 
THR CA    C N S 324 
THR C     C N N 325 
THR O     O N N 326 
THR CB    C N R 327 
THR OG1   O N N 328 
THR CG2   C N N 329 
THR OXT   O N N 330 
THR H     H N N 331 
THR H2    H N N 332 
THR HA    H N N 333 
THR HB    H N N 334 
THR HG1   H N N 335 
THR HG21  H N N 336 
THR HG22  H N N 337 
THR HG23  H N N 338 
THR HXT   H N N 339 
TRP N     N N N 340 
TRP CA    C N S 341 
TRP C     C N N 342 
TRP O     O N N 343 
TRP CB    C N N 344 
TRP CG    C Y N 345 
TRP CD1   C Y N 346 
TRP CD2   C Y N 347 
TRP NE1   N Y N 348 
TRP CE2   C Y N 349 
TRP CE3   C Y N 350 
TRP CZ2   C Y N 351 
TRP CZ3   C Y N 352 
TRP CH2   C Y N 353 
TRP OXT   O N N 354 
TRP H     H N N 355 
TRP H2    H N N 356 
TRP HA    H N N 357 
TRP HB2   H N N 358 
TRP HB3   H N N 359 
TRP HD1   H N N 360 
TRP HE1   H N N 361 
TRP HE3   H N N 362 
TRP HZ2   H N N 363 
TRP HZ3   H N N 364 
TRP HH2   H N N 365 
TRP HXT   H N N 366 
TYR N     N N N 367 
TYR CA    C N S 368 
TYR C     C N N 369 
TYR O     O N N 370 
TYR CB    C N N 371 
TYR CG    C Y N 372 
TYR CD1   C Y N 373 
TYR CD2   C Y N 374 
TYR CE1   C Y N 375 
TYR CE2   C Y N 376 
TYR CZ    C Y N 377 
TYR OH    O N N 378 
TYR OXT   O N N 379 
TYR H     H N N 380 
TYR H2    H N N 381 
TYR HA    H N N 382 
TYR HB2   H N N 383 
TYR HB3   H N N 384 
TYR HD1   H N N 385 
TYR HD2   H N N 386 
TYR HE1   H N N 387 
TYR HE2   H N N 388 
TYR HH    H N N 389 
TYR HXT   H N N 390 
VAL N     N N N 391 
VAL CA    C N S 392 
VAL C     C N N 393 
VAL O     O N N 394 
VAL CB    C N N 395 
VAL CG1   C N N 396 
VAL CG2   C N N 397 
VAL OXT   O N N 398 
VAL H     H N N 399 
VAL H2    H N N 400 
VAL HA    H N N 401 
VAL HB    H N N 402 
VAL HG11  H N N 403 
VAL HG12  H N N 404 
VAL HG13  H N N 405 
VAL HG21  H N N 406 
VAL HG22  H N N 407 
VAL HG23  H N N 408 
VAL HXT   H N N 409 
# 
loop_
_chem_comp_bond.comp_id 
_chem_comp_bond.atom_id_1 
_chem_comp_bond.atom_id_2 
_chem_comp_bond.value_order 
_chem_comp_bond.pdbx_aromatic_flag 
_chem_comp_bond.pdbx_stereo_config 
_chem_comp_bond.pdbx_ordinal 
ALA N     CA    sing N N 1   
ALA N     H     sing N N 2   
ALA N     H2    sing N N 3   
ALA CA    C     sing N N 4   
ALA CA    CB    sing N N 5   
ALA CA    HA    sing N N 6   
ALA C     O     doub N N 7   
ALA C     OXT   sing N N 8   
ALA CB    HB1   sing N N 9   
ALA CB    HB2   sing N N 10  
ALA CB    HB3   sing N N 11  
ALA OXT   HXT   sing N N 12  
ARG N     CA    sing N N 13  
ARG N     H     sing N N 14  
ARG N     H2    sing N N 15  
ARG CA    C     sing N N 16  
ARG CA    CB    sing N N 17  
ARG CA    HA    sing N N 18  
ARG C     O     doub N N 19  
ARG C     OXT   sing N N 20  
ARG CB    CG    sing N N 21  
ARG CB    HB2   sing N N 22  
ARG CB    HB3   sing N N 23  
ARG CG    CD    sing N N 24  
ARG CG    HG2   sing N N 25  
ARG CG    HG3   sing N N 26  
ARG CD    NE    sing N N 27  
ARG CD    HD2   sing N N 28  
ARG CD    HD3   sing N N 29  
ARG NE    CZ    sing N N 30  
ARG NE    HE    sing N N 31  
ARG CZ    NH1   sing N N 32  
ARG CZ    NH2   doub N N 33  
ARG NH1   HH11  sing N N 34  
ARG NH1   HH12  sing N N 35  
ARG NH2   HH21  sing N N 36  
ARG NH2   HH22  sing N N 37  
ARG OXT   HXT   sing N N 38  
ASN N     CA    sing N N 39  
ASN N     H     sing N N 40  
ASN N     H2    sing N N 41  
ASN CA    C     sing N N 42  
ASN CA    CB    sing N N 43  
ASN CA    HA    sing N N 44  
ASN C     O     doub N N 45  
ASN C     OXT   sing N N 46  
ASN CB    CG    sing N N 47  
ASN CB    HB2   sing N N 48  
ASN CB    HB3   sing N N 49  
ASN CG    OD1   doub N N 50  
ASN CG    ND2   sing N N 51  
ASN ND2   HD21  sing N N 52  
ASN ND2   HD22  sing N N 53  
ASN OXT   HXT   sing N N 54  
ASP N     CA    sing N N 55  
ASP N     H     sing N N 56  
ASP N     H2    sing N N 57  
ASP CA    C     sing N N 58  
ASP CA    CB    sing N N 59  
ASP CA    HA    sing N N 60  
ASP C     O     doub N N 61  
ASP C     OXT   sing N N 62  
ASP CB    CG    sing N N 63  
ASP CB    HB2   sing N N 64  
ASP CB    HB3   sing N N 65  
ASP CG    OD1   doub N N 66  
ASP CG    OD2   sing N N 67  
ASP OD2   HD2   sing N N 68  
ASP OXT   HXT   sing N N 69  
CYS N     CA    sing N N 70  
CYS N     H     sing N N 71  
CYS N     H2    sing N N 72  
CYS CA    C     sing N N 73  
CYS CA    CB    sing N N 74  
CYS CA    HA    sing N N 75  
CYS C     O     doub N N 76  
CYS C     OXT   sing N N 77  
CYS CB    SG    sing N N 78  
CYS CB    HB2   sing N N 79  
CYS CB    HB3   sing N N 80  
CYS SG    HG    sing N N 81  
CYS OXT   HXT   sing N N 82  
GLN N     CA    sing N N 83  
GLN N     H     sing N N 84  
GLN N     H2    sing N N 85  
GLN CA    C     sing N N 86  
GLN CA    CB    sing N N 87  
GLN CA    HA    sing N N 88  
GLN C     O     doub N N 89  
GLN C     OXT   sing N N 90  
GLN CB    CG    sing N N 91  
GLN CB    HB2   sing N N 92  
GLN CB    HB3   sing N N 93  
GLN CG    CD    sing N N 94  
GLN CG    HG2   sing N N 95  
GLN CG    HG3   sing N N 96  
GLN CD    OE1   doub N N 97  
GLN CD    NE2   sing N N 98  
GLN NE2   HE21  sing N N 99  
GLN NE2   HE22  sing N N 100 
GLN OXT   HXT   sing N N 101 
GLU N     CA    sing N N 102 
GLU N     H     sing N N 103 
GLU N     H2    sing N N 104 
GLU CA    C     sing N N 105 
GLU CA    CB    sing N N 106 
GLU CA    HA    sing N N 107 
GLU C     O     doub N N 108 
GLU C     OXT   sing N N 109 
GLU CB    CG    sing N N 110 
GLU CB    HB2   sing N N 111 
GLU CB    HB3   sing N N 112 
GLU CG    CD    sing N N 113 
GLU CG    HG2   sing N N 114 
GLU CG    HG3   sing N N 115 
GLU CD    OE1   doub N N 116 
GLU CD    OE2   sing N N 117 
GLU OE2   HE2   sing N N 118 
GLU OXT   HXT   sing N N 119 
GLY N     CA    sing N N 120 
GLY N     H     sing N N 121 
GLY N     H2    sing N N 122 
GLY CA    C     sing N N 123 
GLY CA    HA2   sing N N 124 
GLY CA    HA3   sing N N 125 
GLY C     O     doub N N 126 
GLY C     OXT   sing N N 127 
GLY OXT   HXT   sing N N 128 
HBX C1    "C1'" sing N N 129 
HBX "C1'" "O1'" doub N N 130 
HBX "C1'" "H1'" sing N N 131 
HBX C6    C1    doub Y N 132 
HBX C2    C1    sing Y N 133 
HBX C3    C2    doub Y N 134 
HBX C2    H2    sing N N 135 
HBX C4    C3    sing Y N 136 
HBX C3    H3    sing N N 137 
HBX C4    C5    doub Y N 138 
HBX C4    H4    sing N N 139 
HBX C5    C6    sing Y N 140 
HBX C5    H5    sing N N 141 
HBX C6    H6    sing N N 142 
HIS N     CA    sing N N 143 
HIS N     H     sing N N 144 
HIS N     H2    sing N N 145 
HIS CA    C     sing N N 146 
HIS CA    CB    sing N N 147 
HIS CA    HA    sing N N 148 
HIS C     O     doub N N 149 
HIS C     OXT   sing N N 150 
HIS CB    CG    sing N N 151 
HIS CB    HB2   sing N N 152 
HIS CB    HB3   sing N N 153 
HIS CG    ND1   sing Y N 154 
HIS CG    CD2   doub Y N 155 
HIS ND1   CE1   doub Y N 156 
HIS ND1   HD1   sing N N 157 
HIS CD2   NE2   sing Y N 158 
HIS CD2   HD2   sing N N 159 
HIS CE1   NE2   sing Y N 160 
HIS CE1   HE1   sing N N 161 
HIS NE2   HE2   sing N N 162 
HIS OXT   HXT   sing N N 163 
HOH O     H1    sing N N 164 
HOH O     H2    sing N N 165 
ILE N     CA    sing N N 166 
ILE N     H     sing N N 167 
ILE N     H2    sing N N 168 
ILE CA    C     sing N N 169 
ILE CA    CB    sing N N 170 
ILE CA    HA    sing N N 171 
ILE C     O     doub N N 172 
ILE C     OXT   sing N N 173 
ILE CB    CG1   sing N N 174 
ILE CB    CG2   sing N N 175 
ILE CB    HB    sing N N 176 
ILE CG1   CD1   sing N N 177 
ILE CG1   HG12  sing N N 178 
ILE CG1   HG13  sing N N 179 
ILE CG2   HG21  sing N N 180 
ILE CG2   HG22  sing N N 181 
ILE CG2   HG23  sing N N 182 
ILE CD1   HD11  sing N N 183 
ILE CD1   HD12  sing N N 184 
ILE CD1   HD13  sing N N 185 
ILE OXT   HXT   sing N N 186 
LEU N     CA    sing N N 187 
LEU N     H     sing N N 188 
LEU N     H2    sing N N 189 
LEU CA    C     sing N N 190 
LEU CA    CB    sing N N 191 
LEU CA    HA    sing N N 192 
LEU C     O     doub N N 193 
LEU C     OXT   sing N N 194 
LEU CB    CG    sing N N 195 
LEU CB    HB2   sing N N 196 
LEU CB    HB3   sing N N 197 
LEU CG    CD1   sing N N 198 
LEU CG    CD2   sing N N 199 
LEU CG    HG    sing N N 200 
LEU CD1   HD11  sing N N 201 
LEU CD1   HD12  sing N N 202 
LEU CD1   HD13  sing N N 203 
LEU CD2   HD21  sing N N 204 
LEU CD2   HD22  sing N N 205 
LEU CD2   HD23  sing N N 206 
LEU OXT   HXT   sing N N 207 
LYS N     CA    sing N N 208 
LYS N     H     sing N N 209 
LYS N     H2    sing N N 210 
LYS CA    C     sing N N 211 
LYS CA    CB    sing N N 212 
LYS CA    HA    sing N N 213 
LYS C     O     doub N N 214 
LYS C     OXT   sing N N 215 
LYS CB    CG    sing N N 216 
LYS CB    HB2   sing N N 217 
LYS CB    HB3   sing N N 218 
LYS CG    CD    sing N N 219 
LYS CG    HG2   sing N N 220 
LYS CG    HG3   sing N N 221 
LYS CD    CE    sing N N 222 
LYS CD    HD2   sing N N 223 
LYS CD    HD3   sing N N 224 
LYS CE    NZ    sing N N 225 
LYS CE    HE2   sing N N 226 
LYS CE    HE3   sing N N 227 
LYS NZ    HZ1   sing N N 228 
LYS NZ    HZ2   sing N N 229 
LYS NZ    HZ3   sing N N 230 
LYS OXT   HXT   sing N N 231 
MET N     CA    sing N N 232 
MET N     H     sing N N 233 
MET N     H2    sing N N 234 
MET CA    C     sing N N 235 
MET CA    CB    sing N N 236 
MET CA    HA    sing N N 237 
MET C     O     doub N N 238 
MET C     OXT   sing N N 239 
MET CB    CG    sing N N 240 
MET CB    HB2   sing N N 241 
MET CB    HB3   sing N N 242 
MET CG    SD    sing N N 243 
MET CG    HG2   sing N N 244 
MET CG    HG3   sing N N 245 
MET SD    CE    sing N N 246 
MET CE    HE1   sing N N 247 
MET CE    HE2   sing N N 248 
MET CE    HE3   sing N N 249 
MET OXT   HXT   sing N N 250 
NH4 N     HN1   sing N N 251 
NH4 N     HN2   sing N N 252 
NH4 N     HN3   sing N N 253 
NH4 N     HN4   sing N N 254 
PHE N     CA    sing N N 255 
PHE N     H     sing N N 256 
PHE N     H2    sing N N 257 
PHE CA    C     sing N N 258 
PHE CA    CB    sing N N 259 
PHE CA    HA    sing N N 260 
PHE C     O     doub N N 261 
PHE C     OXT   sing N N 262 
PHE CB    CG    sing N N 263 
PHE CB    HB2   sing N N 264 
PHE CB    HB3   sing N N 265 
PHE CG    CD1   doub Y N 266 
PHE CG    CD2   sing Y N 267 
PHE CD1   CE1   sing Y N 268 
PHE CD1   HD1   sing N N 269 
PHE CD2   CE2   doub Y N 270 
PHE CD2   HD2   sing N N 271 
PHE CE1   CZ    doub Y N 272 
PHE CE1   HE1   sing N N 273 
PHE CE2   CZ    sing Y N 274 
PHE CE2   HE2   sing N N 275 
PHE CZ    HZ    sing N N 276 
PHE OXT   HXT   sing N N 277 
PRO N     CA    sing N N 278 
PRO N     CD    sing N N 279 
PRO N     H     sing N N 280 
PRO CA    C     sing N N 281 
PRO CA    CB    sing N N 282 
PRO CA    HA    sing N N 283 
PRO C     O     doub N N 284 
PRO C     OXT   sing N N 285 
PRO CB    CG    sing N N 286 
PRO CB    HB2   sing N N 287 
PRO CB    HB3   sing N N 288 
PRO CG    CD    sing N N 289 
PRO CG    HG2   sing N N 290 
PRO CG    HG3   sing N N 291 
PRO CD    HD2   sing N N 292 
PRO CD    HD3   sing N N 293 
PRO OXT   HXT   sing N N 294 
SER N     CA    sing N N 295 
SER N     H     sing N N 296 
SER N     H2    sing N N 297 
SER CA    C     sing N N 298 
SER CA    CB    sing N N 299 
SER CA    HA    sing N N 300 
SER C     O     doub N N 301 
SER C     OXT   sing N N 302 
SER CB    OG    sing N N 303 
SER CB    HB2   sing N N 304 
SER CB    HB3   sing N N 305 
SER OG    HG    sing N N 306 
SER OXT   HXT   sing N N 307 
THR N     CA    sing N N 308 
THR N     H     sing N N 309 
THR N     H2    sing N N 310 
THR CA    C     sing N N 311 
THR CA    CB    sing N N 312 
THR CA    HA    sing N N 313 
THR C     O     doub N N 314 
THR C     OXT   sing N N 315 
THR CB    OG1   sing N N 316 
THR CB    CG2   sing N N 317 
THR CB    HB    sing N N 318 
THR OG1   HG1   sing N N 319 
THR CG2   HG21  sing N N 320 
THR CG2   HG22  sing N N 321 
THR CG2   HG23  sing N N 322 
THR OXT   HXT   sing N N 323 
TRP N     CA    sing N N 324 
TRP N     H     sing N N 325 
TRP N     H2    sing N N 326 
TRP CA    C     sing N N 327 
TRP CA    CB    sing N N 328 
TRP CA    HA    sing N N 329 
TRP C     O     doub N N 330 
TRP C     OXT   sing N N 331 
TRP CB    CG    sing N N 332 
TRP CB    HB2   sing N N 333 
TRP CB    HB3   sing N N 334 
TRP CG    CD1   doub Y N 335 
TRP CG    CD2   sing Y N 336 
TRP CD1   NE1   sing Y N 337 
TRP CD1   HD1   sing N N 338 
TRP CD2   CE2   doub Y N 339 
TRP CD2   CE3   sing Y N 340 
TRP NE1   CE2   sing Y N 341 
TRP NE1   HE1   sing N N 342 
TRP CE2   CZ2   sing Y N 343 
TRP CE3   CZ3   doub Y N 344 
TRP CE3   HE3   sing N N 345 
TRP CZ2   CH2   doub Y N 346 
TRP CZ2   HZ2   sing N N 347 
TRP CZ3   CH2   sing Y N 348 
TRP CZ3   HZ3   sing N N 349 
TRP CH2   HH2   sing N N 350 
TRP OXT   HXT   sing N N 351 
TYR N     CA    sing N N 352 
TYR N     H     sing N N 353 
TYR N     H2    sing N N 354 
TYR CA    C     sing N N 355 
TYR CA    CB    sing N N 356 
TYR CA    HA    sing N N 357 
TYR C     O     doub N N 358 
TYR C     OXT   sing N N 359 
TYR CB    CG    sing N N 360 
TYR CB    HB2   sing N N 361 
TYR CB    HB3   sing N N 362 
TYR CG    CD1   doub Y N 363 
TYR CG    CD2   sing Y N 364 
TYR CD1   CE1   sing Y N 365 
TYR CD1   HD1   sing N N 366 
TYR CD2   CE2   doub Y N 367 
TYR CD2   HD2   sing N N 368 
TYR CE1   CZ    doub Y N 369 
TYR CE1   HE1   sing N N 370 
TYR CE2   CZ    sing Y N 371 
TYR CE2   HE2   sing N N 372 
TYR CZ    OH    sing N N 373 
TYR OH    HH    sing N N 374 
TYR OXT   HXT   sing N N 375 
VAL N     CA    sing N N 376 
VAL N     H     sing N N 377 
VAL N     H2    sing N N 378 
VAL CA    C     sing N N 379 
VAL CA    CB    sing N N 380 
VAL CA    HA    sing N N 381 
VAL C     O     doub N N 382 
VAL C     OXT   sing N N 383 
VAL CB    CG1   sing N N 384 
VAL CB    CG2   sing N N 385 
VAL CB    HB    sing N N 386 
VAL CG1   HG11  sing N N 387 
VAL CG1   HG12  sing N N 388 
VAL CG1   HG13  sing N N 389 
VAL CG2   HG21  sing N N 390 
VAL CG2   HG22  sing N N 391 
VAL CG2   HG23  sing N N 392 
VAL OXT   HXT   sing N N 393 
# 
_pdbx_initial_refinement_model.id               1 
_pdbx_initial_refinement_model.entity_id_list   ? 
_pdbx_initial_refinement_model.type             'experimental model' 
_pdbx_initial_refinement_model.source_name      PDB 
_pdbx_initial_refinement_model.accession_code   3L4A 
_pdbx_initial_refinement_model.details          ? 
# 
_atom_sites.entry_id                    3L4L 
_atom_sites.fract_transf_matrix[1][1]   0.00829870 
_atom_sites.fract_transf_matrix[1][2]   0.00158846 
_atom_sites.fract_transf_matrix[1][3]   -0.01115366 
_atom_sites.fract_transf_matrix[2][1]   0.00767050 
_atom_sites.fract_transf_matrix[2][2]   -0.02519197 
_atom_sites.fract_transf_matrix[2][3]   0.00211938 
_atom_sites.fract_transf_matrix[3][1]   -0.01508499 
_atom_sites.fract_transf_matrix[3][2]   -0.00599088 
_atom_sites.fract_transf_matrix[3][3]   -0.01661463 
_atom_sites.fract_transf_vector[1]      0.348552 
_atom_sites.fract_transf_vector[2]      0.855319 
_atom_sites.fract_transf_vector[3]      0.753572 
# 
loop_
_atom_type.symbol 
C 
N 
O 
S 
# 
loop_
_atom_site.group_PDB 
_atom_site.id 
_atom_site.type_symbol 
_atom_site.label_atom_id 
_atom_site.label_alt_id 
_atom_site.label_comp_id 
_atom_site.label_asym_id 
_atom_site.label_entity_id 
_atom_site.label_seq_id 
_atom_site.pdbx_PDB_ins_code 
_atom_site.Cartn_x 
_atom_site.Cartn_y 
_atom_site.Cartn_z 
_atom_site.occupancy 
_atom_site.B_iso_or_equiv 
_atom_site.pdbx_formal_charge 
_atom_site.auth_seq_id 
_atom_site.auth_comp_id 
_atom_site.auth_asym_id 
_atom_site.auth_atom_id 
_atom_site.pdbx_PDB_model_num 
ATOM   1    N N     . ASN A 1 4   ? 9.636   -6.577  4.757   1.00 54.10 ? 25  ASN A N     1 
ATOM   2    C CA    . ASN A 1 4   ? 10.484  -7.395  5.620   1.00 51.23 ? 25  ASN A CA    1 
ATOM   3    C C     . ASN A 1 4   ? 9.717   -8.039  6.777   1.00 37.72 ? 25  ASN A C     1 
ATOM   4    O O     . ASN A 1 4   ? 8.653   -7.556  7.176   1.00 38.51 ? 25  ASN A O     1 
ATOM   5    C CB    . ASN A 1 4   ? 11.666  -6.576  6.143   1.00 52.38 ? 25  ASN A CB    1 
ATOM   6    C CG    . ASN A 1 4   ? 11.233  -5.281  6.798   1.00 46.50 ? 25  ASN A CG    1 
ATOM   7    O OD1   . ASN A 1 4   ? 11.602  -4.192  6.354   1.00 50.55 ? 25  ASN A OD1   1 
ATOM   8    N ND2   . ASN A 1 4   ? 10.450  -5.392  7.862   1.00 35.56 ? 25  ASN A ND2   1 
ATOM   9    N N     . GLU A 1 5   ? 10.259  -9.135  7.303   1.00 34.70 ? 26  GLU A N     1 
ATOM   10   C CA    . GLU A 1 5   ? 9.611   -9.878  8.378   1.00 34.03 ? 26  GLU A CA    1 
ATOM   11   C C     . GLU A 1 5   ? 9.235   -8.986  9.559   1.00 26.65 ? 26  GLU A C     1 
ATOM   12   O O     . GLU A 1 5   ? 8.150   -9.113  10.108  1.00 28.59 ? 26  GLU A O     1 
ATOM   13   C CB    A GLU A 1 5   ? 10.470  -11.057 8.853   0.41 36.43 ? 26  GLU A CB    1 
ATOM   14   C CB    B GLU A 1 5   ? 10.543  -10.985 8.871   0.59 36.45 ? 26  GLU A CB    1 
ATOM   15   C CG    A GLU A 1 5   ? 9.736   -11.986 9.822   0.41 39.65 ? 26  GLU A CG    1 
ATOM   16   C CG    B GLU A 1 5   ? 11.967  -10.497 9.097   0.59 44.04 ? 26  GLU A CG    1 
ATOM   17   C CD    A GLU A 1 5   ? 10.593  -13.135 10.331  0.41 38.35 ? 26  GLU A CD    1 
ATOM   18   C CD    B GLU A 1 5   ? 12.715  -11.283 10.158  0.59 35.37 ? 26  GLU A CD    1 
ATOM   19   O OE1   A GLU A 1 5   ? 11.785  -12.914 10.631  0.41 40.06 ? 26  GLU A OE1   1 
ATOM   20   O OE1   B GLU A 1 5   ? 12.296  -12.413 10.488  0.59 42.54 ? 26  GLU A OE1   1 
ATOM   21   O OE2   A GLU A 1 5   ? 10.066  -14.262 10.442  0.41 40.83 ? 26  GLU A OE2   1 
ATOM   22   O OE2   B GLU A 1 5   ? 13.733  -10.763 10.658  0.59 27.09 ? 26  GLU A OE2   1 
ATOM   23   N N     . SER A 1 6   ? 10.143  -8.097  9.955   1.00 34.64 ? 27  SER A N     1 
ATOM   24   C CA    . SER A 1 6   ? 9.936   -7.263  11.137  1.00 26.31 ? 27  SER A CA    1 
ATOM   25   C C     . SER A 1 6   ? 8.624   -6.495  11.059  1.00 29.09 ? 27  SER A C     1 
ATOM   26   O O     . SER A 1 6   ? 7.793   -6.586  11.960  1.00 20.67 ? 27  SER A O     1 
ATOM   27   C CB    . SER A 1 6   ? 11.095  -6.281  11.317  1.00 20.72 ? 27  SER A CB    1 
ATOM   28   O OG    . SER A 1 6   ? 10.977  -5.574  12.542  1.00 22.62 ? 27  SER A OG    1 
ATOM   29   N N     . VAL A 1 7   ? 8.448   -5.732  9.984   1.00 20.80 ? 28  VAL A N     1 
ATOM   30   C CA    . VAL A 1 7   ? 7.237   -4.940  9.808   1.00 19.06 ? 28  VAL A CA    1 
ATOM   31   C C     . VAL A 1 7   ? 5.997   -5.824  9.676   1.00 19.66 ? 28  VAL A C     1 
ATOM   32   O O     . VAL A 1 7   ? 4.929   -5.463  10.161  1.00 22.03 ? 28  VAL A O     1 
ATOM   33   C CB    . VAL A 1 7   ? 7.354   -3.974  8.612   1.00 29.24 ? 28  VAL A CB    1 
ATOM   34   C CG1   . VAL A 1 7   ? 5.998   -3.402  8.245   1.00 29.14 ? 28  VAL A CG1   1 
ATOM   35   C CG2   . VAL A 1 7   ? 8.343   -2.853  8.930   1.00 26.62 ? 28  VAL A CG2   1 
ATOM   36   N N     . ILE A 1 8   ? 6.132   -6.987  9.047   1.00 20.72 ? 29  ILE A N     1 
ATOM   37   C CA    . ILE A 1 8   ? 5.000   -7.914  8.951   1.00 18.61 ? 29  ILE A CA    1 
ATOM   38   C C     . ILE A 1 8   ? 4.583   -8.439  10.327  1.00 23.69 ? 29  ILE A C     1 
ATOM   39   O O     . ILE A 1 8   ? 3.396   -8.466  10.666  1.00 17.90 ? 29  ILE A O     1 
ATOM   40   C CB    . ILE A 1 8   ? 5.304   -9.115  8.032   1.00 21.33 ? 29  ILE A CB    1 
ATOM   41   C CG1   . ILE A 1 8   ? 5.390   -8.669  6.571   1.00 20.68 ? 29  ILE A CG1   1 
ATOM   42   C CG2   . ILE A 1 8   ? 4.251   -10.201 8.208   1.00 23.34 ? 29  ILE A CG2   1 
ATOM   43   C CD1   . ILE A 1 8   ? 4.124   -8.085  6.029   1.00 29.64 ? 29  ILE A CD1   1 
ATOM   44   N N     . GLU A 1 9   ? 5.559   -8.862  11.120  1.00 20.32 ? 30  GLU A N     1 
ATOM   45   C CA    . GLU A 1 9   ? 5.261   -9.349  12.458  1.00 15.37 ? 30  GLU A CA    1 
ATOM   46   C C     . GLU A 1 9   ? 4.636   -8.253  13.317  1.00 19.15 ? 30  GLU A C     1 
ATOM   47   O O     . GLU A 1 9   ? 3.639   -8.477  14.016  1.00 16.25 ? 30  GLU A O     1 
ATOM   48   C CB    . GLU A 1 9   ? 6.524   -9.909  13.113  1.00 21.64 ? 30  GLU A CB    1 
ATOM   49   C CG    . GLU A 1 9   ? 7.125   -11.078 12.338  1.00 22.95 ? 30  GLU A CG    1 
ATOM   50   C CD    . GLU A 1 9   ? 6.128   -12.196 12.109  1.00 31.12 ? 30  GLU A CD    1 
ATOM   51   O OE1   . GLU A 1 9   ? 5.905   -12.571 10.936  1.00 41.28 ? 30  GLU A OE1   1 
ATOM   52   O OE2   . GLU A 1 9   ? 5.553   -12.689 13.100  1.00 26.36 ? 30  GLU A OE2   1 
ATOM   53   N N     . SER A 1 10  ? 5.209   -7.055  13.262  1.00 17.86 ? 31  SER A N     1 
ATOM   54   C CA    . SER A 1 10  ? 4.706   -5.970  14.095  1.00 12.96 ? 31  SER A CA    1 
ATOM   55   C C     . SER A 1 10  ? 3.301   -5.559  13.682  1.00 14.06 ? 31  SER A C     1 
ATOM   56   O O     . SER A 1 10  ? 2.438   -5.319  14.527  1.00 13.48 ? 31  SER A O     1 
ATOM   57   C CB    . SER A 1 10  ? 5.666   -4.783  14.070  1.00 16.84 ? 31  SER A CB    1 
ATOM   58   O OG    . SER A 1 10  ? 6.864   -5.145  14.733  1.00 18.42 ? 31  SER A OG    1 
ATOM   59   N N     . CYS A 1 11  ? 3.064   -5.490  12.379  1.00 13.62 ? 32  CYS A N     1 
ATOM   60   C CA    . CYS A 1 11  ? 1.752   -5.097  11.902  1.00 10.42 ? 32  CYS A CA    1 
ATOM   61   C C     . CYS A 1 11  ? 0.701   -6.170  12.215  1.00 16.63 ? 32  CYS A C     1 
ATOM   62   O O     . CYS A 1 11  ? -0.461  -5.850  12.463  1.00 14.54 ? 32  CYS A O     1 
ATOM   63   C CB    . CYS A 1 11  ? 1.790   -4.729  10.414  1.00 10.71 ? 32  CYS A CB    1 
ATOM   64   S SG    . CYS A 1 11  ? 2.412   -3.035  10.127  1.00 12.98 ? 32  CYS A SG    1 
ATOM   65   N N     . SER A 1 12  ? 1.111   -7.434  12.246  1.00 12.55 ? 33  SER A N     1 
ATOM   66   C CA    . SER A 1 12  ? 0.178   -8.501  12.621  1.00 14.68 ? 33  SER A CA    1 
ATOM   67   C C     . SER A 1 12  ? -0.238  -8.356  14.083  1.00 19.31 ? 33  SER A C     1 
ATOM   68   O O     . SER A 1 12  ? -1.337  -8.756  14.476  1.00 17.28 ? 33  SER A O     1 
ATOM   69   C CB    . SER A 1 12  ? 0.776   -9.886  12.372  1.00 17.54 ? 33  SER A CB    1 
ATOM   70   O OG    . SER A 1 12  ? 1.695   -10.227 13.397  1.00 22.39 ? 33  SER A OG    1 
ATOM   71   N N     . ASN A 1 13  ? 0.637   -7.770  14.892  1.00 20.97 ? 34  ASN A N     1 
ATOM   72   C CA    . ASN A 1 13  ? 0.320   -7.544  16.298  1.00 16.76 ? 34  ASN A CA    1 
ATOM   73   C C     . ASN A 1 13  ? -0.438  -6.241  16.499  1.00 19.06 ? 34  ASN A C     1 
ATOM   74   O O     . ASN A 1 13  ? -1.291  -6.136  17.377  1.00 18.71 ? 34  ASN A O     1 
ATOM   75   C CB    . ASN A 1 13  ? 1.591   -7.582  17.157  1.00 18.56 ? 34  ASN A CB    1 
ATOM   76   C CG    . ASN A 1 13  ? 2.032   -9.002  17.480  1.00 28.56 ? 34  ASN A CG    1 
ATOM   77   O OD1   . ASN A 1 13  ? 1.206   -9.860  17.796  1.00 28.42 ? 34  ASN A OD1   1 
ATOM   78   N ND2   . ASN A 1 13  ? 3.334   -9.256  17.397  1.00 19.64 ? 34  ASN A ND2   1 
ATOM   79   N N     . ALA A 1 14  ? -0.134  -5.254  15.664  1.00 14.49 ? 35  ALA A N     1 
ATOM   80   C CA    . ALA A 1 14  ? -0.744  -3.939  15.790  1.00 14.24 ? 35  ALA A CA    1 
ATOM   81   C C     . ALA A 1 14  ? -2.203  -3.959  15.352  1.00 21.92 ? 35  ALA A C     1 
ATOM   82   O O     . ALA A 1 14  ? -3.010  -3.167  15.831  1.00 21.04 ? 35  ALA A O     1 
ATOM   83   C CB    . ALA A 1 14  ? 0.041   -2.914  14.968  1.00 18.99 ? 35  ALA A CB    1 
ATOM   84   N N     . VAL A 1 15  ? -2.531  -4.866  14.437  1.00 15.63 ? 36  VAL A N     1 
ATOM   85   C CA    . VAL A 1 15  ? -3.869  -4.932  13.866  1.00 15.12 ? 36  VAL A CA    1 
ATOM   86   C C     . VAL A 1 15  ? -4.693  -6.061  14.488  1.00 16.44 ? 36  VAL A C     1 
ATOM   87   O O     . VAL A 1 15  ? -4.312  -7.228  14.414  1.00 14.00 ? 36  VAL A O     1 
ATOM   88   C CB    . VAL A 1 15  ? -3.793  -5.159  12.351  1.00 13.68 ? 36  VAL A CB    1 
ATOM   89   C CG1   . VAL A 1 15  ? -5.192  -5.224  11.756  1.00 11.61 ? 36  VAL A CG1   1 
ATOM   90   C CG2   . VAL A 1 15  ? -2.940  -4.067  11.696  1.00 11.90 ? 36  VAL A CG2   1 
ATOM   91   N N     . GLN A 1 16  ? -5.823  -5.706  15.096  1.00 16.09 ? 37  GLN A N     1 
ATOM   92   C CA    . GLN A 1 16  ? -6.705  -6.699  15.693  1.00 17.37 ? 37  GLN A CA    1 
ATOM   93   C C     . GLN A 1 16  ? -7.110  -7.747  14.656  1.00 17.23 ? 37  GLN A C     1 
ATOM   94   O O     . GLN A 1 16  ? -7.583  -7.410  13.571  1.00 18.00 ? 37  GLN A O     1 
ATOM   95   C CB    . GLN A 1 16  ? -7.941  -6.024  16.286  1.00 23.60 ? 37  GLN A CB    1 
ATOM   96   C CG    . GLN A 1 16  ? -8.959  -6.995  16.865  1.00 42.37 ? 37  GLN A CG    1 
ATOM   97   C CD    . GLN A 1 16  ? -9.895  -6.330  17.855  1.00 54.70 ? 37  GLN A CD    1 
ATOM   98   O OE1   . GLN A 1 16  ? -9.457  -5.604  18.751  1.00 50.27 ? 37  GLN A OE1   1 
ATOM   99   N NE2   . GLN A 1 16  ? -11.193 -6.581  17.705  1.00 62.65 ? 37  GLN A NE2   1 
ATOM   100  N N     . GLY A 1 17  ? -6.900  -9.015  14.991  1.00 15.73 ? 38  GLY A N     1 
ATOM   101  C CA    . GLY A 1 17  ? -7.238  -10.118 14.110  1.00 15.03 ? 38  GLY A CA    1 
ATOM   102  C C     . GLY A 1 17  ? -6.148  -10.516 13.124  1.00 15.67 ? 38  GLY A C     1 
ATOM   103  O O     . GLY A 1 17  ? -6.232  -11.572 12.496  1.00 15.16 ? 38  GLY A O     1 
ATOM   104  N N     . ALA A 1 18  ? -5.115  -9.686  12.985  1.00 12.96 ? 39  ALA A N     1 
ATOM   105  C CA    . ALA A 1 18  ? -4.092  -9.916  11.962  1.00 11.86 ? 39  ALA A CA    1 
ATOM   106  C C     . ALA A 1 18  ? -3.021  -10.923 12.368  1.00 12.31 ? 39  ALA A C     1 
ATOM   107  O O     . ALA A 1 18  ? -2.203  -11.345 11.540  1.00 15.27 ? 39  ALA A O     1 
ATOM   108  C CB    . ALA A 1 18  ? -3.434  -8.590  11.565  1.00 13.52 ? 39  ALA A CB    1 
ATOM   109  N N     . ALA A 1 19  ? -2.998  -11.277 13.648  1.00 15.76 ? 40  ALA A N     1 
ATOM   110  C CA    . ALA A 1 19  ? -2.046  -12.266 14.139  1.00 20.76 ? 40  ALA A CA    1 
ATOM   111  C C     . ALA A 1 19  ? -2.658  -13.643 13.924  1.00 19.24 ? 40  ALA A C     1 
ATOM   112  O O     . ALA A 1 19  ? -2.873  -14.402 14.868  1.00 19.39 ? 40  ALA A O     1 
ATOM   113  C CB    . ALA A 1 19  ? -1.744  -12.022 15.608  1.00 15.83 ? 40  ALA A CB    1 
ATOM   114  N N     . ASN A 1 20  ? -2.940  -13.937 12.659  1.00 14.35 ? 41  ASN A N     1 
ATOM   115  C CA    . ASN A 1 20  ? -3.763  -15.069 12.260  1.00 13.52 ? 41  ASN A CA    1 
ATOM   116  C C     . ASN A 1 20  ? -2.978  -15.881 11.257  1.00 19.04 ? 41  ASN A C     1 
ATOM   117  O O     . ASN A 1 20  ? -2.551  -15.347 10.238  1.00 20.75 ? 41  ASN A O     1 
ATOM   118  C CB    . ASN A 1 20  ? -5.057  -14.554 11.614  1.00 15.04 ? 41  ASN A CB    1 
ATOM   119  C CG    . ASN A 1 20  ? -5.995  -15.668 11.198  1.00 22.02 ? 41  ASN A CG    1 
ATOM   120  O OD1   . ASN A 1 20  ? -6.776  -16.182 12.004  1.00 19.50 ? 41  ASN A OD1   1 
ATOM   121  N ND2   . ASN A 1 20  ? -5.949  -16.025 9.925   1.00 13.18 ? 41  ASN A ND2   1 
ATOM   122  N N     . ASP A 1 21  ? -2.782  -17.165 11.550  1.00 20.63 ? 42  ASP A N     1 
ATOM   123  C CA    . ASP A 1 21  ? -1.974  -18.051 10.706  1.00 24.87 ? 42  ASP A CA    1 
ATOM   124  C C     . ASP A 1 21  ? -2.382  -18.023 9.240   1.00 20.42 ? 42  ASP A C     1 
ATOM   125  O O     . ASP A 1 21  ? -1.543  -17.878 8.353   1.00 30.27 ? 42  ASP A O     1 
ATOM   126  C CB    . ASP A 1 21  ? -2.062  -19.498 11.207  1.00 26.81 ? 42  ASP A CB    1 
ATOM   127  C CG    . ASP A 1 21  ? -1.211  -19.748 12.436  1.00 30.35 ? 42  ASP A CG    1 
ATOM   128  O OD1   . ASP A 1 21  ? -0.333  -18.911 12.729  1.00 32.51 ? 42  ASP A OD1   1 
ATOM   129  O OD2   . ASP A 1 21  ? -1.425  -20.785 13.104  1.00 32.46 ? 42  ASP A OD2   1 
ATOM   130  N N     . GLU A 1 22  ? -3.675  -18.185 8.992   1.00 15.83 ? 43  GLU A N     1 
ATOM   131  C CA    . GLU A 1 22  ? -4.172  -18.298 7.630   1.00 26.16 ? 43  GLU A CA    1 
ATOM   132  C C     . GLU A 1 22  ? -4.019  -16.999 6.837   1.00 32.06 ? 43  GLU A C     1 
ATOM   133  O O     . GLU A 1 22  ? -3.745  -17.022 5.636   1.00 26.35 ? 43  GLU A O     1 
ATOM   134  C CB    . GLU A 1 22  ? -5.628  -18.755 7.638   1.00 29.15 ? 43  GLU A CB    1 
ATOM   135  C CG    . GLU A 1 22  ? -6.159  -19.098 6.264   1.00 44.89 ? 43  GLU A CG    1 
ATOM   136  C CD    . GLU A 1 22  ? -7.407  -19.939 6.333   1.00 47.00 ? 43  GLU A CD    1 
ATOM   137  O OE1   . GLU A 1 22  ? -7.414  -20.921 7.108   1.00 42.49 ? 43  GLU A OE1   1 
ATOM   138  O OE2   . GLU A 1 22  ? -8.377  -19.621 5.613   1.00 53.34 ? 43  GLU A OE2   1 
ATOM   139  N N     . LEU A 1 23  ? -4.206  -15.868 7.506   1.00 20.46 ? 44  LEU A N     1 
ATOM   140  C CA    . LEU A 1 23  ? -3.977  -14.579 6.864   1.00 16.95 ? 44  LEU A CA    1 
ATOM   141  C C     . LEU A 1 23  ? -2.487  -14.325 6.646   1.00 19.65 ? 44  LEU A C     1 
ATOM   142  O O     . LEU A 1 23  ? -2.089  -13.831 5.595   1.00 24.27 ? 44  LEU A O     1 
ATOM   143  C CB    . LEU A 1 23  ? -4.568  -13.448 7.703   1.00 14.94 ? 44  LEU A CB    1 
ATOM   144  C CG    . LEU A 1 23  ? -6.088  -13.286 7.699   1.00 16.77 ? 44  LEU A CG    1 
ATOM   145  C CD1   . LEU A 1 23  ? -6.474  -12.190 8.678   1.00 16.89 ? 44  LEU A CD1   1 
ATOM   146  C CD2   . LEU A 1 23  ? -6.628  -12.978 6.292   1.00 17.95 ? 44  LEU A CD2   1 
ATOM   147  N N     . LYS A 1 24  ? -1.667  -14.654 7.642   1.00 21.23 ? 45  LYS A N     1 
ATOM   148  C CA    . LYS A 1 24  ? -0.228  -14.411 7.542   1.00 29.29 ? 45  LYS A CA    1 
ATOM   149  C C     . LYS A 1 24  ? 0.406   -15.263 6.446   1.00 28.31 ? 45  LYS A C     1 
ATOM   150  O O     . LYS A 1 24  ? 1.421   -14.888 5.854   1.00 28.70 ? 45  LYS A O     1 
ATOM   151  C CB    . LYS A 1 24  ? 0.465   -14.600 8.893   1.00 23.47 ? 45  LYS A CB    1 
ATOM   152  C CG    . LYS A 1 24  ? 0.261   -13.409 9.827   1.00 21.88 ? 45  LYS A CG    1 
ATOM   153  C CD    . LYS A 1 24  ? 0.882   -13.636 11.195  1.00 29.22 ? 45  LYS A CD    1 
ATOM   154  C CE    . LYS A 1 24  ? 2.390   -13.522 11.139  1.00 33.26 ? 45  LYS A CE    1 
ATOM   155  N NZ    . LYS A 1 24  ? 2.980   -13.589 12.500  1.00 41.77 ? 45  LYS A NZ    1 
ATOM   156  N N     . VAL A 1 25  ? -0.209  -16.403 6.166   1.00 28.92 ? 46  VAL A N     1 
ATOM   157  C CA    . VAL A 1 25  ? 0.187   -17.216 5.028   1.00 30.94 ? 46  VAL A CA    1 
ATOM   158  C C     . VAL A 1 25  ? 0.029   -16.427 3.727   1.00 32.78 ? 46  VAL A C     1 
ATOM   159  O O     . VAL A 1 25  ? 0.945   -16.390 2.902   1.00 39.73 ? 46  VAL A O     1 
ATOM   160  C CB    . VAL A 1 25  ? -0.638  -18.511 4.960   1.00 29.94 ? 46  VAL A CB    1 
ATOM   161  C CG1   . VAL A 1 25  ? -0.585  -19.110 3.567   1.00 36.45 ? 46  VAL A CG1   1 
ATOM   162  C CG2   . VAL A 1 25  ? -0.136  -19.506 5.997   1.00 33.72 ? 46  VAL A CG2   1 
ATOM   163  N N     . HIS A 1 26  ? -1.133  -15.803 3.540   1.00 31.08 ? 47  HIS A N     1 
ATOM   164  C CA    . HIS A 1 26  ? -1.358  -14.942 2.378   1.00 26.83 ? 47  HIS A CA    1 
ATOM   165  C C     . HIS A 1 26  ? -0.359  -13.788 2.328   1.00 31.39 ? 47  HIS A C     1 
ATOM   166  O O     . HIS A 1 26  ? 0.228   -13.508 1.283   1.00 43.37 ? 47  HIS A O     1 
ATOM   167  C CB    . HIS A 1 26  ? -2.775  -14.365 2.382   1.00 29.33 ? 47  HIS A CB    1 
ATOM   168  C CG    . HIS A 1 26  ? -3.853  -15.373 2.126   1.00 38.60 ? 47  HIS A CG    1 
ATOM   169  N ND1   . HIS A 1 26  ? -4.098  -15.903 0.879   1.00 42.78 ? 47  HIS A ND1   1 
ATOM   170  C CD2   . HIS A 1 26  ? -4.769  -15.926 2.956   1.00 33.97 ? 47  HIS A CD2   1 
ATOM   171  C CE1   . HIS A 1 26  ? -5.108  -16.749 0.953   1.00 46.80 ? 47  HIS A CE1   1 
ATOM   172  N NE2   . HIS A 1 26  ? -5.535  -16.781 2.202   1.00 44.89 ? 47  HIS A NE2   1 
ATOM   173  N N     . TYR A 1 27  ? -0.177  -13.111 3.458   1.00 21.24 ? 48  TYR A N     1 
ATOM   174  C CA    . TYR A 1 27  ? 0.663   -11.915 3.513   1.00 26.35 ? 48  TYR A CA    1 
ATOM   175  C C     . TYR A 1 27  ? 2.117   -12.175 3.118   1.00 35.15 ? 48  TYR A C     1 
ATOM   176  O O     . TYR A 1 27  ? 2.734   -11.369 2.419   1.00 31.16 ? 48  TYR A O     1 
ATOM   177  C CB    . TYR A 1 27  ? 0.621   -11.282 4.907   1.00 27.93 ? 48  TYR A CB    1 
ATOM   178  C CG    . TYR A 1 27  ? -0.770  -10.914 5.397   1.00 21.00 ? 48  TYR A CG    1 
ATOM   179  C CD1   . TYR A 1 27  ? -1.814  -10.698 4.507   1.00 19.23 ? 48  TYR A CD1   1 
ATOM   180  C CD2   . TYR A 1 27  ? -1.019  -10.755 6.750   1.00 18.95 ? 48  TYR A CD2   1 
ATOM   181  C CE1   . TYR A 1 27  ? -3.081  -10.355 4.956   1.00 18.97 ? 48  TYR A CE1   1 
ATOM   182  C CE2   . TYR A 1 27  ? -2.272  -10.407 7.209   1.00 17.08 ? 48  TYR A CE2   1 
ATOM   183  C CZ    . TYR A 1 27  ? -3.297  -10.209 6.312   1.00 15.58 ? 48  TYR A CZ    1 
ATOM   184  O OH    . TYR A 1 27  ? -4.538  -9.864  6.786   1.00 14.41 ? 48  TYR A OH    1 
ATOM   185  N N     . ARG A 1 28  ? 2.674   -13.288 3.583   1.00 36.90 ? 49  ARG A N     1 
ATOM   186  C CA    . ARG A 1 28  ? 4.047   -13.636 3.237   1.00 30.28 ? 49  ARG A CA    1 
ATOM   187  C C     . ARG A 1 28  ? 4.109   -14.071 1.775   1.00 39.23 ? 49  ARG A C     1 
ATOM   188  O O     . ARG A 1 28  ? 5.175   -14.072 1.161   1.00 51.87 ? 49  ARG A O     1 
ATOM   189  C CB    . ARG A 1 28  ? 4.578   -14.733 4.164   1.00 28.48 ? 49  ARG A CB    1 
ATOM   190  C CG    . ARG A 1 28  ? 4.804   -14.272 5.607   1.00 39.10 ? 49  ARG A CG    1 
ATOM   191  C CD    . ARG A 1 28  ? 4.945   -15.455 6.560   1.00 48.55 ? 49  ARG A CD    1 
ATOM   192  N NE    . ARG A 1 28  ? 5.280   -15.043 7.923   1.00 49.23 ? 49  ARG A NE    1 
ATOM   193  C CZ    . ARG A 1 28  ? 5.085   -15.803 8.998   1.00 56.98 ? 49  ARG A CZ    1 
ATOM   194  N NH1   . ARG A 1 28  ? 4.545   -17.010 8.868   1.00 52.53 ? 49  ARG A NH1   1 
ATOM   195  N NH2   . ARG A 1 28  ? 5.417   -15.357 10.205  1.00 48.04 ? 49  ARG A NH2   1 
ATOM   196  N N     . ALA A 1 29  ? 2.952   -14.431 1.227   1.00 33.07 ? 50  ALA A N     1 
ATOM   197  C CA    . ALA A 1 29  ? 2.824   -14.792 -0.180  1.00 35.84 ? 50  ALA A CA    1 
ATOM   198  C C     . ALA A 1 29  ? 2.359   -13.607 -1.031  1.00 46.96 ? 50  ALA A C     1 
ATOM   199  O O     . ALA A 1 29  ? 1.898   -13.784 -2.162  1.00 44.77 ? 50  ALA A O     1 
ATOM   200  C CB    . ALA A 1 29  ? 1.856   -15.953 -0.333  1.00 32.47 ? 50  ALA A CB    1 
ATOM   201  N N     . ASN A 1 30  ? 2.467   -12.404 -0.474  1.00 41.06 ? 51  ASN A N     1 
ATOM   202  C CA    . ASN A 1 30  ? 2.074   -11.179 -1.170  1.00 39.75 ? 51  ASN A CA    1 
ATOM   203  C C     . ASN A 1 30  ? 0.664   -11.182 -1.762  1.00 34.92 ? 51  ASN A C     1 
ATOM   204  O O     . ASN A 1 30  ? 0.414   -10.573 -2.803  1.00 33.57 ? 51  ASN A O     1 
ATOM   205  C CB    . ASN A 1 30  ? 3.106   -10.810 -2.237  1.00 43.85 ? 51  ASN A CB    1 
ATOM   206  C CG    . ASN A 1 30  ? 4.370   -10.234 -1.638  1.00 45.41 ? 51  ASN A CG    1 
ATOM   207  O OD1   . ASN A 1 30  ? 5.470   -10.719 -1.896  1.00 56.79 ? 51  ASN A OD1   1 
ATOM   208  N ND2   . ASN A 1 30  ? 4.216   -9.200  -0.819  1.00 48.47 ? 51  ASN A ND2   1 
ATOM   209  N N     . GLU A 1 31  ? -0.257  -11.868 -1.092  1.00 33.59 ? 52  GLU A N     1 
ATOM   210  C CA    . GLU A 1 31  ? -1.668  -11.778 -1.450  1.00 36.86 ? 52  GLU A CA    1 
ATOM   211  C C     . GLU A 1 31  ? -2.448  -11.143 -0.308  1.00 32.42 ? 52  GLU A C     1 
ATOM   212  O O     . GLU A 1 31  ? -2.275  -11.511 0.857   1.00 27.40 ? 52  GLU A O     1 
ATOM   213  C CB    . GLU A 1 31  ? -2.239  -13.144 -1.823  1.00 40.46 ? 52  GLU A CB    1 
ATOM   214  C CG    . GLU A 1 31  ? -1.634  -14.305 -1.067  1.00 53.23 ? 52  GLU A CG    1 
ATOM   215  C CD    . GLU A 1 31  ? -1.907  -15.636 -1.744  1.00 59.47 ? 52  GLU A CD    1 
ATOM   216  O OE1   . GLU A 1 31  ? -2.958  -15.763 -2.414  1.00 59.06 ? 52  GLU A OE1   1 
ATOM   217  O OE2   . GLU A 1 31  ? -1.067  -16.549 -1.609  1.00 58.71 ? 52  GLU A OE2   1 
ATOM   218  N N     . PHE A 1 32  ? -3.296  -10.176 -0.644  1.00 24.32 ? 53  PHE A N     1 
ATOM   219  C CA    . PHE A 1 32  ? -3.983  -9.386  0.374   1.00 20.13 ? 53  PHE A CA    1 
ATOM   220  C C     . PHE A 1 32  ? -5.482  -9.350  0.133   1.00 21.43 ? 53  PHE A C     1 
ATOM   221  O O     . PHE A 1 32  ? -5.992  -8.498  -0.596  1.00 24.56 ? 53  PHE A O     1 
ATOM   222  C CB    . PHE A 1 32  ? -3.371  -7.989  0.451   1.00 17.22 ? 53  PHE A CB    1 
ATOM   223  C CG    . PHE A 1 32  ? -1.878  -8.004  0.604   1.00 21.98 ? 53  PHE A CG    1 
ATOM   224  C CD1   . PHE A 1 32  ? -1.051  -7.897  -0.503  1.00 21.10 ? 53  PHE A CD1   1 
ATOM   225  C CD2   . PHE A 1 32  ? -1.296  -8.155  1.855   1.00 18.54 ? 53  PHE A CD2   1 
ATOM   226  C CE1   . PHE A 1 32  ? 0.323   -7.926  -0.363  1.00 26.12 ? 53  PHE A CE1   1 
ATOM   227  C CE2   . PHE A 1 32  ? 0.074   -8.177  2.004   1.00 20.33 ? 53  PHE A CE2   1 
ATOM   228  C CZ    . PHE A 1 32  ? 0.888   -8.066  0.897   1.00 28.92 ? 53  PHE A CZ    1 
ATOM   229  N N     . PRO A 1 33  ? -6.195  -10.308 0.742   1.00 22.93 ? 54  PRO A N     1 
ATOM   230  C CA    . PRO A 1 33  ? -7.627  -10.504 0.523   1.00 24.17 ? 54  PRO A CA    1 
ATOM   231  C C     . PRO A 1 33  ? -8.416  -9.255  0.873   1.00 24.40 ? 54  PRO A C     1 
ATOM   232  O O     . PRO A 1 33  ? -7.979  -8.435  1.692   1.00 16.87 ? 54  PRO A O     1 
ATOM   233  C CB    . PRO A 1 33  ? -7.970  -11.651 1.481   1.00 22.32 ? 54  PRO A CB    1 
ATOM   234  C CG    . PRO A 1 33  ? -6.690  -12.389 1.646   1.00 26.86 ? 54  PRO A CG    1 
ATOM   235  C CD    . PRO A 1 33  ? -5.631  -11.326 1.642   1.00 24.18 ? 54  PRO A CD    1 
ATOM   236  N N     . ASP A 1 34  ? -9.574  -9.116  0.247   1.00 15.04 ? 55  ASP A N     1 
ATOM   237  C CA    . ASP A 1 34  ? -10.396 -7.937  0.434   1.00 24.43 ? 55  ASP A CA    1 
ATOM   238  C C     . ASP A 1 34  ? -11.269 -8.135  1.663   1.00 23.48 ? 55  ASP A C     1 
ATOM   239  O O     . ASP A 1 34  ? -12.469 -8.395  1.554   1.00 29.12 ? 55  ASP A O     1 
ATOM   240  C CB    . ASP A 1 34  ? -11.234 -7.680  -0.823  1.00 21.76 ? 55  ASP A CB    1 
ATOM   241  C CG    . ASP A 1 34  ? -11.848 -6.298  -0.848  1.00 31.13 ? 55  ASP A CG    1 
ATOM   242  O OD1   . ASP A 1 34  ? -11.926 -5.661  0.225   1.00 24.62 ? 55  ASP A OD1   1 
ATOM   243  O OD2   . ASP A 1 34  ? -12.262 -5.855  -1.945  1.00 30.13 ? 55  ASP A OD2   1 
ATOM   244  N N     . ASP A 1 35  ? -10.651 -8.017  2.835   1.00 19.28 ? 56  ASP A N     1 
ATOM   245  C CA    . ASP A 1 35  ? -11.337 -8.219  4.112   1.00 18.27 ? 56  ASP A CA    1 
ATOM   246  C C     . ASP A 1 35  ? -10.885 -7.154  5.106   1.00 15.50 ? 56  ASP A C     1 
ATOM   247  O O     . ASP A 1 35  ? -9.802  -6.597  4.948   1.00 14.04 ? 56  ASP A O     1 
ATOM   248  C CB    . ASP A 1 35  ? -11.063 -9.631  4.648   1.00 17.59 ? 56  ASP A CB    1 
ATOM   249  C CG    . ASP A 1 35  ? -9.681  -9.776  5.250   1.00 16.54 ? 56  ASP A CG    1 
ATOM   250  O OD1   . ASP A 1 35  ? -8.788  -10.326 4.569   1.00 17.78 ? 56  ASP A OD1   1 
ATOM   251  O OD2   . ASP A 1 35  ? -9.492  -9.344  6.410   1.00 13.44 ? 56  ASP A OD2   1 
ATOM   252  N N     . PRO A 1 36  ? -11.713 -6.860  6.129   1.00 19.32 ? 57  PRO A N     1 
ATOM   253  C CA    . PRO A 1 36  ? -11.440 -5.733  7.031   1.00 17.04 ? 57  PRO A CA    1 
ATOM   254  C C     . PRO A 1 36  ? -10.115 -5.846  7.796   1.00 15.81 ? 57  PRO A C     1 
ATOM   255  O O     . PRO A 1 36  ? -9.466  -4.828  8.038   1.00 13.52 ? 57  PRO A O     1 
ATOM   256  C CB    . PRO A 1 36  ? -12.623 -5.762  8.011   1.00 26.54 ? 57  PRO A CB    1 
ATOM   257  C CG    . PRO A 1 36  ? -13.674 -6.583  7.329   1.00 31.37 ? 57  PRO A CG    1 
ATOM   258  C CD    . PRO A 1 36  ? -12.933 -7.589  6.517   1.00 21.35 ? 57  PRO A CD    1 
ATOM   259  N N     . VAL A 1 37  ? -9.718  -7.056  8.175   1.00 14.32 ? 58  VAL A N     1 
ATOM   260  C CA    . VAL A 1 37  ? -8.459  -7.218  8.899   1.00 12.69 ? 58  VAL A CA    1 
ATOM   261  C C     . VAL A 1 37  ? -7.303  -6.908  7.961   1.00 12.37 ? 58  VAL A C     1 
ATOM   262  O O     . VAL A 1 37  ? -6.410  -6.126  8.284   1.00 13.69 ? 58  VAL A O     1 
ATOM   263  C CB    . VAL A 1 37  ? -8.319  -8.626  9.506   1.00 16.60 ? 58  VAL A CB    1 
ATOM   264  C CG1   . VAL A 1 37  ? -6.941  -8.821  10.127  1.00 14.07 ? 58  VAL A CG1   1 
ATOM   265  C CG2   . VAL A 1 37  ? -9.417  -8.856  10.547  1.00 12.51 ? 58  VAL A CG2   1 
ATOM   266  N N     . THR A 1 38  ? -7.334  -7.497  6.776   1.00 10.74 ? 59  THR A N     1 
ATOM   267  C CA    . THR A 1 38  ? -6.291  -7.237  5.795   1.00 10.07 ? 59  THR A CA    1 
ATOM   268  C C     . THR A 1 38  ? -6.240  -5.760  5.432   1.00 9.54  ? 59  THR A C     1 
ATOM   269  O O     . THR A 1 38  ? -5.159  -5.197  5.290   1.00 12.01 ? 59  THR A O     1 
ATOM   270  C CB    . THR A 1 38  ? -6.479  -8.103  4.528   1.00 17.18 ? 59  THR A CB    1 
ATOM   271  O OG1   . THR A 1 38  ? -6.328  -9.484  4.882   1.00 12.42 ? 59  THR A OG1   1 
ATOM   272  C CG2   . THR A 1 38  ? -5.447  -7.740  3.462   1.00 8.11  ? 59  THR A CG2   1 
ATOM   273  N N     . HIS A 1 39  ? -7.399  -5.120  5.290   1.00 10.38 ? 60  HIS A N     1 
ATOM   274  C CA    . HIS A 1 39  ? -7.397  -3.684  4.993   1.00 12.99 ? 60  HIS A CA    1 
ATOM   275  C C     . HIS A 1 39  ? -6.491  -2.932  5.962   1.00 11.73 ? 60  HIS A C     1 
ATOM   276  O O     . HIS A 1 39  ? -5.656  -2.112  5.557   1.00 11.86 ? 60  HIS A O     1 
ATOM   277  C CB    . HIS A 1 39  ? -8.805  -3.081  5.076   1.00 10.30 ? 60  HIS A CB    1 
ATOM   278  C CG    . HIS A 1 39  ? -9.747  -3.577  4.025   1.00 16.05 ? 60  HIS A CG    1 
ATOM   279  N ND1   . HIS A 1 39  ? -11.101 -3.320  4.063   1.00 18.23 ? 60  HIS A ND1   1 
ATOM   280  C CD2   . HIS A 1 39  ? -9.535  -4.311  2.908   1.00 12.96 ? 60  HIS A CD2   1 
ATOM   281  C CE1   . HIS A 1 39  ? -11.682 -3.875  3.016   1.00 16.98 ? 60  HIS A CE1   1 
ATOM   282  N NE2   . HIS A 1 39  ? -10.755 -4.482  2.298   1.00 16.10 ? 60  HIS A NE2   1 
ATOM   283  N N     . CYS A 1 40  ? -6.682  -3.187  7.250   1.00 10.09 ? 61  CYS A N     1 
ATOM   284  C CA    . CYS A 1 40  ? -5.892  -2.517  8.280   1.00 12.84 ? 61  CYS A CA    1 
ATOM   285  C C     . CYS A 1 40  ? -4.444  -2.980  8.288   1.00 12.17 ? 61  CYS A C     1 
ATOM   286  O O     . CYS A 1 40  ? -3.536  -2.209  8.599   1.00 14.05 ? 61  CYS A O     1 
ATOM   287  C CB    . CYS A 1 40  ? -6.519  -2.706  9.661   1.00 10.70 ? 61  CYS A CB    1 
ATOM   288  S SG    . CYS A 1 40  ? -8.061  -1.835  9.802   1.00 14.45 ? 61  CYS A SG    1 
ATOM   289  N N     . PHE A 1 41  ? -4.227  -4.239  7.951   1.00 11.68 ? 62  PHE A N     1 
ATOM   290  C CA    . PHE A 1 41  ? -2.867  -4.751  7.878   1.00 12.58 ? 62  PHE A CA    1 
ATOM   291  C C     . PHE A 1 41  ? -2.106  -4.023  6.762   1.00 16.69 ? 62  PHE A C     1 
ATOM   292  O O     . PHE A 1 41  ? -0.970  -3.576  6.948   1.00 12.75 ? 62  PHE A O     1 
ATOM   293  C CB    . PHE A 1 41  ? -2.892  -6.258  7.629   1.00 10.48 ? 62  PHE A CB    1 
ATOM   294  C CG    . PHE A 1 41  ? -1.524  -6.878  7.511   1.00 12.87 ? 62  PHE A CG    1 
ATOM   295  C CD1   . PHE A 1 41  ? -0.789  -7.179  8.645   1.00 13.04 ? 62  PHE A CD1   1 
ATOM   296  C CD2   . PHE A 1 41  ? -0.986  -7.173  6.270   1.00 14.71 ? 62  PHE A CD2   1 
ATOM   297  C CE1   . PHE A 1 41  ? 0.466   -7.760  8.539   1.00 13.53 ? 62  PHE A CE1   1 
ATOM   298  C CE2   . PHE A 1 41  ? 0.269   -7.746  6.150   1.00 16.76 ? 62  PHE A CE2   1 
ATOM   299  C CZ    . PHE A 1 41  ? 0.997   -8.044  7.284   1.00 16.38 ? 62  PHE A CZ    1 
ATOM   300  N N     . VAL A 1 42  ? -2.745  -3.895  5.604   1.00 12.48 ? 63  VAL A N     1 
ATOM   301  C CA    . VAL A 1 42  ? -2.138  -3.192  4.484   1.00 12.79 ? 63  VAL A CA    1 
ATOM   302  C C     . VAL A 1 42  ? -1.822  -1.741  4.845   1.00 10.15 ? 63  VAL A C     1 
ATOM   303  O O     . VAL A 1 42  ? -0.740  -1.243  4.544   1.00 14.76 ? 63  VAL A O     1 
ATOM   304  C CB    . VAL A 1 42  ? -3.024  -3.255  3.253   1.00 11.68 ? 63  VAL A CB    1 
ATOM   305  C CG1   . VAL A 1 42  ? -2.578  -2.215  2.222   1.00 11.96 ? 63  VAL A CG1   1 
ATOM   306  C CG2   . VAL A 1 42  ? -3.003  -4.671  2.687   1.00 11.90 ? 63  VAL A CG2   1 
ATOM   307  N N     . ARG A 1 43  ? -2.761  -1.071  5.500   1.00 10.26 ? 64  ARG A N     1 
ATOM   308  C CA    . ARG A 1 43  ? -2.512  0.282   6.001   1.00 9.84  ? 64  ARG A CA    1 
ATOM   309  C C     . ARG A 1 43  ? -1.297  0.331   6.930   1.00 10.33 ? 64  ARG A C     1 
ATOM   310  O O     . ARG A 1 43  ? -0.440  1.207   6.807   1.00 8.33  ? 64  ARG A O     1 
ATOM   311  C CB    . ARG A 1 43  ? -3.735  0.807   6.750   1.00 10.59 ? 64  ARG A CB    1 
ATOM   312  C CG    . ARG A 1 43  ? -3.477  2.116   7.466   1.00 10.19 ? 64  ARG A CG    1 
ATOM   313  C CD    . ARG A 1 43  ? -4.742  2.694   8.063   1.00 13.64 ? 64  ARG A CD    1 
ATOM   314  N NE    . ARG A 1 43  ? -4.447  3.909   8.818   1.00 18.29 ? 64  ARG A NE    1 
ATOM   315  C CZ    . ARG A 1 43  ? -4.162  3.932   10.116  1.00 23.24 ? 64  ARG A CZ    1 
ATOM   316  N NH1   . ARG A 1 43  ? -4.153  2.805   10.820  1.00 18.57 ? 64  ARG A NH1   1 
ATOM   317  N NH2   . ARG A 1 43  ? -3.896  5.083   10.715  1.00 20.49 ? 64  ARG A NH2   1 
ATOM   318  N N     . CYS A 1 44  ? -1.235  -0.604  7.869   1.00 9.08  ? 65  CYS A N     1 
ATOM   319  C CA    . CYS A 1 44  ? -0.130  -0.650  8.822   1.00 7.89  ? 65  CYS A CA    1 
ATOM   320  C C     . CYS A 1 44  ? 1.223   -0.778  8.122   1.00 10.40 ? 65  CYS A C     1 
ATOM   321  O O     . CYS A 1 44  ? 2.172   -0.086  8.482   1.00 13.88 ? 65  CYS A O     1 
ATOM   322  C CB    . CYS A 1 44  ? -0.319  -1.791  9.825   1.00 15.26 ? 65  CYS A CB    1 
ATOM   323  S SG    . CYS A 1 44  ? 1.006   -1.910  11.064  1.00 13.14 ? 65  CYS A SG    1 
ATOM   324  N N     . ILE A 1 45  ? 1.311   -1.660  7.130   1.00 12.96 ? 66  ILE A N     1 
ATOM   325  C CA    . ILE A 1 45  ? 2.562   -1.861  6.390   1.00 13.64 ? 66  ILE A CA    1 
ATOM   326  C C     . ILE A 1 45  ? 2.924   -0.606  5.599   1.00 13.87 ? 66  ILE A C     1 
ATOM   327  O O     . ILE A 1 45  ? 4.089   -0.223  5.521   1.00 11.36 ? 66  ILE A O     1 
ATOM   328  C CB    . ILE A 1 45  ? 2.457   -3.022  5.373   1.00 14.44 ? 66  ILE A CB    1 
ATOM   329  C CG1   . ILE A 1 45  ? 2.141   -4.356  6.063   1.00 20.11 ? 66  ILE A CG1   1 
ATOM   330  C CG2   . ILE A 1 45  ? 3.740   -3.122  4.547   1.00 20.30 ? 66  ILE A CG2   1 
ATOM   331  C CD1   . ILE A 1 45  ? 3.220   -4.854  6.985   1.00 20.50 ? 66  ILE A CD1   1 
ATOM   332  N N     . GLY A 1 46  ? 1.922   0.018   4.988   1.00 10.02 ? 67  GLY A N     1 
ATOM   333  C CA    . GLY A 1 46  ? 2.145   1.243   4.239   1.00 8.52  ? 67  GLY A CA    1 
ATOM   334  C C     . GLY A 1 46  ? 2.684   2.358   5.123   1.00 12.61 ? 67  GLY A C     1 
ATOM   335  O O     . GLY A 1 46  ? 3.608   3.068   4.752   1.00 10.42 ? 67  GLY A O     1 
ATOM   336  N N     . LEU A 1 47  ? 2.100   2.506   6.301   1.00 12.33 ? 68  LEU A N     1 
ATOM   337  C CA    . LEU A 1 47  ? 2.539   3.527   7.244   1.00 16.61 ? 68  LEU A CA    1 
ATOM   338  C C     . LEU A 1 47  ? 3.945   3.250   7.754   1.00 19.58 ? 68  LEU A C     1 
ATOM   339  O O     . LEU A 1 47  ? 4.770   4.161   7.825   1.00 14.80 ? 68  LEU A O     1 
ATOM   340  C CB    . LEU A 1 47  ? 1.564   3.636   8.423   1.00 10.29 ? 68  LEU A CB    1 
ATOM   341  C CG    . LEU A 1 47  ? 0.143   4.115   8.125   1.00 16.10 ? 68  LEU A CG    1 
ATOM   342  C CD1   . LEU A 1 47  ? -0.662  4.199   9.412   1.00 17.38 ? 68  LEU A CD1   1 
ATOM   343  C CD2   . LEU A 1 47  ? 0.139   5.462   7.406   1.00 15.70 ? 68  LEU A CD2   1 
ATOM   344  N N     . GLU A 1 48  ? 4.222   1.993   8.097   1.00 13.65 ? 69  GLU A N     1 
ATOM   345  C CA    . GLU A 1 48  ? 5.511   1.633   8.700   1.00 13.49 ? 69  GLU A CA    1 
ATOM   346  C C     . GLU A 1 48  ? 6.652   1.779   7.708   1.00 16.98 ? 69  GLU A C     1 
ATOM   347  O O     . GLU A 1 48  ? 7.741   2.225   8.067   1.00 15.71 ? 69  GLU A O     1 
ATOM   348  C CB    . GLU A 1 48  ? 5.493   0.203   9.250   1.00 13.90 ? 69  GLU A CB    1 
ATOM   349  C CG    . GLU A 1 48  ? 4.640   0.014   10.491  1.00 28.14 ? 69  GLU A CG    1 
ATOM   350  C CD    . GLU A 1 48  ? 5.278   0.596   11.754  1.00 36.35 ? 69  GLU A CD    1 
ATOM   351  O OE1   . GLU A 1 48  ? 6.451   1.029   11.712  1.00 26.89 ? 69  GLU A OE1   1 
ATOM   352  O OE2   . GLU A 1 48  ? 4.594   0.612   12.797  1.00 36.84 ? 69  GLU A OE2   1 
ATOM   353  N N     . LEU A 1 49  ? 6.392   1.414   6.457   1.00 15.86 ? 70  LEU A N     1 
ATOM   354  C CA    . LEU A 1 49  ? 7.410   1.499   5.420   1.00 13.37 ? 70  LEU A CA    1 
ATOM   355  C C     . LEU A 1 49  ? 7.447   2.881   4.773   1.00 17.11 ? 70  LEU A C     1 
ATOM   356  O O     . LEU A 1 49  ? 8.238   3.128   3.866   1.00 16.56 ? 70  LEU A O     1 
ATOM   357  C CB    . LEU A 1 49  ? 7.196   0.413   4.368   1.00 12.71 ? 70  LEU A CB    1 
ATOM   358  C CG    . LEU A 1 49  ? 7.356   -0.999  4.939   1.00 17.13 ? 70  LEU A CG    1 
ATOM   359  C CD1   . LEU A 1 49  ? 7.058   -2.062  3.898   1.00 16.21 ? 70  LEU A CD1   1 
ATOM   360  C CD2   . LEU A 1 49  ? 8.754   -1.175  5.499   1.00 20.95 ? 70  LEU A CD2   1 
ATOM   361  N N     . ASN A 1 50  ? 6.594   3.781   5.247   1.00 13.29 ? 71  ASN A N     1 
ATOM   362  C CA    . ASN A 1 50  ? 6.558   5.137   4.714   1.00 11.44 ? 71  ASN A CA    1 
ATOM   363  C C     . ASN A 1 50  ? 6.165   5.143   3.251   1.00 14.55 ? 71  ASN A C     1 
ATOM   364  O O     . ASN A 1 50  ? 6.605   6.012   2.497   1.00 14.10 ? 71  ASN A O     1 
ATOM   365  C CB    . ASN A 1 50  ? 7.921   5.812   4.850   1.00 20.16 ? 71  ASN A CB    1 
ATOM   366  C CG    . ASN A 1 50  ? 8.363   5.942   6.284   1.00 31.15 ? 71  ASN A CG    1 
ATOM   367  O OD1   . ASN A 1 50  ? 7.686   6.571   7.097   1.00 40.80 ? 71  ASN A OD1   1 
ATOM   368  N ND2   . ASN A 1 50  ? 9.510   5.357   6.604   1.00 34.98 ? 71  ASN A ND2   1 
ATOM   369  N N     . LEU A 1 51  ? 5.345   4.171   2.850   1.00 10.80 ? 72  LEU A N     1 
ATOM   370  C CA    . LEU A 1 51  ? 4.878   4.082   1.466   1.00 10.31 ? 72  LEU A CA    1 
ATOM   371  C C     . LEU A 1 51  ? 3.549   4.791   1.296   1.00 12.87 ? 72  LEU A C     1 
ATOM   372  O O     . LEU A 1 51  ? 3.123   5.080   0.174   1.00 13.14 ? 72  LEU A O     1 
ATOM   373  C CB    . LEU A 1 51  ? 4.682   2.624   1.062   1.00 11.60 ? 72  LEU A CB    1 
ATOM   374  C CG    . LEU A 1 51  ? 5.931   1.754   1.106   1.00 13.55 ? 72  LEU A CG    1 
ATOM   375  C CD1   . LEU A 1 51  ? 5.562   0.297   0.828   1.00 14.92 ? 72  LEU A CD1   1 
ATOM   376  C CD2   . LEU A 1 51  ? 6.929   2.273   0.094   1.00 11.62 ? 72  LEU A CD2   1 
ATOM   377  N N     . TYR A 1 52  ? 2.891   5.053   2.420   1.00 11.87 ? 73  TYR A N     1 
ATOM   378  C CA    . TYR A 1 52  ? 1.515   5.534   2.418   1.00 9.14  ? 73  TYR A CA    1 
ATOM   379  C C     . TYR A 1 52  ? 1.283   6.409   3.634   1.00 14.44 ? 73  TYR A C     1 
ATOM   380  O O     . TYR A 1 52  ? 1.948   6.246   4.658   1.00 14.64 ? 73  TYR A O     1 
ATOM   381  C CB    . TYR A 1 52  ? 0.532   4.352   2.449   1.00 14.85 ? 73  TYR A CB    1 
ATOM   382  C CG    . TYR A 1 52  ? -0.914  4.786   2.541   1.00 14.27 ? 73  TYR A CG    1 
ATOM   383  C CD1   . TYR A 1 52  ? -1.605  5.226   1.411   1.00 9.71  ? 73  TYR A CD1   1 
ATOM   384  C CD2   . TYR A 1 52  ? -1.582  4.789   3.766   1.00 8.90  ? 73  TYR A CD2   1 
ATOM   385  C CE1   . TYR A 1 52  ? -2.922  5.657   1.498   1.00 11.15 ? 73  TYR A CE1   1 
ATOM   386  C CE2   . TYR A 1 52  ? -2.901  5.209   3.862   1.00 12.04 ? 73  TYR A CE2   1 
ATOM   387  C CZ    . TYR A 1 52  ? -3.568  5.639   2.726   1.00 10.33 ? 73  TYR A CZ    1 
ATOM   388  O OH    . TYR A 1 52  ? -4.874  6.062   2.829   1.00 10.26 ? 73  TYR A OH    1 
ATOM   389  N N     . ASP A 1 53  ? 0.316   7.313   3.521   1.00 13.43 ? 74  ASP A N     1 
ATOM   390  C CA    . ASP A 1 53  ? -0.048  8.204   4.610   1.00 14.51 ? 74  ASP A CA    1 
ATOM   391  C C     . ASP A 1 53  ? -1.548  8.485   4.516   1.00 8.38  ? 74  ASP A C     1 
ATOM   392  O O     . ASP A 1 53  ? -2.056  8.655   3.419   1.00 14.24 ? 74  ASP A O     1 
ATOM   393  C CB    . ASP A 1 53  ? 0.758   9.499   4.491   1.00 13.91 ? 74  ASP A CB    1 
ATOM   394  C CG    . ASP A 1 53  ? 0.514   10.437  5.641   1.00 17.16 ? 74  ASP A CG    1 
ATOM   395  O OD1   . ASP A 1 53  ? 1.303   10.379  6.604   1.00 23.12 ? 74  ASP A OD1   1 
ATOM   396  O OD2   . ASP A 1 53  ? -0.478  11.206  5.594   1.00 14.07 ? 74  ASP A OD2   1 
ATOM   397  N N     . ASP A 1 54  ? -2.259  8.496   5.646   1.00 14.82 ? 75  ASP A N     1 
ATOM   398  C CA    . ASP A 1 54  ? -3.718  8.694   5.641   1.00 15.04 ? 75  ASP A CA    1 
ATOM   399  C C     . ASP A 1 54  ? -4.105  10.020  4.997   1.00 17.50 ? 75  ASP A C     1 
ATOM   400  O O     . ASP A 1 54  ? -5.145  10.129  4.353   1.00 20.89 ? 75  ASP A O     1 
ATOM   401  C CB    . ASP A 1 54  ? -4.309  8.670   7.059   1.00 17.88 ? 75  ASP A CB    1 
ATOM   402  C CG    . ASP A 1 54  ? -4.099  7.353   7.770   1.00 17.86 ? 75  ASP A CG    1 
ATOM   403  O OD1   . ASP A 1 54  ? -4.280  6.289   7.137   1.00 15.15 ? 75  ASP A OD1   1 
ATOM   404  O OD2   . ASP A 1 54  ? -3.763  7.387   8.975   1.00 18.46 ? 75  ASP A OD2   1 
ATOM   405  N N     . LYS A 1 55  ? -3.275  11.033  5.204   1.00 15.64 ? 76  LYS A N     1 
ATOM   406  C CA    . LYS A 1 55  ? -3.580  12.364  4.707   1.00 17.58 ? 76  LYS A CA    1 
ATOM   407  C C     . LYS A 1 55  ? -2.951  12.620  3.343   1.00 16.91 ? 76  LYS A C     1 
ATOM   408  O O     . LYS A 1 55  ? -3.601  13.149  2.453   1.00 18.52 ? 76  LYS A O     1 
ATOM   409  C CB    . LYS A 1 55  ? -3.129  13.432  5.708   1.00 15.71 ? 76  LYS A CB    1 
ATOM   410  C CG    . LYS A 1 55  ? -3.349  14.851  5.210   1.00 24.11 ? 76  LYS A CG    1 
ATOM   411  C CD    . LYS A 1 55  ? -3.119  15.874  6.298   1.00 19.03 ? 76  LYS A CD    1 
ATOM   412  C CE    . LYS A 1 55  ? -3.253  17.282  5.747   1.00 34.73 ? 76  LYS A CE    1 
ATOM   413  N NZ    . LYS A 1 55  ? -3.045  18.311  6.800   1.00 32.34 ? 76  LYS A NZ    1 
ATOM   414  N N     . TYR A 1 56  ? -1.689  12.236  3.174   1.00 13.34 ? 77  TYR A N     1 
ATOM   415  C CA    . TYR A 1 56  ? -0.960  12.584  1.965   1.00 15.48 ? 77  TYR A CA    1 
ATOM   416  C C     . TYR A 1 56  ? -0.980  11.496  0.894   1.00 14.58 ? 77  TYR A C     1 
ATOM   417  O O     . TYR A 1 56  ? -0.413  11.673  -0.184  1.00 21.36 ? 77  TYR A O     1 
ATOM   418  C CB    . TYR A 1 56  ? 0.471   13.000  2.313   1.00 14.90 ? 77  TYR A CB    1 
ATOM   419  C CG    . TYR A 1 56  ? 0.475   14.180  3.255   1.00 18.71 ? 77  TYR A CG    1 
ATOM   420  C CD1   . TYR A 1 56  ? 0.070   15.430  2.818   1.00 26.17 ? 77  TYR A CD1   1 
ATOM   421  C CD2   . TYR A 1 56  ? 0.837   14.036  4.588   1.00 19.10 ? 77  TYR A CD2   1 
ATOM   422  C CE1   . TYR A 1 56  ? 0.046   16.507  3.669   1.00 25.57 ? 77  TYR A CE1   1 
ATOM   423  C CE2   . TYR A 1 56  ? 0.815   15.117  5.453   1.00 17.52 ? 77  TYR A CE2   1 
ATOM   424  C CZ    . TYR A 1 56  ? 0.419   16.349  4.982   1.00 21.32 ? 77  TYR A CZ    1 
ATOM   425  O OH    . TYR A 1 56  ? 0.394   17.436  5.822   1.00 24.97 ? 77  TYR A OH    1 
ATOM   426  N N     . GLY A 1 57  ? -1.631  10.377  1.193   1.00 16.06 ? 78  GLY A N     1 
ATOM   427  C CA    . GLY A 1 57  ? -1.814  9.331   0.202   1.00 11.83 ? 78  GLY A CA    1 
ATOM   428  C C     . GLY A 1 57  ? -0.564  8.512   -0.020  1.00 15.08 ? 78  GLY A C     1 
ATOM   429  O O     . GLY A 1 57  ? 0.178   8.222   0.922   1.00 11.88 ? 78  GLY A O     1 
ATOM   430  N N     . VAL A 1 58  ? -0.326  8.145   -1.273  1.00 12.10 ? 79  VAL A N     1 
ATOM   431  C CA    . VAL A 1 58  ? 0.778   7.262   -1.629  1.00 9.40  ? 79  VAL A CA    1 
ATOM   432  C C     . VAL A 1 58  ? 2.039   8.049   -1.991  1.00 13.74 ? 79  VAL A C     1 
ATOM   433  O O     . VAL A 1 58  ? 1.972   9.022   -2.738  1.00 15.65 ? 79  VAL A O     1 
ATOM   434  C CB    . VAL A 1 58  ? 0.362   6.337   -2.800  1.00 15.86 ? 79  VAL A CB    1 
ATOM   435  C CG1   . VAL A 1 58  ? 1.539   5.477   -3.279  1.00 12.69 ? 79  VAL A CG1   1 
ATOM   436  C CG2   . VAL A 1 58  ? -0.831  5.456   -2.383  1.00 12.90 ? 79  VAL A CG2   1 
ATOM   437  N N     . ASP A 1 59  ? 3.186   7.647   -1.447  1.00 13.50 ? 80  ASP A N     1 
ATOM   438  C CA    . ASP A 1 59  ? 4.458   8.230   -1.872  1.00 14.58 ? 80  ASP A CA    1 
ATOM   439  C C     . ASP A 1 59  ? 4.963   7.440   -3.067  1.00 12.02 ? 80  ASP A C     1 
ATOM   440  O O     . ASP A 1 59  ? 5.489   6.331   -2.924  1.00 10.52 ? 80  ASP A O     1 
ATOM   441  C CB    . ASP A 1 59  ? 5.503   8.232   -0.746  1.00 15.26 ? 80  ASP A CB    1 
ATOM   442  C CG    . ASP A 1 59  ? 6.850   8.794   -1.201  1.00 15.85 ? 80  ASP A CG    1 
ATOM   443  O OD1   . ASP A 1 59  ? 6.971   9.171   -2.382  1.00 16.46 ? 80  ASP A OD1   1 
ATOM   444  O OD2   . ASP A 1 59  ? 7.790   8.867   -0.379  1.00 19.28 ? 80  ASP A OD2   1 
ATOM   445  N N     . LEU A 1 60  ? 4.794   8.012   -4.250  1.00 12.52 ? 81  LEU A N     1 
ATOM   446  C CA    . LEU A 1 60  ? 5.016   7.260   -5.468  1.00 16.30 ? 81  LEU A CA    1 
ATOM   447  C C     . LEU A 1 60  ? 6.496   7.005   -5.723  1.00 13.89 ? 81  LEU A C     1 
ATOM   448  O O     . LEU A 1 60  ? 6.855   5.969   -6.282  1.00 13.49 ? 81  LEU A O     1 
ATOM   449  C CB    . LEU A 1 60  ? 4.329   7.941   -6.659  1.00 15.80 ? 81  LEU A CB    1 
ATOM   450  C CG    . LEU A 1 60  ? 2.797   7.957   -6.577  1.00 11.84 ? 81  LEU A CG    1 
ATOM   451  C CD1   . LEU A 1 60  ? 2.192   8.858   -7.659  1.00 16.41 ? 81  LEU A CD1   1 
ATOM   452  C CD2   . LEU A 1 60  ? 2.245   6.553   -6.699  1.00 13.36 ? 81  LEU A CD2   1 
ATOM   453  N N     . GLN A 1 61  ? 7.354   7.936   -5.307  1.00 14.74 ? 82  GLN A N     1 
ATOM   454  C CA    . GLN A 1 61  ? 8.799   7.716   -5.396  1.00 11.36 ? 82  GLN A CA    1 
ATOM   455  C C     . GLN A 1 61  ? 9.235   6.574   -4.473  1.00 12.69 ? 82  GLN A C     1 
ATOM   456  O O     . GLN A 1 61  ? 9.995   5.696   -4.882  1.00 10.06 ? 82  GLN A O     1 
ATOM   457  C CB    . GLN A 1 61  ? 9.588   8.992   -5.072  1.00 16.21 ? 82  GLN A CB    1 
ATOM   458  C CG    . GLN A 1 61  ? 11.110  8.796   -5.098  1.00 13.65 ? 82  GLN A CG    1 
ATOM   459  C CD    . GLN A 1 61  ? 11.633  8.444   -6.480  1.00 13.57 ? 82  GLN A CD    1 
ATOM   460  O OE1   . GLN A 1 61  ? 11.111  8.920   -7.489  1.00 13.86 ? 82  GLN A OE1   1 
ATOM   461  N NE2   . GLN A 1 61  ? 12.663  7.598   -6.536  1.00 13.67 ? 82  GLN A NE2   1 
ATOM   462  N N     . ALA A 1 62  ? 8.760   6.589   -3.229  1.00 11.75 ? 83  ALA A N     1 
ATOM   463  C CA    . ALA A 1 62  ? 9.073   5.514   -2.287  1.00 15.93 ? 83  ALA A CA    1 
ATOM   464  C C     . ALA A 1 62  ? 8.617   4.145   -2.796  1.00 11.23 ? 83  ALA A C     1 
ATOM   465  O O     . ALA A 1 62  ? 9.320   3.152   -2.635  1.00 15.60 ? 83  ALA A O     1 
ATOM   466  C CB    . ALA A 1 62  ? 8.476   5.797   -0.927  1.00 14.75 ? 83  ALA A CB    1 
ATOM   467  N N     . ASN A 1 63  ? 7.442   4.086   -3.412  1.00 14.18 ? 84  ASN A N     1 
ATOM   468  C CA    . ASN A 1 63  ? 6.992   2.829   -4.000  1.00 7.84  ? 84  ASN A CA    1 
ATOM   469  C C     . ASN A 1 63  ? 7.832   2.437   -5.225  1.00 15.58 ? 84  ASN A C     1 
ATOM   470  O O     . ASN A 1 63  ? 8.171   1.271   -5.410  1.00 13.19 ? 84  ASN A O     1 
ATOM   471  C CB    . ASN A 1 63  ? 5.491   2.880   -4.319  1.00 9.69  ? 84  ASN A CB    1 
ATOM   472  C CG    . ASN A 1 63  ? 4.633   2.723   -3.079  1.00 13.63 ? 84  ASN A CG    1 
ATOM   473  O OD1   . ASN A 1 63  ? 4.316   1.606   -2.671  1.00 14.72 ? 84  ASN A OD1   1 
ATOM   474  N ND2   . ASN A 1 63  ? 4.263   3.837   -2.467  1.00 10.24 ? 84  ASN A ND2   1 
ATOM   475  N N     . TRP A 1 64  ? 8.181   3.420   -6.051  1.00 13.78 ? 85  TRP A N     1 
ATOM   476  C CA    . TRP A 1 64  ? 9.061   3.176   -7.185  1.00 10.23 ? 85  TRP A CA    1 
ATOM   477  C C     . TRP A 1 64  ? 10.321  2.458   -6.695  1.00 13.76 ? 85  TRP A C     1 
ATOM   478  O O     . TRP A 1 64  ? 10.759  1.461   -7.276  1.00 14.90 ? 85  TRP A O     1 
ATOM   479  C CB    . TRP A 1 64  ? 9.417   4.512   -7.855  1.00 11.71 ? 85  TRP A CB    1 
ATOM   480  C CG    . TRP A 1 64  ? 10.384  4.432   -9.013  1.00 12.19 ? 85  TRP A CG    1 
ATOM   481  C CD1   . TRP A 1 64  ? 11.685  4.872   -9.029  1.00 15.03 ? 85  TRP A CD1   1 
ATOM   482  C CD2   . TRP A 1 64  ? 10.122  3.919   -10.326 1.00 15.19 ? 85  TRP A CD2   1 
ATOM   483  N NE1   . TRP A 1 64  ? 12.243  4.649   -10.264 1.00 14.66 ? 85  TRP A NE1   1 
ATOM   484  C CE2   . TRP A 1 64  ? 11.310  4.063   -11.077 1.00 16.72 ? 85  TRP A CE2   1 
ATOM   485  C CE3   . TRP A 1 64  ? 9.002   3.347   -10.939 1.00 13.99 ? 85  TRP A CE3   1 
ATOM   486  C CZ2   . TRP A 1 64  ? 11.407  3.661   -12.409 1.00 14.60 ? 85  TRP A CZ2   1 
ATOM   487  C CZ3   . TRP A 1 64  ? 9.105   2.936   -12.268 1.00 17.90 ? 85  TRP A CZ3   1 
ATOM   488  C CH2   . TRP A 1 64  ? 10.300  3.099   -12.986 1.00 17.77 ? 85  TRP A CH2   1 
ATOM   489  N N     . GLU A 1 65  ? 10.879  2.959   -5.602  1.00 12.48 ? 86  GLU A N     1 
ATOM   490  C CA    . GLU A 1 65  ? 12.109  2.414   -5.049  1.00 14.83 ? 86  GLU A CA    1 
ATOM   491  C C     . GLU A 1 65  ? 11.871  1.048   -4.397  1.00 18.76 ? 86  GLU A C     1 
ATOM   492  O O     . GLU A 1 65  ? 12.747  0.181   -4.409  1.00 16.28 ? 86  GLU A O     1 
ATOM   493  C CB    . GLU A 1 65  ? 12.726  3.411   -4.065  1.00 12.71 ? 86  GLU A CB    1 
ATOM   494  C CG    . GLU A 1 65  ? 13.193  4.693   -4.753  1.00 18.77 ? 86  GLU A CG    1 
ATOM   495  C CD    . GLU A 1 65  ? 13.590  5.784   -3.774  1.00 28.14 ? 86  GLU A CD    1 
ATOM   496  O OE1   . GLU A 1 65  ? 13.536  5.554   -2.546  1.00 28.05 ? 86  GLU A OE1   1 
ATOM   497  O OE2   . GLU A 1 65  ? 13.955  6.879   -4.233  1.00 19.83 ? 86  GLU A OE2   1 
ATOM   498  N N     . ASN A 1 66  ? 10.674  0.857   -3.855  1.00 16.29 ? 87  ASN A N     1 
ATOM   499  C CA    . ASN A 1 66  ? 10.310  -0.407  -3.225  1.00 18.69 ? 87  ASN A CA    1 
ATOM   500  C C     . ASN A 1 66  ? 10.036  -1.470  -4.276  1.00 23.34 ? 87  ASN A C     1 
ATOM   501  O O     . ASN A 1 66  ? 9.869   -2.643  -3.952  1.00 20.53 ? 87  ASN A O     1 
ATOM   502  C CB    . ASN A 1 66  ? 9.088   -0.234  -2.321  1.00 12.85 ? 87  ASN A CB    1 
ATOM   503  C CG    . ASN A 1 66  ? 8.919   -1.386  -1.328  1.00 18.94 ? 87  ASN A CG    1 
ATOM   504  O OD1   . ASN A 1 66  ? 9.897   -1.922  -0.807  1.00 20.94 ? 87  ASN A OD1   1 
ATOM   505  N ND2   . ASN A 1 66  ? 7.675   -1.766  -1.071  1.00 20.77 ? 87  ASN A ND2   1 
ATOM   506  N N     . LEU A 1 67  ? 9.988   -1.043  -5.536  1.00 17.94 ? 88  LEU A N     1 
ATOM   507  C CA    . LEU A 1 67  ? 9.781   -1.945  -6.661  1.00 18.38 ? 88  LEU A CA    1 
ATOM   508  C C     . LEU A 1 67  ? 11.099  -2.256  -7.366  1.00 21.93 ? 88  LEU A C     1 
ATOM   509  O O     . LEU A 1 67  ? 11.108  -2.634  -8.530  1.00 20.25 ? 88  LEU A O     1 
ATOM   510  C CB    . LEU A 1 67  ? 8.791   -1.344  -7.664  1.00 12.99 ? 88  LEU A CB    1 
ATOM   511  C CG    . LEU A 1 67  ? 7.331   -1.358  -7.204  1.00 14.39 ? 88  LEU A CG    1 
ATOM   512  C CD1   . LEU A 1 67  ? 6.533   -0.258  -7.900  1.00 17.91 ? 88  LEU A CD1   1 
ATOM   513  C CD2   . LEU A 1 67  ? 6.729   -2.734  -7.473  1.00 16.41 ? 88  LEU A CD2   1 
ATOM   514  N N     . GLY A 1 68  ? 12.208  -2.091  -6.653  1.00 17.50 ? 89  GLY A N     1 
ATOM   515  C CA    . GLY A 1 68  ? 13.504  -2.471  -7.182  1.00 18.61 ? 89  GLY A CA    1 
ATOM   516  C C     . GLY A 1 68  ? 14.154  -1.421  -8.063  1.00 27.62 ? 89  GLY A C     1 
ATOM   517  O O     . GLY A 1 68  ? 14.912  -1.752  -8.975  1.00 29.82 ? 89  GLY A O     1 
ATOM   518  N N     . ASN A 1 69  ? 13.860  -0.153  -7.796  1.00 24.91 ? 90  ASN A N     1 
ATOM   519  C CA    . ASN A 1 69  ? 14.460  0.949   -8.543  1.00 23.90 ? 90  ASN A CA    1 
ATOM   520  C C     . ASN A 1 69  ? 15.253  1.833   -7.598  1.00 18.96 ? 90  ASN A C     1 
ATOM   521  O O     . ASN A 1 69  ? 14.903  1.962   -6.430  1.00 17.41 ? 90  ASN A O     1 
ATOM   522  C CB    . ASN A 1 69  ? 13.383  1.785   -9.230  1.00 15.11 ? 90  ASN A CB    1 
ATOM   523  C CG    . ASN A 1 69  ? 12.565  0.984   -10.217 1.00 22.90 ? 90  ASN A CG    1 
ATOM   524  O OD1   . ASN A 1 69  ? 11.359  0.805   -10.039 1.00 20.00 ? 90  ASN A OD1   1 
ATOM   525  N ND2   . ASN A 1 69  ? 13.218  0.483   -11.260 1.00 16.22 ? 90  ASN A ND2   1 
ATOM   526  N N     . SER A 1 70  ? 16.327  2.435   -8.095  1.00 15.72 ? 91  SER A N     1 
ATOM   527  C CA    . SER A 1 70  ? 17.071  3.392   -7.287  1.00 19.95 ? 91  SER A CA    1 
ATOM   528  C C     . SER A 1 70  ? 17.087  4.801   -7.898  1.00 21.58 ? 91  SER A C     1 
ATOM   529  O O     . SER A 1 70  ? 17.679  5.724   -7.331  1.00 28.30 ? 91  SER A O     1 
ATOM   530  C CB    . SER A 1 70  ? 18.492  2.884   -7.010  1.00 25.02 ? 91  SER A CB    1 
ATOM   531  O OG    . SER A 1 70  ? 19.166  2.555   -8.210  1.00 34.42 ? 91  SER A OG    1 
ATOM   532  N N     . ASP A 1 71  ? 16.414  4.970   -9.035  1.00 16.72 ? 92  ASP A N     1 
ATOM   533  C CA    . ASP A 1 71  ? 16.418  6.254   -9.743  1.00 14.58 ? 92  ASP A CA    1 
ATOM   534  C C     . ASP A 1 71  ? 15.123  7.042   -9.522  1.00 18.50 ? 92  ASP A C     1 
ATOM   535  O O     . ASP A 1 71  ? 14.229  6.580   -8.805  1.00 14.20 ? 92  ASP A O     1 
ATOM   536  C CB    . ASP A 1 71  ? 16.718  6.064   -11.248 1.00 18.02 ? 92  ASP A CB    1 
ATOM   537  C CG    . ASP A 1 71  ? 15.685  5.199   -11.965 1.00 16.54 ? 92  ASP A CG    1 
ATOM   538  O OD1   . ASP A 1 71  ? 14.920  4.480   -11.292 1.00 17.64 ? 92  ASP A OD1   1 
ATOM   539  O OD2   . ASP A 1 71  ? 15.645  5.225   -13.219 1.00 15.04 ? 92  ASP A OD2   1 
ATOM   540  N N     . ASP A 1 72  ? 15.037  8.236   -10.111 1.00 16.49 ? 93  ASP A N     1 
ATOM   541  C CA    . ASP A 1 72  ? 13.799  9.015   -10.100 1.00 15.76 ? 93  ASP A CA    1 
ATOM   542  C C     . ASP A 1 72  ? 12.720  8.199   -10.812 1.00 10.75 ? 93  ASP A C     1 
ATOM   543  O O     . ASP A 1 72  ? 12.983  7.598   -11.849 1.00 11.80 ? 93  ASP A O     1 
ATOM   544  C CB    . ASP A 1 72  ? 13.961  10.336  -10.864 1.00 14.80 ? 93  ASP A CB    1 
ATOM   545  C CG    . ASP A 1 72  ? 14.781  11.380  -10.109 1.00 25.16 ? 93  ASP A CG    1 
ATOM   546  O OD1   . ASP A 1 72  ? 15.048  11.209  -8.903  1.00 19.26 ? 93  ASP A OD1   1 
ATOM   547  O OD2   . ASP A 1 72  ? 15.148  12.399  -10.741 1.00 16.01 ? 93  ASP A OD2   1 
ATOM   548  N N     . ALA A 1 73  ? 11.510  8.189   -10.270 1.00 9.44  ? 94  ALA A N     1 
ATOM   549  C CA    . ALA A 1 73  ? 10.411  7.463   -10.906 1.00 12.98 ? 94  ALA A CA    1 
ATOM   550  C C     . ALA A 1 73  ? 10.164  7.920   -12.349 1.00 11.23 ? 94  ALA A C     1 
ATOM   551  O O     . ALA A 1 73  ? 10.215  9.114   -12.634 1.00 11.91 ? 94  ALA A O     1 
ATOM   552  C CB    . ALA A 1 73  ? 9.148   7.612   -10.082 1.00 11.82 ? 94  ALA A CB    1 
ATOM   553  N N     . ASP A 1 74  ? 9.919   6.970   -13.252 1.00 10.66 ? 95  ASP A N     1 
ATOM   554  C CA    . ASP A 1 74  ? 9.461   7.286   -14.603 1.00 15.97 ? 95  ASP A CA    1 
ATOM   555  C C     . ASP A 1 74  ? 8.246   8.213   -14.549 1.00 16.52 ? 95  ASP A C     1 
ATOM   556  O O     . ASP A 1 74  ? 7.336   8.006   -13.736 1.00 14.29 ? 95  ASP A O     1 
ATOM   557  C CB    . ASP A 1 74  ? 9.039   6.013   -15.340 1.00 14.47 ? 95  ASP A CB    1 
ATOM   558  C CG    . ASP A 1 74  ? 10.220  5.175   -15.823 1.00 21.61 ? 95  ASP A CG    1 
ATOM   559  O OD1   . ASP A 1 74  ? 11.392  5.542   -15.588 1.00 22.69 ? 95  ASP A OD1   1 
ATOM   560  O OD2   . ASP A 1 74  ? 9.957   4.128   -16.446 1.00 18.93 ? 95  ASP A OD2   1 
ATOM   561  N N     . GLU A 1 75  ? 8.215   9.217   -15.422 1.00 13.02 ? 96  GLU A N     1 
ATOM   562  C CA    A GLU A 1 75  ? 7.077   10.132  -15.513 0.41 11.83 ? 96  GLU A CA    1 
ATOM   563  C CA    B GLU A 1 75  ? 7.076   10.127  -15.490 0.59 11.77 ? 96  GLU A CA    1 
ATOM   564  C C     . GLU A 1 75  ? 5.758   9.375   -15.684 1.00 12.66 ? 96  GLU A C     1 
ATOM   565  O O     . GLU A 1 75  ? 4.742   9.724   -15.086 1.00 10.60 ? 96  GLU A O     1 
ATOM   566  C CB    A GLU A 1 75  ? 7.248   11.097  -16.694 0.41 15.20 ? 96  GLU A CB    1 
ATOM   567  C CB    B GLU A 1 75  ? 7.259   11.147  -16.619 0.59 15.21 ? 96  GLU A CB    1 
ATOM   568  C CG    A GLU A 1 75  ? 8.520   11.928  -16.676 0.41 16.50 ? 96  GLU A CG    1 
ATOM   569  C CG    B GLU A 1 75  ? 6.043   12.036  -16.849 0.59 14.36 ? 96  GLU A CG    1 
ATOM   570  C CD    A GLU A 1 75  ? 8.781   12.617  -18.008 0.41 17.34 ? 96  GLU A CD    1 
ATOM   571  C CD    B GLU A 1 75  ? 6.207   12.959  -18.044 0.59 18.14 ? 96  GLU A CD    1 
ATOM   572  O OE1   A GLU A 1 75  ? 8.169   13.676  -18.264 0.41 21.39 ? 96  GLU A OE1   1 
ATOM   573  O OE1   B GLU A 1 75  ? 7.232   12.843  -18.745 0.59 15.78 ? 96  GLU A OE1   1 
ATOM   574  O OE2   A GLU A 1 75  ? 9.598   12.099  -18.795 0.41 10.22 ? 96  GLU A OE2   1 
ATOM   575  O OE2   B GLU A 1 75  ? 5.309   13.796  -18.283 0.59 23.28 ? 96  GLU A OE2   1 
ATOM   576  N N     . GLU A 1 76  ? 5.762   8.342   -16.520 1.00 10.86 ? 97  GLU A N     1 
ATOM   577  C CA    . GLU A 1 76  ? 4.493   7.651   -16.786 1.00 13.26 ? 97  GLU A CA    1 
ATOM   578  C C     . GLU A 1 76  ? 4.024   6.794   -15.599 1.00 15.37 ? 97  GLU A C     1 
ATOM   579  O O     . GLU A 1 76  ? 2.826   6.619   -15.396 1.00 11.65 ? 97  GLU A O     1 
ATOM   580  C CB    . GLU A 1 76  ? 4.547   6.837   -18.078 1.00 23.20 ? 97  GLU A CB    1 
ATOM   581  C CG    . GLU A 1 76  ? 5.611   5.778   -18.117 1.00 19.31 ? 97  GLU A CG    1 
ATOM   582  C CD    . GLU A 1 76  ? 6.905   6.261   -18.763 1.00 40.29 ? 97  GLU A CD    1 
ATOM   583  O OE1   . GLU A 1 76  ? 7.490   5.479   -19.541 1.00 28.62 ? 97  GLU A OE1   1 
ATOM   584  O OE2   . GLU A 1 76  ? 7.334   7.415   -18.498 1.00 24.58 ? 97  GLU A OE2   1 
ATOM   585  N N     . PHE A 1 77  ? 4.970   6.292   -14.804 1.00 11.50 ? 98  PHE A N     1 
ATOM   586  C CA    . PHE A 1 77  ? 4.630   5.608   -13.553 1.00 14.89 ? 98  PHE A CA    1 
ATOM   587  C C     . PHE A 1 77  ? 3.915   6.577   -12.612 1.00 15.11 ? 98  PHE A C     1 
ATOM   588  O O     . PHE A 1 77  ? 2.870   6.250   -12.039 1.00 12.89 ? 98  PHE A O     1 
ATOM   589  C CB    . PHE A 1 77  ? 5.891   5.028   -12.896 1.00 10.70 ? 98  PHE A CB    1 
ATOM   590  C CG    . PHE A 1 77  ? 5.657   4.390   -11.549 1.00 13.80 ? 98  PHE A CG    1 
ATOM   591  C CD1   . PHE A 1 77  ? 5.713   5.150   -10.384 1.00 13.34 ? 98  PHE A CD1   1 
ATOM   592  C CD2   . PHE A 1 77  ? 5.400   3.029   -11.442 1.00 9.98  ? 98  PHE A CD2   1 
ATOM   593  C CE1   . PHE A 1 77  ? 5.512   4.565   -9.139  1.00 12.74 ? 98  PHE A CE1   1 
ATOM   594  C CE2   . PHE A 1 77  ? 5.205   2.436   -10.195 1.00 13.77 ? 98  PHE A CE2   1 
ATOM   595  C CZ    . PHE A 1 77  ? 5.254   3.201   -9.048  1.00 12.09 ? 98  PHE A CZ    1 
ATOM   596  N N     . VAL A 1 78  ? 4.468   7.779   -12.471 1.00 10.85 ? 99  VAL A N     1 
ATOM   597  C CA    . VAL A 1 78  ? 3.889   8.781   -11.585 1.00 12.92 ? 99  VAL A CA    1 
ATOM   598  C C     . VAL A 1 78  ? 2.496   9.198   -12.062 1.00 12.38 ? 99  VAL A C     1 
ATOM   599  O O     . VAL A 1 78  ? 1.533   9.158   -11.298 1.00 9.77  ? 99  VAL A O     1 
ATOM   600  C CB    . VAL A 1 78  ? 4.784   10.039  -11.477 1.00 12.94 ? 99  VAL A CB    1 
ATOM   601  C CG1   . VAL A 1 78  ? 4.089   11.109  -10.645 1.00 12.22 ? 99  VAL A CG1   1 
ATOM   602  C CG2   . VAL A 1 78  ? 6.156   9.690   -10.881 1.00 11.38 ? 99  VAL A CG2   1 
ATOM   603  N N     . ALA A 1 79  ? 2.403   9.589   -13.332 1.00 11.63 ? 100 ALA A N     1 
ATOM   604  C CA    . ALA A 1 79  ? 1.139   10.018  -13.931 1.00 12.29 ? 100 ALA A CA    1 
ATOM   605  C C     . ALA A 1 79  ? 0.055   8.954   -13.826 1.00 11.16 ? 100 ALA A C     1 
ATOM   606  O O     . ALA A 1 79  ? -1.074  9.237   -13.426 1.00 9.85  ? 100 ALA A O     1 
ATOM   607  C CB    . ALA A 1 79  ? 1.356   10.392  -15.398 1.00 13.85 ? 100 ALA A CB    1 
ATOM   608  N N     . LYS A 1 80  ? 0.383   7.724   -14.194 1.00 9.92  ? 101 LYS A N     1 
ATOM   609  C CA    . LYS A 1 80  ? -0.642  6.691   -14.198 1.00 12.85 ? 101 LYS A CA    1 
ATOM   610  C C     . LYS A 1 80  ? -1.174  6.437   -12.785 1.00 12.53 ? 101 LYS A C     1 
ATOM   611  O O     . LYS A 1 80  ? -2.381  6.313   -12.578 1.00 11.39 ? 101 LYS A O     1 
ATOM   612  C CB    . LYS A 1 80  ? -0.144  5.407   -14.867 1.00 14.44 ? 101 LYS A CB    1 
ATOM   613  C CG    . LYS A 1 80  ? 0.769   4.540   -14.036 1.00 21.74 ? 101 LYS A CG    1 
ATOM   614  C CD    . LYS A 1 80  ? 1.180   3.297   -14.831 1.00 23.42 ? 101 LYS A CD    1 
ATOM   615  C CE    . LYS A 1 80  ? -0.038  2.504   -15.291 1.00 30.98 ? 101 LYS A CE    1 
ATOM   616  N NZ    . LYS A 1 80  ? 0.257   1.553   -16.420 1.00 36.08 ? 101 LYS A NZ    1 
ATOM   617  N N     . HIS A 1 81  ? -0.283  6.403   -11.799 1.00 12.76 ? 102 HIS A N     1 
ATOM   618  C CA    . HIS A 1 81  ? -0.721  6.131   -10.434 1.00 12.12 ? 102 HIS A CA    1 
ATOM   619  C C     . HIS A 1 81  ? -1.439  7.304   -9.791  1.00 11.34 ? 102 HIS A C     1 
ATOM   620  O O     . HIS A 1 81  ? -2.429  7.107   -9.106  1.00 14.90 ? 102 HIS A O     1 
ATOM   621  C CB    . HIS A 1 81  ? 0.433   5.616   -9.572  1.00 10.32 ? 102 HIS A CB    1 
ATOM   622  C CG    . HIS A 1 81  ? 0.859   4.238   -9.947  1.00 18.13 ? 102 HIS A CG    1 
ATOM   623  N ND1   . HIS A 1 81  ? 0.025   3.149   -9.823  1.00 18.81 ? 102 HIS A ND1   1 
ATOM   624  C CD2   . HIS A 1 81  ? 1.997   3.776   -10.513 1.00 16.92 ? 102 HIS A CD2   1 
ATOM   625  C CE1   . HIS A 1 81  ? 0.647   2.069   -10.258 1.00 16.30 ? 102 HIS A CE1   1 
ATOM   626  N NE2   . HIS A 1 81  ? 1.846   2.421   -10.680 1.00 18.64 ? 102 HIS A NE2   1 
ATOM   627  N N     . ARG A 1 82  ? -0.941  8.519   -10.017 1.00 11.11 ? 103 ARG A N     1 
ATOM   628  C CA    . ARG A 1 82  ? -1.658  9.716   -9.594  1.00 16.48 ? 103 ARG A CA    1 
ATOM   629  C C     . ARG A 1 82  ? -3.098  9.694   -10.098 1.00 17.83 ? 103 ARG A C     1 
ATOM   630  O O     . ARG A 1 82  ? -4.022  9.967   -9.337  1.00 14.24 ? 103 ARG A O     1 
ATOM   631  C CB    . ARG A 1 82  ? -0.955  10.989  -10.076 1.00 11.89 ? 103 ARG A CB    1 
ATOM   632  C CG    . ARG A 1 82  ? 0.316   11.298  -9.296  1.00 19.11 ? 103 ARG A CG    1 
ATOM   633  C CD    . ARG A 1 82  ? 0.676   12.785  -9.299  1.00 37.10 ? 103 ARG A CD    1 
ATOM   634  N NE    . ARG A 1 82  ? 1.614   13.086  -8.214  1.00 45.47 ? 103 ARG A NE    1 
ATOM   635  C CZ    . ARG A 1 82  ? 2.450   14.119  -8.199  1.00 53.97 ? 103 ARG A CZ    1 
ATOM   636  N NH1   . ARG A 1 82  ? 2.480   14.965  -9.220  1.00 71.14 ? 103 ARG A NH1   1 
ATOM   637  N NH2   . ARG A 1 82  ? 3.262   14.300  -7.165  1.00 49.75 ? 103 ARG A NH2   1 
ATOM   638  N N     . ALA A 1 83  ? -3.280  9.366   -11.376 1.00 11.94 ? 104 ALA A N     1 
ATOM   639  C CA    . ALA A 1 83  ? -4.616  9.249   -11.968 1.00 11.06 ? 104 ALA A CA    1 
ATOM   640  C C     . ALA A 1 83  ? -5.448  8.108   -11.370 1.00 11.35 ? 104 ALA A C     1 
ATOM   641  O O     . ALA A 1 83  ? -6.633  8.275   -11.057 1.00 10.80 ? 104 ALA A O     1 
ATOM   642  C CB    . ALA A 1 83  ? -4.511  9.085   -13.493 1.00 12.78 ? 104 ALA A CB    1 
ATOM   643  N N     . CYS A 1 84  ? -4.841  6.942   -11.235 1.00 9.18  ? 105 CYS A N     1 
ATOM   644  C CA    . CYS A 1 84  ? -5.541  5.831   -10.614 1.00 13.27 ? 105 CYS A CA    1 
ATOM   645  C C     . CYS A 1 84  ? -6.035  6.237   -9.220  1.00 15.64 ? 105 CYS A C     1 
ATOM   646  O O     . CYS A 1 84  ? -7.195  6.023   -8.866  1.00 13.15 ? 105 CYS A O     1 
ATOM   647  C CB    . CYS A 1 84  ? -4.633  4.609   -10.531 1.00 12.44 ? 105 CYS A CB    1 
ATOM   648  S SG    . CYS A 1 84  ? -5.395  3.183   -9.745  1.00 13.01 ? 105 CYS A SG    1 
ATOM   649  N N     . LEU A 1 85  ? -5.147  6.839   -8.436  1.00 14.24 ? 106 LEU A N     1 
ATOM   650  C CA    . LEU A 1 85  ? -5.475  7.237   -7.076  1.00 10.06 ? 106 LEU A CA    1 
ATOM   651  C C     . LEU A 1 85  ? -6.525  8.342   -7.018  1.00 12.01 ? 106 LEU A C     1 
ATOM   652  O O     . LEU A 1 85  ? -7.410  8.320   -6.172  1.00 13.85 ? 106 LEU A O     1 
ATOM   653  C CB    . LEU A 1 85  ? -4.199  7.646   -6.326  1.00 10.04 ? 106 LEU A CB    1 
ATOM   654  C CG    . LEU A 1 85  ? -3.240  6.476   -6.083  1.00 8.38  ? 106 LEU A CG    1 
ATOM   655  C CD1   . LEU A 1 85  ? -1.828  6.969   -5.731  1.00 12.31 ? 106 LEU A CD1   1 
ATOM   656  C CD2   . LEU A 1 85  ? -3.774  5.563   -4.986  1.00 9.40  ? 106 LEU A CD2   1 
ATOM   657  N N     . GLU A 1 86  ? -6.439  9.310   -7.919  1.00 10.69 ? 107 GLU A N     1 
ATOM   658  C CA    . GLU A 1 86  ? -7.449  10.354  -7.943  1.00 15.90 ? 107 GLU A CA    1 
ATOM   659  C C     . GLU A 1 86  ? -8.810  9.743   -8.224  1.00 13.68 ? 107 GLU A C     1 
ATOM   660  O O     . GLU A 1 86  ? -9.809  10.173  -7.660  1.00 17.00 ? 107 GLU A O     1 
ATOM   661  C CB    . GLU A 1 86  ? -7.108  11.441  -8.968  1.00 20.50 ? 107 GLU A CB    1 
ATOM   662  C CG    . GLU A 1 86  ? -5.941  12.325  -8.540  1.00 30.93 ? 107 GLU A CG    1 
ATOM   663  C CD    . GLU A 1 86  ? -5.423  13.226  -9.651  1.00 44.33 ? 107 GLU A CD    1 
ATOM   664  O OE1   . GLU A 1 86  ? -6.191  13.518  -10.594 1.00 51.23 ? 107 GLU A OE1   1 
ATOM   665  O OE2   . GLU A 1 86  ? -4.244  13.644  -9.573  1.00 48.58 ? 107 GLU A OE2   1 
ATOM   666  N N     . ALA A 1 87  ? -8.829  8.709   -9.063  1.00 15.43 ? 108 ALA A N     1 
ATOM   667  C CA    . ALA A 1 87  ? -10.067 8.028   -9.450  1.00 14.28 ? 108 ALA A CA    1 
ATOM   668  C C     . ALA A 1 87  ? -10.689 7.219   -8.303  1.00 24.75 ? 108 ALA A C     1 
ATOM   669  O O     . ALA A 1 87  ? -11.842 6.801   -8.390  1.00 21.79 ? 108 ALA A O     1 
ATOM   670  C CB    . ALA A 1 87  ? -9.823  7.122   -10.640 1.00 20.32 ? 108 ALA A CB    1 
ATOM   671  N N     . LYS A 1 88  ? -9.927  6.988   -7.238  1.00 21.76 ? 109 LYS A N     1 
ATOM   672  C CA    . LYS A 1 88  ? -10.450 6.251   -6.086  1.00 14.84 ? 109 LYS A CA    1 
ATOM   673  C C     . LYS A 1 88  ? -11.131 7.155   -5.067  1.00 17.39 ? 109 LYS A C     1 
ATOM   674  O O     . LYS A 1 88  ? -11.743 6.668   -4.119  1.00 21.79 ? 109 LYS A O     1 
ATOM   675  C CB    . LYS A 1 88  ? -9.342  5.467   -5.397  1.00 16.38 ? 109 LYS A CB    1 
ATOM   676  C CG    . LYS A 1 88  ? -8.477  4.718   -6.356  1.00 19.20 ? 109 LYS A CG    1 
ATOM   677  C CD    . LYS A 1 88  ? -8.158  3.361   -5.842  1.00 28.09 ? 109 LYS A CD    1 
ATOM   678  C CE    . LYS A 1 88  ? -9.111  2.345   -6.406  1.00 23.38 ? 109 LYS A CE    1 
ATOM   679  N NZ    . LYS A 1 88  ? -8.379  1.069   -6.495  1.00 23.87 ? 109 LYS A NZ    1 
ATOM   680  N N     . ASN A 1 89  ? -11.008 8.464   -5.249  1.00 13.17 ? 110 ASN A N     1 
ATOM   681  C CA    . ASN A 1 89  ? -11.712 9.412   -4.394  1.00 14.85 ? 110 ASN A CA    1 
ATOM   682  C C     . ASN A 1 89  ? -11.450 9.102   -2.917  1.00 15.78 ? 110 ASN A C     1 
ATOM   683  O O     . ASN A 1 89  ? -12.369 9.038   -2.096  1.00 15.72 ? 110 ASN A O     1 
ATOM   684  C CB    . ASN A 1 89  ? -13.205 9.352   -4.704  1.00 13.76 ? 110 ASN A CB    1 
ATOM   685  C CG    . ASN A 1 89  ? -13.492 9.456   -6.196  1.00 26.46 ? 110 ASN A CG    1 
ATOM   686  O OD1   . ASN A 1 89  ? -13.151 10.451  -6.835  1.00 30.53 ? 110 ASN A OD1   1 
ATOM   687  N ND2   . ASN A 1 89  ? -14.124 8.425   -6.755  1.00 29.71 ? 110 ASN A ND2   1 
ATOM   688  N N     . LEU A 1 90  ? -10.178 8.901   -2.599  1.00 11.76 ? 111 LEU A N     1 
ATOM   689  C CA    . LEU A 1 90  ? -9.762  8.429   -1.285  1.00 13.93 ? 111 LEU A CA    1 
ATOM   690  C C     . LEU A 1 90  ? -10.250 9.314   -0.148  1.00 13.65 ? 111 LEU A C     1 
ATOM   691  O O     . LEU A 1 90  ? -10.556 8.823   0.934   1.00 17.70 ? 111 LEU A O     1 
ATOM   692  C CB    . LEU A 1 90  ? -8.234  8.331   -1.220  1.00 11.25 ? 111 LEU A CB    1 
ATOM   693  C CG    . LEU A 1 90  ? -7.572  7.420   -2.254  1.00 12.35 ? 111 LEU A CG    1 
ATOM   694  C CD1   . LEU A 1 90  ? -6.062  7.569   -2.173  1.00 17.50 ? 111 LEU A CD1   1 
ATOM   695  C CD2   . LEU A 1 90  ? -8.003  5.969   -2.051  1.00 12.74 ? 111 LEU A CD2   1 
ATOM   696  N N     . GLU A 1 91  ? -10.300 10.617  -0.389  1.00 9.57  ? 112 GLU A N     1 
ATOM   697  C CA    A GLU A 1 91  ? -10.689 11.544  0.665   0.49 18.95 ? 112 GLU A CA    1 
ATOM   698  C CA    B GLU A 1 91  ? -10.704 11.588  0.619   0.51 18.97 ? 112 GLU A CA    1 
ATOM   699  C C     . GLU A 1 91  ? -12.166 11.416  1.018   1.00 17.61 ? 112 GLU A C     1 
ATOM   700  O O     . GLU A 1 91  ? -12.629 12.019  1.981   1.00 23.89 ? 112 GLU A O     1 
ATOM   701  C CB    A GLU A 1 91  ? -10.328 12.986  0.296   0.49 23.43 ? 112 GLU A CB    1 
ATOM   702  C CB    B GLU A 1 91  ? -10.469 13.015  0.107   0.51 23.32 ? 112 GLU A CB    1 
ATOM   703  C CG    A GLU A 1 91  ? -8.829  13.242  0.280   0.49 28.71 ? 112 GLU A CG    1 
ATOM   704  C CG    B GLU A 1 91  ? -11.511 13.510  -0.894  0.51 23.82 ? 112 GLU A CG    1 
ATOM   705  C CD    A GLU A 1 91  ? -8.486  14.711  0.152   0.49 33.96 ? 112 GLU A CD    1 
ATOM   706  C CD    B GLU A 1 91  ? -11.258 13.050  -2.327  0.51 29.44 ? 112 GLU A CD    1 
ATOM   707  O OE1   A GLU A 1 91  ? -7.629  15.190  0.922   0.49 30.41 ? 112 GLU A OE1   1 
ATOM   708  O OE1   B GLU A 1 91  ? -12.070 13.403  -3.210  0.51 27.75 ? 112 GLU A OE1   1 
ATOM   709  O OE2   A GLU A 1 91  ? -9.077  15.389  -0.713  0.49 36.04 ? 112 GLU A OE2   1 
ATOM   710  O OE2   B GLU A 1 91  ? -10.254 12.347  -2.578  0.51 20.00 ? 112 GLU A OE2   1 
ATOM   711  N N     . THR A 1 92  ? -12.897 10.605  0.256   1.00 16.07 ? 113 THR A N     1 
ATOM   712  C CA    . THR A 1 92  ? -14.314 10.363  0.536   1.00 17.74 ? 113 THR A CA    1 
ATOM   713  C C     . THR A 1 92  ? -14.528 9.039   1.259   1.00 21.89 ? 113 THR A C     1 
ATOM   714  O O     . THR A 1 92  ? -15.641 8.716   1.675   1.00 18.32 ? 113 THR A O     1 
ATOM   715  C CB    . THR A 1 92  ? -15.165 10.344  -0.748  1.00 15.18 ? 113 THR A CB    1 
ATOM   716  O OG1   . THR A 1 92  ? -15.030 9.075   -1.398  1.00 26.85 ? 113 THR A OG1   1 
ATOM   717  C CG2   . THR A 1 92  ? -14.746 11.455  -1.687  1.00 24.22 ? 113 THR A CG2   1 
ATOM   718  N N     . ILE A 1 93  ? -13.464 8.263   1.395   1.00 15.32 ? 114 ILE A N     1 
ATOM   719  C CA    . ILE A 1 93  ? -13.551 7.004   2.123   1.00 14.20 ? 114 ILE A CA    1 
ATOM   720  C C     . ILE A 1 93  ? -13.265 7.262   3.601   1.00 17.08 ? 114 ILE A C     1 
ATOM   721  O O     . ILE A 1 93  ? -12.139 7.577   3.978   1.00 15.42 ? 114 ILE A O     1 
ATOM   722  C CB    . ILE A 1 93  ? -12.550 5.976   1.576   1.00 14.52 ? 114 ILE A CB    1 
ATOM   723  C CG1   . ILE A 1 93  ? -12.826 5.711   0.092   1.00 12.71 ? 114 ILE A CG1   1 
ATOM   724  C CG2   . ILE A 1 93  ? -12.626 4.679   2.373   1.00 13.61 ? 114 ILE A CG2   1 
ATOM   725  C CD1   . ILE A 1 93  ? -11.799 4.812   -0.546  1.00 17.15 ? 114 ILE A CD1   1 
ATOM   726  N N     . GLU A 1 94  ? -14.285 7.123   4.440   1.00 18.25 ? 115 GLU A N     1 
ATOM   727  C CA    . GLU A 1 94  ? -14.150 7.509   5.845   1.00 24.83 ? 115 GLU A CA    1 
ATOM   728  C C     . GLU A 1 94  ? -13.279 6.554   6.659   1.00 15.94 ? 115 GLU A C     1 
ATOM   729  O O     . GLU A 1 94  ? -12.503 6.985   7.509   1.00 22.56 ? 115 GLU A O     1 
ATOM   730  C CB    . GLU A 1 94  ? -15.525 7.690   6.498   1.00 30.27 ? 115 GLU A CB    1 
ATOM   731  C CG    . GLU A 1 94  ? -15.476 8.457   7.821   1.00 44.49 ? 115 GLU A CG    1 
ATOM   732  C CD    . GLU A 1 94  ? -16.772 9.201   8.127   1.00 67.32 ? 115 GLU A CD    1 
ATOM   733  O OE1   . GLU A 1 94  ? -17.429 9.686   7.179   1.00 62.91 ? 115 GLU A OE1   1 
ATOM   734  O OE2   . GLU A 1 94  ? -17.131 9.312   9.320   1.00 70.20 ? 115 GLU A OE2   1 
ATOM   735  N N     . ASP A 1 95  ? -13.401 5.261   6.389   1.00 17.44 ? 116 ASP A N     1 
ATOM   736  C CA    . ASP A 1 95  ? -12.631 4.249   7.107   1.00 23.01 ? 116 ASP A CA    1 
ATOM   737  C C     . ASP A 1 95  ? -11.181 4.244   6.622   1.00 15.41 ? 116 ASP A C     1 
ATOM   738  O O     . ASP A 1 95  ? -10.913 4.003   5.445   1.00 9.71  ? 116 ASP A O     1 
ATOM   739  C CB    . ASP A 1 95  ? -13.276 2.871   6.919   1.00 20.87 ? 116 ASP A CB    1 
ATOM   740  C CG    . ASP A 1 95  ? -12.564 1.783   7.683   1.00 27.62 ? 116 ASP A CG    1 
ATOM   741  O OD1   . ASP A 1 95  ? -13.152 1.259   8.648   1.00 32.96 ? 116 ASP A OD1   1 
ATOM   742  O OD2   . ASP A 1 95  ? -11.419 1.448   7.328   1.00 20.04 ? 116 ASP A OD2   1 
ATOM   743  N N     . LEU A 1 96  ? -10.253 4.510   7.535   1.00 18.81 ? 117 LEU A N     1 
ATOM   744  C CA    . LEU A 1 96  ? -8.843  4.691   7.180   1.00 19.92 ? 117 LEU A CA    1 
ATOM   745  C C     . LEU A 1 96  ? -8.197  3.444   6.581   1.00 14.46 ? 117 LEU A C     1 
ATOM   746  O O     . LEU A 1 96  ? -7.333  3.540   5.716   1.00 10.40 ? 117 LEU A O     1 
ATOM   747  C CB    . LEU A 1 96  ? -8.039  5.148   8.402   1.00 17.95 ? 117 LEU A CB    1 
ATOM   748  C CG    . LEU A 1 96  ? -8.456  6.494   9.002   1.00 25.41 ? 117 LEU A CG    1 
ATOM   749  C CD1   . LEU A 1 96  ? -7.522  6.868   10.136  1.00 28.09 ? 117 LEU A CD1   1 
ATOM   750  C CD2   . LEU A 1 96  ? -8.476  7.580   7.940   1.00 27.08 ? 117 LEU A CD2   1 
ATOM   751  N N     . CYS A 1 97  ? -8.610  2.273   7.050   1.00 12.33 ? 118 CYS A N     1 
ATOM   752  C CA    . CYS A 1 97  ? -8.059  1.029   6.527   1.00 12.14 ? 118 CYS A CA    1 
ATOM   753  C C     . CYS A 1 97  ? -8.569  0.757   5.115   1.00 10.05 ? 118 CYS A C     1 
ATOM   754  O O     . CYS A 1 97  ? -7.809  0.346   4.239   1.00 10.78 ? 118 CYS A O     1 
ATOM   755  C CB    . CYS A 1 97  ? -8.401  -0.138  7.452   1.00 9.84  ? 118 CYS A CB    1 
ATOM   756  S SG    . CYS A 1 97  ? -7.804  0.069   9.132   1.00 13.94 ? 118 CYS A SG    1 
ATOM   757  N N     . GLU A 1 98  ? -9.864  0.972   4.903   1.00 12.23 ? 119 GLU A N     1 
ATOM   758  C CA    . GLU A 1 98  ? -10.452 0.804   3.584   1.00 15.06 ? 119 GLU A CA    1 
ATOM   759  C C     . GLU A 1 98  ? -9.820  1.784   2.590   1.00 10.03 ? 119 GLU A C     1 
ATOM   760  O O     . GLU A 1 98  ? -9.554  1.431   1.438   1.00 11.17 ? 119 GLU A O     1 
ATOM   761  C CB    . GLU A 1 98  ? -11.978 0.989   3.644   1.00 13.81 ? 119 GLU A CB    1 
ATOM   762  C CG    . GLU A 1 98  ? -12.687 0.627   2.347   1.00 19.60 ? 119 GLU A CG    1 
ATOM   763  C CD    . GLU A 1 98  ? -14.154 1.013   2.362   1.00 27.97 ? 119 GLU A CD    1 
ATOM   764  O OE1   . GLU A 1 98  ? -14.737 1.159   1.269   1.00 41.76 ? 119 GLU A OE1   1 
ATOM   765  O OE2   . GLU A 1 98  ? -14.715 1.186   3.468   1.00 23.52 ? 119 GLU A OE2   1 
ATOM   766  N N     . ARG A 1 99  ? -9.562  3.007   3.046   1.00 11.08 ? 120 ARG A N     1 
ATOM   767  C CA    . ARG A 1 99  ? -8.932  4.016   2.200   1.00 11.63 ? 120 ARG A CA    1 
ATOM   768  C C     . ARG A 1 99  ? -7.541  3.558   1.782   1.00 13.04 ? 120 ARG A C     1 
ATOM   769  O O     . ARG A 1 99  ? -7.175  3.656   0.611   1.00 11.40 ? 120 ARG A O     1 
ATOM   770  C CB    . ARG A 1 99  ? -8.842  5.362   2.924   1.00 9.71  ? 120 ARG A CB    1 
ATOM   771  C CG    . ARG A 1 99  ? -8.292  6.499   2.066   1.00 12.94 ? 120 ARG A CG    1 
ATOM   772  C CD    . ARG A 1 99  ? -7.984  7.753   2.901   1.00 13.34 ? 120 ARG A CD    1 
ATOM   773  N NE    . ARG A 1 99  ? -9.170  8.211   3.614   1.00 16.58 ? 120 ARG A NE    1 
ATOM   774  C CZ    . ARG A 1 99  ? -9.152  9.116   4.588   1.00 15.94 ? 120 ARG A CZ    1 
ATOM   775  N NH1   . ARG A 1 99  ? -8.009  9.656   4.968   1.00 13.46 ? 120 ARG A NH1   1 
ATOM   776  N NH2   . ARG A 1 99  ? -10.281 9.476   5.186   1.00 20.16 ? 120 ARG A NH2   1 
ATOM   777  N N     . ALA A 1 100 ? -6.770  3.054   2.744   1.00 9.52  ? 121 ALA A N     1 
ATOM   778  C CA    . ALA A 1 100 ? -5.408  2.611   2.465   1.00 9.96  ? 121 ALA A CA    1 
ATOM   779  C C     . ALA A 1 100 ? -5.425  1.431   1.504   1.00 9.07  ? 121 ALA A C     1 
ATOM   780  O O     . ALA A 1 100 ? -4.649  1.377   0.552   1.00 8.73  ? 121 ALA A O     1 
ATOM   781  C CB    . ALA A 1 100 ? -4.685  2.244   3.757   1.00 8.26  ? 121 ALA A CB    1 
ATOM   782  N N     . TYR A 1 101 ? -6.320  0.482   1.747   1.00 9.67  ? 122 TYR A N     1 
ATOM   783  C CA    . TYR A 1 101 ? -6.409  -0.692  0.884   1.00 11.00 ? 122 TYR A CA    1 
ATOM   784  C C     . TYR A 1 101 ? -6.824  -0.313  -0.537  1.00 11.20 ? 122 TYR A C     1 
ATOM   785  O O     . TYR A 1 101 ? -6.296  -0.836  -1.521  1.00 10.41 ? 122 TYR A O     1 
ATOM   786  C CB    . TYR A 1 101 ? -7.390  -1.696  1.478   1.00 11.50 ? 122 TYR A CB    1 
ATOM   787  C CG    . TYR A 1 101 ? -7.454  -3.009  0.750   1.00 11.28 ? 122 TYR A CG    1 
ATOM   788  C CD1   . TYR A 1 101 ? -8.460  -3.260  -0.176  1.00 16.62 ? 122 TYR A CD1   1 
ATOM   789  C CD2   . TYR A 1 101 ? -6.522  -4.010  1.002   1.00 15.32 ? 122 TYR A CD2   1 
ATOM   790  C CE1   . TYR A 1 101 ? -8.535  -4.467  -0.830  1.00 17.00 ? 122 TYR A CE1   1 
ATOM   791  C CE2   . TYR A 1 101 ? -6.589  -5.223  0.352   1.00 17.70 ? 122 TYR A CE2   1 
ATOM   792  C CZ    . TYR A 1 101 ? -7.601  -5.444  -0.567  1.00 22.93 ? 122 TYR A CZ    1 
ATOM   793  O OH    . TYR A 1 101 ? -7.679  -6.650  -1.227  1.00 21.82 ? 122 TYR A OH    1 
ATOM   794  N N     . SER A 1 102 ? -7.762  0.618   -0.646  1.00 9.93  ? 123 SER A N     1 
ATOM   795  C CA    . SER A 1 102 ? -8.182  1.098   -1.951  1.00 9.51  ? 123 SER A CA    1 
ATOM   796  C C     . SER A 1 102 ? -7.016  1.743   -2.707  1.00 17.85 ? 123 SER A C     1 
ATOM   797  O O     . SER A 1 102 ? -6.839  1.508   -3.904  1.00 13.09 ? 123 SER A O     1 
ATOM   798  C CB    . SER A 1 102 ? -9.367  2.059   -1.818  1.00 11.67 ? 123 SER A CB    1 
ATOM   799  O OG    . SER A 1 102 ? -9.733  2.574   -3.086  1.00 23.59 ? 123 SER A OG    1 
ATOM   800  N N     . ALA A 1 103 ? -6.202  2.525   -2.004  1.00 10.30 ? 124 ALA A N     1 
ATOM   801  C CA    . ALA A 1 103 ? -5.046  3.175   -2.626  1.00 10.09 ? 124 ALA A CA    1 
ATOM   802  C C     . ALA A 1 103 ? -4.031  2.124   -3.063  1.00 10.44 ? 124 ALA A C     1 
ATOM   803  O O     . ALA A 1 103 ? -3.438  2.220   -4.137  1.00 12.94 ? 124 ALA A O     1 
ATOM   804  C CB    . ALA A 1 103 ? -4.401  4.162   -1.658  1.00 11.21 ? 124 ALA A CB    1 
ATOM   805  N N     . PHE A 1 104 ? -3.837  1.123   -2.212  1.00 10.79 ? 125 PHE A N     1 
ATOM   806  C CA    . PHE A 1 104 ? -2.931  0.025   -2.506  1.00 12.98 ? 125 PHE A CA    1 
ATOM   807  C C     . PHE A 1 104 ? -3.331  -0.705  -3.784  1.00 12.75 ? 125 PHE A C     1 
ATOM   808  O O     . PHE A 1 104 ? -2.478  -1.209  -4.508  1.00 13.66 ? 125 PHE A O     1 
ATOM   809  C CB    . PHE A 1 104 ? -2.891  -0.969  -1.343  1.00 7.85  ? 125 PHE A CB    1 
ATOM   810  C CG    . PHE A 1 104 ? -2.106  -2.216  -1.654  1.00 15.35 ? 125 PHE A CG    1 
ATOM   811  C CD1   . PHE A 1 104 ? -2.752  -3.422  -1.880  1.00 21.44 ? 125 PHE A CD1   1 
ATOM   812  C CD2   . PHE A 1 104 ? -0.720  -2.173  -1.746  1.00 20.87 ? 125 PHE A CD2   1 
ATOM   813  C CE1   . PHE A 1 104 ? -2.032  -4.572  -2.187  1.00 30.30 ? 125 PHE A CE1   1 
ATOM   814  C CE2   . PHE A 1 104 ? 0.010   -3.318  -2.049  1.00 26.12 ? 125 PHE A CE2   1 
ATOM   815  C CZ    . PHE A 1 104 ? -0.647  -4.519  -2.272  1.00 31.55 ? 125 PHE A CZ    1 
ATOM   816  N N     . GLN A 1 105 ? -4.628  -0.773  -4.056  1.00 8.89  ? 126 GLN A N     1 
ATOM   817  C CA    . GLN A 1 105 ? -5.095  -1.494  -5.238  1.00 14.23 ? 126 GLN A CA    1 
ATOM   818  C C     . GLN A 1 105 ? -4.524  -0.894  -6.526  1.00 15.91 ? 126 GLN A C     1 
ATOM   819  O O     . GLN A 1 105 ? -4.385  -1.586  -7.535  1.00 11.76 ? 126 GLN A O     1 
ATOM   820  C CB    A GLN A 1 105 ? -6.623  -1.602  -5.256  0.65 16.27 ? 126 GLN A CB    1 
ATOM   821  C CB    B GLN A 1 105 ? -6.624  -1.446  -5.332  0.35 16.10 ? 126 GLN A CB    1 
ATOM   822  C CG    A GLN A 1 105 ? -7.166  -2.453  -4.098  0.65 14.06 ? 126 GLN A CG    1 
ATOM   823  C CG    B GLN A 1 105 ? -7.394  -1.922  -4.107  0.35 16.08 ? 126 GLN A CG    1 
ATOM   824  C CD    A GLN A 1 105 ? -6.609  -3.869  -4.097  0.65 17.30 ? 126 GLN A CD    1 
ATOM   825  C CD    B GLN A 1 105 ? -8.885  -1.695  -4.270  0.35 15.20 ? 126 GLN A CD    1 
ATOM   826  O OE1   A GLN A 1 105 ? -6.326  -4.442  -3.040  0.65 24.14 ? 126 GLN A OE1   1 
ATOM   827  O OE1   B GLN A 1 105 ? -9.336  -1.263  -5.329  0.35 21.63 ? 126 GLN A OE1   1 
ATOM   828  N NE2   A GLN A 1 105 ? -6.439  -4.437  -5.283  0.65 14.35 ? 126 GLN A NE2   1 
ATOM   829  N NE2   B GLN A 1 105 ? -9.657  -1.975  -3.226  0.35 24.28 ? 126 GLN A NE2   1 
ATOM   830  N N     . CYS A 1 106 ? -4.190  0.391   -6.488  1.00 13.11 ? 127 CYS A N     1 
ATOM   831  C CA    . CYS A 1 106 ? -3.587  1.048   -7.652  1.00 14.35 ? 127 CYS A CA    1 
ATOM   832  C C     . CYS A 1 106 ? -2.175  0.528   -7.939  1.00 16.61 ? 127 CYS A C     1 
ATOM   833  O O     . CYS A 1 106 ? -1.720  0.570   -9.079  1.00 19.78 ? 127 CYS A O     1 
ATOM   834  C CB    . CYS A 1 106 ? -3.546  2.575   -7.473  1.00 11.35 ? 127 CYS A CB    1 
ATOM   835  S SG    . CYS A 1 106 ? -5.129  3.439   -7.745  1.00 11.68 ? 127 CYS A SG    1 
ATOM   836  N N     . LEU A 1 107 ? -1.487  0.051   -6.900  1.00 10.54 ? 128 LEU A N     1 
ATOM   837  C CA    . LEU A 1 107 ? -0.103  -0.409  -7.023  1.00 14.43 ? 128 LEU A CA    1 
ATOM   838  C C     . LEU A 1 107 ? 0.009   -1.930  -7.068  1.00 25.03 ? 128 LEU A C     1 
ATOM   839  O O     . LEU A 1 107 ? 1.059   -2.475  -7.410  1.00 19.92 ? 128 LEU A O     1 
ATOM   840  C CB    . LEU A 1 107 ? 0.739   0.115   -5.855  1.00 14.52 ? 128 LEU A CB    1 
ATOM   841  C CG    . LEU A 1 107 ? 1.237   1.564   -5.870  1.00 19.86 ? 128 LEU A CG    1 
ATOM   842  C CD1   . LEU A 1 107 ? 2.365   1.725   -6.874  1.00 25.07 ? 128 LEU A CD1   1 
ATOM   843  C CD2   . LEU A 1 107 ? 0.115   2.536   -6.163  1.00 21.21 ? 128 LEU A CD2   1 
ATOM   844  N N     . ARG A 1 108 ? -1.070  -2.620  -6.720  1.00 25.87 ? 129 ARG A N     1 
ATOM   845  C CA    . ARG A 1 108 ? -1.012  -4.078  -6.613  1.00 26.10 ? 129 ARG A CA    1 
ATOM   846  C C     . ARG A 1 108 ? -0.365  -4.749  -7.833  1.00 25.47 ? 129 ARG A C     1 
ATOM   847  O O     . ARG A 1 108 ? 0.475   -5.632  -7.672  1.00 36.65 ? 129 ARG A O     1 
ATOM   848  C CB    . ARG A 1 108 ? -2.394  -4.676  -6.311  1.00 23.15 ? 129 ARG A CB    1 
ATOM   849  C CG    . ARG A 1 108 ? -2.335  -6.127  -5.826  1.00 28.79 ? 129 ARG A CG    1 
ATOM   850  C CD    . ARG A 1 108 ? -3.719  -6.686  -5.529  1.00 34.13 ? 129 ARG A CD    1 
ATOM   851  N NE    . ARG A 1 108 ? -4.641  -6.451  -6.638  1.00 31.19 ? 129 ARG A NE    1 
ATOM   852  C CZ    . ARG A 1 108 ? -4.717  -7.214  -7.724  1.00 42.71 ? 129 ARG A CZ    1 
ATOM   853  N NH1   . ARG A 1 108 ? -5.585  -6.914  -8.684  1.00 38.46 ? 129 ARG A NH1   1 
ATOM   854  N NH2   . ARG A 1 108 ? -3.928  -8.275  -7.852  1.00 25.65 ? 129 ARG A NH2   1 
ATOM   855  N N     . GLU A 1 109 ? -0.719  -4.328  -9.045  1.00 22.11 ? 130 GLU A N     1 
ATOM   856  C CA    . GLU A 1 109 ? -0.163  -4.987  -10.229 1.00 29.29 ? 130 GLU A CA    1 
ATOM   857  C C     . GLU A 1 109 ? 1.336   -4.772  -10.358 1.00 35.40 ? 130 GLU A C     1 
ATOM   858  O O     . GLU A 1 109 ? 2.068   -5.689  -10.722 1.00 30.31 ? 130 GLU A O     1 
ATOM   859  C CB    . GLU A 1 109 ? -0.834  -4.532  -11.521 1.00 28.16 ? 130 GLU A CB    1 
ATOM   860  C CG    . GLU A 1 109 ? -2.341  -4.486  -11.472 1.00 43.66 ? 130 GLU A CG    1 
ATOM   861  C CD    . GLU A 1 109 ? -2.834  -3.125  -11.049 1.00 38.07 ? 130 GLU A CD    1 
ATOM   862  O OE1   . GLU A 1 109 ? -3.053  -2.291  -11.948 1.00 29.77 ? 130 GLU A OE1   1 
ATOM   863  O OE2   . GLU A 1 109 ? -2.969  -2.882  -9.826  1.00 34.52 ? 130 GLU A OE2   1 
ATOM   864  N N     . ASP A 1 110 ? 1.791   -3.553  -10.084 1.00 25.49 ? 131 ASP A N     1 
ATOM   865  C CA    . ASP A 1 110 ? 3.216   -3.267  -10.137 1.00 23.10 ? 131 ASP A CA    1 
ATOM   866  C C     . ASP A 1 110 ? 3.966   -4.230  -9.232  1.00 22.57 ? 131 ASP A C     1 
ATOM   867  O O     . ASP A 1 110 ? 5.014   -4.761  -9.602  1.00 28.67 ? 131 ASP A O     1 
ATOM   868  C CB    . ASP A 1 110 ? 3.496   -1.829  -9.709  1.00 20.40 ? 131 ASP A CB    1 
ATOM   869  C CG    . ASP A 1 110 ? 2.768   -0.816  -10.562 1.00 23.14 ? 131 ASP A CG    1 
ATOM   870  O OD1   . ASP A 1 110 ? 3.373   -0.316  -11.529 1.00 19.06 ? 131 ASP A OD1   1 
ATOM   871  O OD2   . ASP A 1 110 ? 1.585   -0.531  -10.269 1.00 27.98 ? 131 ASP A OD2   1 
ATOM   872  N N     . TYR A 1 111 ? 3.430   -4.453  -8.038  1.00 20.13 ? 132 TYR A N     1 
ATOM   873  C CA    . TYR A 1 111 ? 4.094   -5.318  -7.075  1.00 29.75 ? 132 TYR A CA    1 
ATOM   874  C C     . TYR A 1 111 ? 4.079   -6.765  -7.550  1.00 33.43 ? 132 TYR A C     1 
ATOM   875  O O     . TYR A 1 111 ? 5.054   -7.496  -7.371  1.00 33.49 ? 132 TYR A O     1 
ATOM   876  C CB    . TYR A 1 111 ? 3.482   -5.173  -5.671  1.00 24.05 ? 132 TYR A CB    1 
ATOM   877  C CG    . TYR A 1 111 ? 4.039   -3.981  -4.919  1.00 21.27 ? 132 TYR A CG    1 
ATOM   878  C CD1   . TYR A 1 111 ? 5.351   -3.983  -4.465  1.00 21.42 ? 132 TYR A CD1   1 
ATOM   879  C CD2   . TYR A 1 111 ? 3.266   -2.847  -4.685  1.00 17.85 ? 132 TYR A CD2   1 
ATOM   880  C CE1   . TYR A 1 111 ? 5.881   -2.903  -3.801  1.00 19.59 ? 132 TYR A CE1   1 
ATOM   881  C CE2   . TYR A 1 111 ? 3.794   -1.752  -4.014  1.00 18.76 ? 132 TYR A CE2   1 
ATOM   882  C CZ    . TYR A 1 111 ? 5.105   -1.793  -3.574  1.00 19.41 ? 132 TYR A CZ    1 
ATOM   883  O OH    . TYR A 1 111 ? 5.656   -0.730  -2.898  1.00 20.07 ? 132 TYR A OH    1 
ATOM   884  N N     . GLU A 1 112 ? 2.980   -7.170  -8.173  1.00 28.89 ? 133 GLU A N     1 
ATOM   885  C CA    . GLU A 1 112 ? 2.872   -8.526  -8.699  1.00 37.36 ? 133 GLU A CA    1 
ATOM   886  C C     . GLU A 1 112 ? 3.853   -8.773  -9.846  1.00 35.41 ? 133 GLU A C     1 
ATOM   887  O O     . GLU A 1 112 ? 4.521   -9.805  -9.876  1.00 42.24 ? 133 GLU A O     1 
ATOM   888  C CB    . GLU A 1 112 ? 1.425   -8.843  -9.101  1.00 34.57 ? 133 GLU A CB    1 
ATOM   889  C CG    . GLU A 1 112 ? 0.499   -8.939  -7.898  1.00 33.92 ? 133 GLU A CG    1 
ATOM   890  C CD    . GLU A 1 112 ? -0.868  -9.518  -8.223  1.00 40.39 ? 133 GLU A CD    1 
ATOM   891  O OE1   . GLU A 1 112 ? -1.068  -10.002 -9.356  1.00 39.57 ? 133 GLU A OE1   1 
ATOM   892  O OE2   . GLU A 1 112 ? -1.743  -9.490  -7.333  1.00 30.82 ? 133 GLU A OE2   1 
ATOM   893  N N     . MET A 1 113 ? 3.954   -7.822  -10.771 1.00 30.24 ? 134 MET A N     1 
ATOM   894  C CA    . MET A 1 113 ? 4.911   -7.925  -11.875 1.00 32.44 ? 134 MET A CA    1 
ATOM   895  C C     . MET A 1 113 ? 6.349   -8.002  -11.358 1.00 38.74 ? 134 MET A C     1 
ATOM   896  O O     . MET A 1 113 ? 7.170   -8.757  -11.878 1.00 32.37 ? 134 MET A O     1 
ATOM   897  C CB    . MET A 1 113 ? 4.763   -6.749  -12.853 1.00 30.24 ? 134 MET A CB    1 
ATOM   898  C CG    . MET A 1 113 ? 5.691   -6.837  -14.069 1.00 34.47 ? 134 MET A CG    1 
ATOM   899  S SD    . MET A 1 113 ? 5.414   -5.591  -15.361 1.00 54.06 ? 134 MET A SD    1 
ATOM   900  C CE    . MET A 1 113 ? 6.377   -4.212  -14.752 1.00 37.21 ? 134 MET A CE    1 
ATOM   901  N N     . TYR A 1 114 ? 6.646   -7.207  -10.336 1.00 26.34 ? 135 TYR A N     1 
ATOM   902  C CA    . TYR A 1 114 ? 7.960   -7.205  -9.705  1.00 30.61 ? 135 TYR A CA    1 
ATOM   903  C C     . TYR A 1 114 ? 8.228   -8.530  -8.999  1.00 37.72 ? 135 TYR A C     1 
ATOM   904  O O     . TYR A 1 114 ? 9.320   -9.088  -9.095  1.00 37.33 ? 135 TYR A O     1 
ATOM   905  C CB    . TYR A 1 114 ? 8.048   -6.047  -8.710  1.00 22.96 ? 135 TYR A CB    1 
ATOM   906  C CG    . TYR A 1 114 ? 9.291   -6.031  -7.852  1.00 29.64 ? 135 TYR A CG    1 
ATOM   907  C CD1   . TYR A 1 114 ? 10.560  -5.986  -8.424  1.00 27.11 ? 135 TYR A CD1   1 
ATOM   908  C CD2   . TYR A 1 114 ? 9.198   -6.031  -6.467  1.00 24.39 ? 135 TYR A CD2   1 
ATOM   909  C CE1   . TYR A 1 114 ? 11.698  -5.955  -7.634  1.00 30.64 ? 135 TYR A CE1   1 
ATOM   910  C CE2   . TYR A 1 114 ? 10.332  -6.001  -5.671  1.00 27.56 ? 135 TYR A CE2   1 
ATOM   911  C CZ    . TYR A 1 114 ? 11.576  -5.965  -6.257  1.00 27.99 ? 135 TYR A CZ    1 
ATOM   912  O OH    . TYR A 1 114 ? 12.698  -5.937  -5.460  1.00 38.09 ? 135 TYR A OH    1 
ATOM   913  N N     . GLN A 1 115 ? 7.224   -9.024  -8.284  1.00 35.22 ? 136 GLN A N     1 
ATOM   914  C CA    . GLN A 1 115 ? 7.325   -10.295 -7.578  1.00 45.96 ? 136 GLN A CA    1 
ATOM   915  C C     . GLN A 1 115 ? 7.274   -11.460 -8.567  1.00 50.59 ? 136 GLN A C     1 
ATOM   916  O O     . GLN A 1 115 ? 7.562   -12.604 -8.212  1.00 50.43 ? 136 GLN A O     1 
ATOM   917  C CB    . GLN A 1 115 ? 6.202   -10.416 -6.542  1.00 29.46 ? 136 GLN A CB    1 
ATOM   918  C CG    . GLN A 1 115 ? 6.365   -9.479  -5.350  1.00 48.07 ? 136 GLN A CG    1 
ATOM   919  C CD    . GLN A 1 115 ? 5.034   -9.002  -4.781  1.00 53.31 ? 136 GLN A CD    1 
ATOM   920  O OE1   . GLN A 1 115 ? 3.965   -9.316  -5.312  1.00 50.65 ? 136 GLN A OE1   1 
ATOM   921  N NE2   . GLN A 1 115 ? 5.098   -8.230  -3.700  1.00 44.45 ? 136 GLN A NE2   1 
ATOM   922  N N     . ASN A 1 116 ? 6.908   -11.151 -9.809  1.00 46.52 ? 137 ASN A N     1 
ATOM   923  C CA    . ASN A 1 116 ? 6.836   -12.140 -10.884 1.00 48.56 ? 137 ASN A CA    1 
ATOM   924  C C     . ASN A 1 116 ? 5.700   -13.142 -10.698 1.00 60.38 ? 137 ASN A C     1 
ATOM   925  O O     . ASN A 1 116 ? 4.656   -13.039 -11.347 1.00 49.47 ? 137 ASN A O     1 
ATOM   926  C CB    . ASN A 1 116 ? 8.178   -12.864 -11.057 1.00 57.18 ? 137 ASN A CB    1 
ATOM   927  C CG    . ASN A 1 116 ? 9.265   -11.957 -11.618 1.00 59.74 ? 137 ASN A CG    1 
ATOM   928  O OD1   . ASN A 1 116 ? 9.003   -11.107 -12.472 1.00 59.27 ? 137 ASN A OD1   1 
ATOM   929  N ND2   . ASN A 1 116 ? 10.496  -12.139 -11.142 1.00 49.21 ? 137 ASN A ND2   1 
ATOM   930  N N     . GLU A 1 132 ? 10.287  12.584  -2.258  1.00 41.94 ? 153 GLU A N     1 
ATOM   931  C CA    . GLU A 1 132 ? 8.914   12.132  -2.045  1.00 37.17 ? 153 GLU A CA    1 
ATOM   932  C C     . GLU A 1 132 ? 7.984   12.592  -3.158  1.00 36.64 ? 153 GLU A C     1 
ATOM   933  O O     . GLU A 1 132 ? 8.019   13.752  -3.578  1.00 44.06 ? 153 GLU A O     1 
ATOM   934  C CB    . GLU A 1 132 ? 8.367   12.624  -0.701  1.00 37.34 ? 153 GLU A CB    1 
ATOM   935  C CG    . GLU A 1 132 ? 9.131   12.134  0.513   1.00 45.69 ? 153 GLU A CG    1 
ATOM   936  C CD    . GLU A 1 132 ? 10.322  13.012  0.836   1.00 57.55 ? 153 GLU A CD    1 
ATOM   937  O OE1   . GLU A 1 132 ? 10.431  14.109  0.244   1.00 57.38 ? 153 GLU A OE1   1 
ATOM   938  O OE2   . GLU A 1 132 ? 11.144  12.604  1.685   1.00 55.03 ? 153 GLU A OE2   1 
ATOM   939  N N     . LEU A 1 133 ? 7.152   11.672  -3.635  1.00 26.87 ? 154 LEU A N     1 
ATOM   940  C CA    . LEU A 1 133 ? 6.118   12.009  -4.599  1.00 30.59 ? 154 LEU A CA    1 
ATOM   941  C C     . LEU A 1 133 ? 4.739   11.615  -4.069  1.00 27.88 ? 154 LEU A C     1 
ATOM   942  O O     . LEU A 1 133 ? 4.058   10.753  -4.625  1.00 16.69 ? 154 LEU A O     1 
ATOM   943  C CB    . LEU A 1 133 ? 6.417   11.382  -5.965  1.00 25.02 ? 154 LEU A CB    1 
ATOM   944  C CG    . LEU A 1 133 ? 7.585   12.089  -6.669  1.00 30.24 ? 154 LEU A CG    1 
ATOM   945  C CD1   . LEU A 1 133 ? 7.957   11.417  -7.986  1.00 28.19 ? 154 LEU A CD1   1 
ATOM   946  C CD2   . LEU A 1 133 ? 7.277   13.569  -6.885  1.00 36.83 ? 154 LEU A CD2   1 
ATOM   947  N N     . TRP A 1 134 ? 4.340   12.261  -2.978  1.00 28.75 ? 155 TRP A N     1 
ATOM   948  C CA    . TRP A 1 134 ? 3.022   12.032  -2.401  1.00 20.50 ? 155 TRP A CA    1 
ATOM   949  C C     . TRP A 1 134 ? 1.939   12.365  -3.424  1.00 36.17 ? 155 TRP A C     1 
ATOM   950  O O     . TRP A 1 134 ? 1.981   13.414  -4.074  1.00 30.16 ? 155 TRP A O     1 
ATOM   951  C CB    . TRP A 1 134 ? 2.846   12.832  -1.109  1.00 23.61 ? 155 TRP A CB    1 
ATOM   952  C CG    . TRP A 1 134 ? 3.847   12.429  -0.042  1.00 30.68 ? 155 TRP A CG    1 
ATOM   953  C CD1   . TRP A 1 134 ? 4.994   13.095  0.308   1.00 33.83 ? 155 TRP A CD1   1 
ATOM   954  C CD2   . TRP A 1 134 ? 3.801   11.253  0.781   1.00 19.94 ? 155 TRP A CD2   1 
ATOM   955  N NE1   . TRP A 1 134 ? 5.654   12.409  1.309   1.00 32.80 ? 155 TRP A NE1   1 
ATOM   956  C CE2   . TRP A 1 134 ? 4.943   11.277  1.616   1.00 28.43 ? 155 TRP A CE2   1 
ATOM   957  C CE3   . TRP A 1 134 ? 2.904   10.184  0.896   1.00 19.92 ? 155 TRP A CE3   1 
ATOM   958  C CZ2   . TRP A 1 134 ? 5.209   10.273  2.550   1.00 17.07 ? 155 TRP A CZ2   1 
ATOM   959  C CZ3   . TRP A 1 134 ? 3.167   9.190   1.829   1.00 18.48 ? 155 TRP A CZ3   1 
ATOM   960  C CH2   . TRP A 1 134 ? 4.315   9.240   2.638   1.00 20.74 ? 155 TRP A CH2   1 
ATOM   961  N N     . SER A 1 135 ? 0.984   11.450  -3.574  1.00 28.22 ? 156 SER A N     1 
ATOM   962  C CA    . SER A 1 135 ? -0.062  11.579  -4.580  1.00 28.57 ? 156 SER A CA    1 
ATOM   963  C C     . SER A 1 135 ? -1.114  12.605  -4.166  1.00 45.81 ? 156 SER A C     1 
ATOM   964  O O     . SER A 1 135 ? -1.887  13.088  -4.997  1.00 49.60 ? 156 SER A O     1 
ATOM   965  C CB    . SER A 1 135 ? -0.718  10.218  -4.832  1.00 30.00 ? 156 SER A CB    1 
ATOM   966  O OG    . SER A 1 135 ? -1.200  9.650   -3.621  1.00 27.08 ? 156 SER A OG    1 
ATOM   967  N N     . HIS A 1 136 ? -1.139  12.929  -2.876  1.00 36.64 ? 157 HIS A N     1 
ATOM   968  C CA    . HIS A 1 136 ? -2.072  13.919  -2.347  1.00 40.76 ? 157 HIS A CA    1 
ATOM   969  C C     . HIS A 1 136 ? -1.310  14.959  -1.516  1.00 41.21 ? 157 HIS A C     1 
ATOM   970  O O     . HIS A 1 136 ? -1.514  15.061  -0.310  1.00 42.43 ? 157 HIS A O     1 
ATOM   971  C CB    . HIS A 1 136 ? -3.148  13.238  -1.489  1.00 37.85 ? 157 HIS A CB    1 
ATOM   972  C CG    . HIS A 1 136 ? -4.084  12.351  -2.261  1.00 53.75 ? 157 HIS A CG    1 
ATOM   973  N ND1   . HIS A 1 136 ? -3.650  11.299  -3.045  1.00 41.39 ? 157 HIS A ND1   1 
ATOM   974  C CD2   . HIS A 1 136 ? -5.437  12.343  -2.341  1.00 53.13 ? 157 HIS A CD2   1 
ATOM   975  C CE1   . HIS A 1 136 ? -4.694  10.696  -3.588  1.00 39.73 ? 157 HIS A CE1   1 
ATOM   976  N NE2   . HIS A 1 136 ? -5.791  11.307  -3.174  1.00 34.26 ? 157 HIS A NE2   1 
ATOM   977  N N     . PRO A 1 137 ? -0.423  15.735  -2.166  1.00 55.32 ? 158 PRO A N     1 
ATOM   978  C CA    . PRO A 1 137 ? 0.445   16.690  -1.464  1.00 46.46 ? 158 PRO A CA    1 
ATOM   979  C C     . PRO A 1 137 ? -0.334  17.680  -0.599  1.00 54.19 ? 158 PRO A C     1 
ATOM   980  C CB    . PRO A 1 137 ? 1.141   17.433  -2.607  1.00 47.10 ? 158 PRO A CB    1 
ATOM   981  C CG    . PRO A 1 137 ? 1.089   16.500  -3.754  1.00 47.42 ? 158 PRO A CG    1 
ATOM   982  C CD    . PRO A 1 137 ? -0.215  15.778  -3.624  1.00 46.08 ? 158 PRO A CD    1 
HETATM 983  C "C1'" . HBX B 2 .   ? -1.621  1.481   1.805   1.00 20.88 ? 200 HBX A "C1'" 1 
HETATM 984  O "O1'" . HBX B 2 .   ? -1.320  1.177   2.950   1.00 35.75 ? 200 HBX A "O1'" 1 
HETATM 985  C C1    . HBX B 2 .   ? -0.587  1.363   0.760   1.00 15.85 ? 200 HBX A C1    1 
HETATM 986  C C2    . HBX B 2 .   ? -0.709  2.065   -0.437  1.00 15.66 ? 200 HBX A C2    1 
HETATM 987  C C3    . HBX B 2 .   ? 0.287   1.948   -1.398  1.00 19.12 ? 200 HBX A C3    1 
HETATM 988  C C4    . HBX B 2 .   ? 1.388   1.140   -1.156  1.00 16.98 ? 200 HBX A C4    1 
HETATM 989  C C5    . HBX B 2 .   ? 1.510   0.441   0.040   1.00 17.60 ? 200 HBX A C5    1 
HETATM 990  C C6    . HBX B 2 .   ? 0.518   0.553   1.001   1.00 17.21 ? 200 HBX A C6    1 
HETATM 991  N N     . NH4 C 3 .   ? 10.445  9.840   -17.070 1.00 14.78 ? 201 NH4 A N     1 
HETATM 992  N N     . NH4 D 3 .   ? -8.248  10.239  -4.341  1.00 13.55 ? 202 NH4 A N     1 
HETATM 993  N N     . NH4 E 3 .   ? 16.700  14.509  -10.153 1.00 13.34 ? 203 NH4 A N     1 
HETATM 994  N N     . NH4 F 3 .   ? -3.866  -0.069  10.316  1.00 10.28 ? 204 NH4 A N     1 
HETATM 995  N N     . NH4 G 3 .   ? 2.052   -12.580 14.897  1.00 26.56 ? 205 NH4 A N     1 
HETATM 996  N N     . NH4 H 3 .   ? 8.447   8.140   2.095   1.00 13.81 ? 206 NH4 A N     1 
HETATM 997  N N     . NH4 I 3 .   ? 19.963  6.983   -6.607  1.00 21.30 ? 207 NH4 A N     1 
HETATM 998  N N     . NH4 J 3 .   ? 16.943  9.981   -7.481  1.00 20.22 ? 208 NH4 A N     1 
HETATM 999  N N     . NH4 K 3 .   ? 4.882   6.725   8.205   1.00 23.00 ? 209 NH4 A N     1 
HETATM 1000 O O     . HOH L 4 .   ? -1.055  8.863   8.125   1.00 14.76 ? 210 HOH A O     1 
HETATM 1001 O O     . HOH L 4 .   ? 10.024  11.539  -10.995 1.00 19.20 ? 211 HOH A O     1 
HETATM 1002 O O     . HOH L 4 .   ? 11.447  10.792  -14.704 1.00 15.90 ? 212 HOH A O     1 
HETATM 1003 O O     . HOH L 4 .   ? -1.885  12.032  -13.677 1.00 16.70 ? 213 HOH A O     1 
HETATM 1004 O O     . HOH L 4 .   ? 6.740   -3.643  -11.311 1.00 23.43 ? 214 HOH A O     1 
HETATM 1005 O O     . HOH L 4 .   ? 14.211  4.521   -15.444 1.00 29.09 ? 215 HOH A O     1 
HETATM 1006 O O     . HOH L 4 .   ? 14.929  1.870   -12.740 1.00 25.62 ? 216 HOH A O     1 
HETATM 1007 O O     . HOH L 4 .   ? -4.995  8.677   1.562   1.00 19.78 ? 217 HOH A O     1 
HETATM 1008 O O     . HOH L 4 .   ? -16.596 6.752   -2.110  1.00 25.43 ? 218 HOH A O     1 
HETATM 1009 O O     . HOH L 4 .   ? -15.438 3.820   4.583   1.00 21.76 ? 219 HOH A O     1 
HETATM 1010 O O     . HOH L 4 .   ? -5.656  -0.838  12.561  1.00 28.30 ? 220 HOH A O     1 
HETATM 1011 O O     . HOH L 4 .   ? 10.994  6.558   2.029   1.00 28.62 ? 221 HOH A O     1 
HETATM 1012 O O     . HOH L 4 .   ? -3.620  -19.267 3.892   1.00 38.67 ? 222 HOH A O     1 
HETATM 1013 O O     . HOH L 4 .   ? -8.119  10.354  -12.073 1.00 22.44 ? 223 HOH A O     1 
HETATM 1014 O O     . HOH L 4 .   ? 9.614   -0.926  -11.951 1.00 24.88 ? 224 HOH A O     1 
HETATM 1015 O O     . HOH L 4 .   ? 5.709   7.855   5.346   1.00 28.58 ? 225 HOH A O     1 
HETATM 1016 O O     . HOH L 4 .   ? -1.652  -9.611  18.648  1.00 25.20 ? 226 HOH A O     1 
HETATM 1017 O O     . HOH L 4 .   ? 3.229   -17.664 2.621   1.00 34.28 ? 227 HOH A O     1 
HETATM 1018 O O     . HOH L 4 .   ? 14.262  9.144   -2.630  1.00 28.33 ? 228 HOH A O     1 
HETATM 1019 O O     . HOH L 4 .   ? -9.736  12.355  -5.269  1.00 28.28 ? 229 HOH A O     1 
HETATM 1020 O O     . HOH L 4 .   ? 7.291   5.207   9.153   1.00 32.21 ? 230 HOH A O     1 
HETATM 1021 O O     . HOH L 4 .   ? -6.970  -2.780  14.803  1.00 30.52 ? 231 HOH A O     1 
HETATM 1022 O O     . HOH L 4 .   ? -11.185 -2.552  8.565   1.00 28.10 ? 232 HOH A O     1 
HETATM 1023 O O     . HOH L 4 .   ? -11.416 -0.399  9.844   1.00 30.90 ? 233 HOH A O     1 
HETATM 1024 O O     . HOH L 4 .   ? -8.396  -16.209 8.342   1.00 28.74 ? 234 HOH A O     1 
HETATM 1025 O O     . HOH L 4 .   ? -11.132 4.690   10.153  1.00 24.82 ? 235 HOH A O     1 
HETATM 1026 O O     . HOH L 4 .   ? 10.837  2.600   -0.318  1.00 29.03 ? 236 HOH A O     1 
HETATM 1027 O O     . HOH L 4 .   ? -16.785 6.331   3.233   1.00 25.14 ? 237 HOH A O     1 
HETATM 1028 O O     . HOH L 4 .   ? 10.013  5.244   -19.143 1.00 29.77 ? 238 HOH A O     1 
HETATM 1029 O O     . HOH L 4 .   ? -3.499  -9.273  -3.372  1.00 29.55 ? 239 HOH A O     1 
HETATM 1030 O O     . HOH L 4 .   ? 8.884   12.660  -13.171 1.00 27.20 ? 240 HOH A O     1 
HETATM 1031 O O     . HOH L 4 .   ? 10.462  7.272   8.365   1.00 35.75 ? 241 HOH A O     1 
HETATM 1032 O O     . HOH L 4 .   ? 2.985   1.205   -14.438 1.00 22.67 ? 242 HOH A O     1 
HETATM 1033 O O     . HOH L 4 .   ? -3.773  -0.366  14.528  1.00 37.17 ? 243 HOH A O     1 
HETATM 1034 O O     . HOH L 4 .   ? 5.412   15.138  -3.006  1.00 32.42 ? 244 HOH A O     1 
HETATM 1035 O O     . HOH L 4 .   ? -0.194  -16.296 13.505  1.00 30.81 ? 245 HOH A O     1 
HETATM 1036 O O     . HOH L 4 .   ? -1.509  -11.745 20.231  1.00 31.27 ? 246 HOH A O     1 
HETATM 1037 O O     . HOH L 4 .   ? -6.022  5.806   5.201   1.00 9.21  ? 247 HOH A O     1 
HETATM 1038 O O     . HOH L 4 .   ? 17.224  1.687   -10.819 1.00 25.59 ? 248 HOH A O     1 
HETATM 1039 O O     . HOH L 4 .   ? 3.709   14.776  -20.127 1.00 40.65 ? 249 HOH A O     1 
HETATM 1040 O O     . HOH L 4 .   ? -12.197 -1.992  6.194   1.00 29.61 ? 250 HOH A O     1 
HETATM 1041 O O     . HOH L 4 .   ? 9.049   -3.619  13.611  1.00 25.52 ? 251 HOH A O     1 
HETATM 1042 O O     . HOH L 4 .   ? 2.882   7.801   6.750   1.00 26.03 ? 252 HOH A O     1 
HETATM 1043 O O     . HOH L 4 .   ? -6.699  12.018  -14.196 1.00 38.02 ? 253 HOH A O     1 
HETATM 1044 O O     . HOH L 4 .   ? -9.869  -12.839 3.987   1.00 29.45 ? 254 HOH A O     1 
HETATM 1045 O O     . HOH L 4 .   ? 10.469  2.116   7.488   1.00 36.10 ? 255 HOH A O     1 
HETATM 1046 O O     . HOH L 4 .   ? -5.135  -6.876  -2.742  1.00 36.54 ? 256 HOH A O     1 
HETATM 1047 O O     . HOH L 4 .   ? -8.444  -5.017  12.174  1.00 24.26 ? 257 HOH A O     1 
HETATM 1048 O O     . HOH L 4 .   ? 8.060   8.688   5.347   1.00 34.36 ? 258 HOH A O     1 
HETATM 1049 O O     . HOH L 4 .   ? 19.206  9.082   -8.241  1.00 30.25 ? 259 HOH A O     1 
HETATM 1050 O O     . HOH L 4 .   ? -4.087  12.613  -12.346 1.00 38.18 ? 260 HOH A O     1 
HETATM 1051 O O     . HOH L 4 .   ? 11.179  11.758  -8.609  1.00 33.82 ? 261 HOH A O     1 
HETATM 1052 O O     . HOH L 4 .   ? -14.913 5.633   -4.200  1.00 31.82 ? 262 HOH A O     1 
HETATM 1053 O O     . HOH L 4 .   ? 9.619   -3.534  -10.719 1.00 32.35 ? 263 HOH A O     1 
HETATM 1054 O O     . HOH L 4 .   ? 12.150  3.890   8.168   1.00 31.10 ? 264 HOH A O     1 
HETATM 1055 O O     . HOH L 4 .   ? -10.898 -0.681  -0.180  1.00 26.85 ? 265 HOH A O     1 
HETATM 1056 O O     . HOH L 4 .   ? -8.576  -0.596  -8.658  1.00 34.94 ? 266 HOH A O     1 
HETATM 1057 O O     . HOH L 4 .   ? -1.629  0.024   12.355  1.00 33.02 ? 267 HOH A O     1 
HETATM 1058 O O     . HOH L 4 .   ? 1.330   -18.408 9.352   1.00 30.04 ? 268 HOH A O     1 
HETATM 1059 O O     . HOH L 4 .   ? 11.861  -3.958  -2.197  1.00 33.51 ? 269 HOH A O     1 
HETATM 1060 O O     . HOH L 4 .   ? 16.188  8.138   -5.514  1.00 31.24 ? 270 HOH A O     1 
HETATM 1061 O O     . HOH L 4 .   ? -9.127  17.182  -2.662  1.00 37.32 ? 271 HOH A O     1 
HETATM 1062 O O     . HOH L 4 .   ? 10.525  9.110   -1.351  1.00 21.24 ? 272 HOH A O     1 
HETATM 1063 O O     . HOH L 4 .   ? 8.249   -14.661 12.313  1.00 38.08 ? 273 HOH A O     1 
HETATM 1064 O O     . HOH L 4 .   ? -1.097  -8.701  -4.135  1.00 33.78 ? 274 HOH A O     1 
HETATM 1065 O O     . HOH L 4 .   ? -4.640  12.748  -15.218 0.50 37.35 ? 275 HOH A O     1 
HETATM 1066 O O     . HOH L 4 .   ? 3.953   -2.165  12.980  1.00 26.54 ? 276 HOH A O     1 
HETATM 1067 O O     . HOH L 4 .   ? 7.324   2.957   -15.730 1.00 27.21 ? 277 HOH A O     1 
HETATM 1068 O O     . HOH L 4 .   ? 4.580   2.797   -15.782 1.00 26.66 ? 278 HOH A O     1 
HETATM 1069 O O     . HOH L 4 .   ? -0.196  18.058  8.070   1.00 27.45 ? 279 HOH A O     1 
HETATM 1070 O O     . HOH L 4 .   ? -12.066 9.067   9.029   1.00 31.60 ? 280 HOH A O     1 
HETATM 1071 O O     . HOH L 4 .   ? -17.591 10.434  2.812   1.00 31.75 ? 281 HOH A O     1 
HETATM 1072 O O     . HOH L 4 .   ? 11.990  7.172   -0.769  1.00 33.90 ? 282 HOH A O     1 
HETATM 1073 O O     . HOH L 4 .   ? -6.610  -9.092  17.670  1.00 28.16 ? 283 HOH A O     1 
HETATM 1074 O O     . HOH L 4 .   ? -12.429 -2.803  -0.193  1.00 34.84 ? 284 HOH A O     1 
HETATM 1075 O O     . HOH L 4 .   ? -8.356  -15.428 3.831   1.00 39.90 ? 285 HOH A O     1 
HETATM 1076 O O     . HOH L 4 .   ? 10.202  -16.163 13.078  1.00 39.36 ? 286 HOH A O     1 
HETATM 1077 O O     . HOH L 4 .   ? -13.770 11.113  4.531   1.00 37.25 ? 287 HOH A O     1 
HETATM 1078 O O     . HOH L 4 .   ? -12.182 4.040   -3.965  1.00 30.66 ? 288 HOH A O     1 
HETATM 1079 O O     . HOH L 4 .   ? -11.226 -0.078  -4.739  1.00 40.37 ? 289 HOH A O     1 
HETATM 1080 O O     . HOH L 4 .   ? -17.351 8.603   12.548  1.00 41.22 ? 290 HOH A O     1 
HETATM 1081 O O     . HOH L 4 .   ? 13.096  -7.486  8.958   1.00 40.42 ? 291 HOH A O     1 
HETATM 1082 O O     . HOH L 4 .   ? -16.977 2.393   6.637   1.00 34.43 ? 292 HOH A O     1 
HETATM 1083 O O     . HOH L 4 .   ? -7.921  11.220  7.438   1.00 31.31 ? 293 HOH A O     1 
HETATM 1084 O O     . HOH L 4 .   ? -14.737 -5.511  3.653   1.00 34.87 ? 294 HOH A O     1 
HETATM 1085 O O     . HOH L 4 .   ? -12.209 1.739   -3.055  1.00 35.95 ? 295 HOH A O     1 
HETATM 1086 O O     . HOH L 4 .   ? -3.678  11.593  -6.476  1.00 39.18 ? 296 HOH A O     1 
HETATM 1087 O O     . HOH L 4 .   ? -5.028  -0.602  -10.864 1.00 37.86 ? 297 HOH A O     1 
HETATM 1088 O O     . HOH L 4 .   ? 4.162   12.767  -14.331 1.00 35.06 ? 298 HOH A O     1 
HETATM 1089 O O     . HOH L 4 .   ? 10.502  -1.893  14.957  1.00 32.49 ? 299 HOH A O     1 
HETATM 1090 O O     . HOH L 4 .   ? 5.587   -1.359  -12.402 1.00 36.66 ? 300 HOH A O     1 
HETATM 1091 O O     . HOH L 4 .   ? -14.519 -6.366  1.261   1.00 38.01 ? 301 HOH A O     1 
# 
